data_1QSR
# 
_entry.id   1QSR 
# 
_audit_conform.dict_name       mmcif_pdbx.dic 
_audit_conform.dict_version    5.386 
_audit_conform.dict_location   http://mmcif.pdb.org/dictionaries/ascii/mmcif_pdbx.dic 
# 
loop_
_database_2.database_id 
_database_2.database_code 
_database_2.pdbx_database_accession 
_database_2.pdbx_DOI 
PDB   1QSR         pdb_00001qsr 10.2210/pdb1qsr/pdb 
RCSB  RCSB009221   ?            ?                   
WWPDB D_1000009221 ?            ?                   
# 
loop_
_pdbx_audit_revision_history.ordinal 
_pdbx_audit_revision_history.data_content_type 
_pdbx_audit_revision_history.major_revision 
_pdbx_audit_revision_history.minor_revision 
_pdbx_audit_revision_history.revision_date 
1 'Structure model' 1 0 1999-09-08 
2 'Structure model' 1 1 2008-04-27 
3 'Structure model' 1 2 2011-07-13 
4 'Structure model' 2 0 2024-02-14 
# 
_pdbx_audit_revision_details.ordinal             1 
_pdbx_audit_revision_details.revision_ordinal    1 
_pdbx_audit_revision_details.data_content_type   'Structure model' 
_pdbx_audit_revision_details.provider            repository 
_pdbx_audit_revision_details.type                'Initial release' 
_pdbx_audit_revision_details.description         ? 
_pdbx_audit_revision_details.details             ? 
# 
loop_
_pdbx_audit_revision_group.ordinal 
_pdbx_audit_revision_group.revision_ordinal 
_pdbx_audit_revision_group.data_content_type 
_pdbx_audit_revision_group.group 
1 2 'Structure model' 'Version format compliance' 
2 3 'Structure model' 'Version format compliance' 
3 4 'Structure model' 'Atomic model'              
4 4 'Structure model' 'Data collection'           
5 4 'Structure model' 'Database references'       
6 4 'Structure model' 'Derived calculations'      
# 
loop_
_pdbx_audit_revision_category.ordinal 
_pdbx_audit_revision_category.revision_ordinal 
_pdbx_audit_revision_category.data_content_type 
_pdbx_audit_revision_category.category 
1 4 'Structure model' atom_site      
2 4 'Structure model' chem_comp_atom 
3 4 'Structure model' chem_comp_bond 
4 4 'Structure model' database_2     
5 4 'Structure model' struct_site    
# 
loop_
_pdbx_audit_revision_item.ordinal 
_pdbx_audit_revision_item.revision_ordinal 
_pdbx_audit_revision_item.data_content_type 
_pdbx_audit_revision_item.item 
1 4 'Structure model' '_atom_site.occupancy'                
2 4 'Structure model' '_database_2.pdbx_DOI'                
3 4 'Structure model' '_database_2.pdbx_database_accession' 
4 4 'Structure model' '_struct_site.pdbx_auth_asym_id'      
5 4 'Structure model' '_struct_site.pdbx_auth_comp_id'      
6 4 'Structure model' '_struct_site.pdbx_auth_seq_id'       
# 
_pdbx_database_status.status_code                     REL 
_pdbx_database_status.entry_id                        1QSR 
_pdbx_database_status.recvd_initial_deposition_date   1999-06-23 
_pdbx_database_status.deposit_site                    RCSB 
_pdbx_database_status.process_site                    RCSB 
_pdbx_database_status.SG_entry                        . 
_pdbx_database_status.pdb_format_compatible           Y 
_pdbx_database_status.status_code_mr                  ? 
_pdbx_database_status.status_code_sf                  ? 
_pdbx_database_status.status_code_cs                  ? 
_pdbx_database_status.status_code_nmr_data            ? 
_pdbx_database_status.methods_development_category    ? 
# 
loop_
_audit_author.name 
_audit_author.pdbx_ordinal 
'Rojas, J.R.'     1 
'Trievel, R.C.'   2 
'Zhou, J.'        3 
'Mo, Y.'          4 
'Li, X.'          5 
'Berger, S.L.'    6 
'David Allis, C.' 7 
'Marmorstein, R.' 8 
# 
_citation.id                        primary 
_citation.title                     'Structure of Tetrahymena GCN5 bound to coenzyme A and a histone H3 peptide.' 
_citation.journal_abbrev            Nature 
_citation.journal_volume            401 
_citation.page_first                93 
_citation.page_last                 98 
_citation.year                      1999 
_citation.journal_id_ASTM           NATUAS 
_citation.country                   UK 
_citation.journal_id_ISSN           0028-0836 
_citation.journal_id_CSD            0006 
_citation.book_publisher            ? 
_citation.pdbx_database_id_PubMed   10485713 
_citation.pdbx_database_id_DOI      10.1038/43487 
# 
loop_
_citation_author.citation_id 
_citation_author.name 
_citation_author.ordinal 
_citation_author.identifier_ORCID 
primary 'Rojas, J.R.'     1 ? 
primary 'Trievel, R.C.'   2 ? 
primary 'Zhou, J.'        3 ? 
primary 'Mo, Y.'          4 ? 
primary 'Li, X.'          5 ? 
primary 'Berger, S.L.'    6 ? 
primary 'Allis, C.D.'     7 ? 
primary 'Marmorstein, R.' 8 ? 
# 
loop_
_entity.id 
_entity.type 
_entity.src_method 
_entity.pdbx_description 
_entity.formula_weight 
_entity.pdbx_number_of_molecules 
_entity.pdbx_ec 
_entity.pdbx_mutation 
_entity.pdbx_fragment 
_entity.details 
1 polymer     man 'TGCN5 HISTONE ACETYL TRANSFERASE' 19344.500 1  2.3.1.- ? 'CATALYTIC DOMAIN' ? 
2 non-polymer syn 'ACETYL COENZYME *A'               809.571   1  ?       ? ?                  ? 
3 water       nat water                              18.015    72 ?       ? ?                  ? 
# 
_entity_poly.entity_id                      1 
_entity_poly.type                           'polypeptide(L)' 
_entity_poly.nstd_linkage                   no 
_entity_poly.nstd_monomer                   no 
_entity_poly.pdbx_seq_one_letter_code       
;LDFDILTNDGTHRNMKLLIDLKNIFSRQLPKMPKEYIVKLVFDRHHESMVILKNKQKVIGGICFRQYKPQRFAEVAFLAV
TANEQVRGYGTRLMNKFKDHMQKQNIEYLLTYADNFAIGYFKKQGFTKEHRMPQEKWKGYIKDYDGGTLMECYIHPYVDY
GR
;
_entity_poly.pdbx_seq_one_letter_code_can   
;LDFDILTNDGTHRNMKLLIDLKNIFSRQLPKMPKEYIVKLVFDRHHESMVILKNKQKVIGGICFRQYKPQRFAEVAFLAV
TANEQVRGYGTRLMNKFKDHMQKQNIEYLLTYADNFAIGYFKKQGFTKEHRMPQEKWKGYIKDYDGGTLMECYIHPYVDY
GR
;
_entity_poly.pdbx_strand_id                 A 
_entity_poly.pdbx_target_identifier         ? 
# 
loop_
_pdbx_entity_nonpoly.entity_id 
_pdbx_entity_nonpoly.name 
_pdbx_entity_nonpoly.comp_id 
2 'ACETYL COENZYME *A' ACO 
3 water                HOH 
# 
loop_
_entity_poly_seq.entity_id 
_entity_poly_seq.num 
_entity_poly_seq.mon_id 
_entity_poly_seq.hetero 
1 1   LEU n 
1 2   ASP n 
1 3   PHE n 
1 4   ASP n 
1 5   ILE n 
1 6   LEU n 
1 7   THR n 
1 8   ASN n 
1 9   ASP n 
1 10  GLY n 
1 11  THR n 
1 12  HIS n 
1 13  ARG n 
1 14  ASN n 
1 15  MET n 
1 16  LYS n 
1 17  LEU n 
1 18  LEU n 
1 19  ILE n 
1 20  ASP n 
1 21  LEU n 
1 22  LYS n 
1 23  ASN n 
1 24  ILE n 
1 25  PHE n 
1 26  SER n 
1 27  ARG n 
1 28  GLN n 
1 29  LEU n 
1 30  PRO n 
1 31  LYS n 
1 32  MET n 
1 33  PRO n 
1 34  LYS n 
1 35  GLU n 
1 36  TYR n 
1 37  ILE n 
1 38  VAL n 
1 39  LYS n 
1 40  LEU n 
1 41  VAL n 
1 42  PHE n 
1 43  ASP n 
1 44  ARG n 
1 45  HIS n 
1 46  HIS n 
1 47  GLU n 
1 48  SER n 
1 49  MET n 
1 50  VAL n 
1 51  ILE n 
1 52  LEU n 
1 53  LYS n 
1 54  ASN n 
1 55  LYS n 
1 56  GLN n 
1 57  LYS n 
1 58  VAL n 
1 59  ILE n 
1 60  GLY n 
1 61  GLY n 
1 62  ILE n 
1 63  CYS n 
1 64  PHE n 
1 65  ARG n 
1 66  GLN n 
1 67  TYR n 
1 68  LYS n 
1 69  PRO n 
1 70  GLN n 
1 71  ARG n 
1 72  PHE n 
1 73  ALA n 
1 74  GLU n 
1 75  VAL n 
1 76  ALA n 
1 77  PHE n 
1 78  LEU n 
1 79  ALA n 
1 80  VAL n 
1 81  THR n 
1 82  ALA n 
1 83  ASN n 
1 84  GLU n 
1 85  GLN n 
1 86  VAL n 
1 87  ARG n 
1 88  GLY n 
1 89  TYR n 
1 90  GLY n 
1 91  THR n 
1 92  ARG n 
1 93  LEU n 
1 94  MET n 
1 95  ASN n 
1 96  LYS n 
1 97  PHE n 
1 98  LYS n 
1 99  ASP n 
1 100 HIS n 
1 101 MET n 
1 102 GLN n 
1 103 LYS n 
1 104 GLN n 
1 105 ASN n 
1 106 ILE n 
1 107 GLU n 
1 108 TYR n 
1 109 LEU n 
1 110 LEU n 
1 111 THR n 
1 112 TYR n 
1 113 ALA n 
1 114 ASP n 
1 115 ASN n 
1 116 PHE n 
1 117 ALA n 
1 118 ILE n 
1 119 GLY n 
1 120 TYR n 
1 121 PHE n 
1 122 LYS n 
1 123 LYS n 
1 124 GLN n 
1 125 GLY n 
1 126 PHE n 
1 127 THR n 
1 128 LYS n 
1 129 GLU n 
1 130 HIS n 
1 131 ARG n 
1 132 MET n 
1 133 PRO n 
1 134 GLN n 
1 135 GLU n 
1 136 LYS n 
1 137 TRP n 
1 138 LYS n 
1 139 GLY n 
1 140 TYR n 
1 141 ILE n 
1 142 LYS n 
1 143 ASP n 
1 144 TYR n 
1 145 ASP n 
1 146 GLY n 
1 147 GLY n 
1 148 THR n 
1 149 LEU n 
1 150 MET n 
1 151 GLU n 
1 152 CYS n 
1 153 TYR n 
1 154 ILE n 
1 155 HIS n 
1 156 PRO n 
1 157 TYR n 
1 158 VAL n 
1 159 ASP n 
1 160 TYR n 
1 161 GLY n 
1 162 ARG n 
# 
_entity_src_gen.entity_id                          1 
_entity_src_gen.pdbx_src_id                        1 
_entity_src_gen.pdbx_alt_source_flag               sample 
_entity_src_gen.pdbx_seq_type                      ? 
_entity_src_gen.pdbx_beg_seq_num                   ? 
_entity_src_gen.pdbx_end_seq_num                   ? 
_entity_src_gen.gene_src_common_name               ? 
_entity_src_gen.gene_src_genus                     Tetrahymena 
_entity_src_gen.pdbx_gene_src_gene                 ? 
_entity_src_gen.gene_src_species                   ? 
_entity_src_gen.gene_src_strain                    ? 
_entity_src_gen.gene_src_tissue                    ? 
_entity_src_gen.gene_src_tissue_fraction           ? 
_entity_src_gen.gene_src_details                   ? 
_entity_src_gen.pdbx_gene_src_fragment             ? 
_entity_src_gen.pdbx_gene_src_scientific_name      'Tetrahymena thermophila' 
_entity_src_gen.pdbx_gene_src_ncbi_taxonomy_id     5911 
_entity_src_gen.pdbx_gene_src_variant              ? 
_entity_src_gen.pdbx_gene_src_cell_line            ? 
_entity_src_gen.pdbx_gene_src_atcc                 ? 
_entity_src_gen.pdbx_gene_src_organ                ? 
_entity_src_gen.pdbx_gene_src_organelle            ? 
_entity_src_gen.pdbx_gene_src_cell                 ? 
_entity_src_gen.pdbx_gene_src_cellular_location    ? 
_entity_src_gen.host_org_common_name               ? 
_entity_src_gen.pdbx_host_org_scientific_name      'Escherichia coli' 
_entity_src_gen.pdbx_host_org_ncbi_taxonomy_id     562 
_entity_src_gen.host_org_genus                     Escherichia 
_entity_src_gen.pdbx_host_org_gene                 ? 
_entity_src_gen.pdbx_host_org_organ                ? 
_entity_src_gen.host_org_species                   ? 
_entity_src_gen.pdbx_host_org_tissue               ? 
_entity_src_gen.pdbx_host_org_tissue_fraction      ? 
_entity_src_gen.pdbx_host_org_strain               ? 
_entity_src_gen.pdbx_host_org_variant              ? 
_entity_src_gen.pdbx_host_org_cell_line            ? 
_entity_src_gen.pdbx_host_org_atcc                 ? 
_entity_src_gen.pdbx_host_org_culture_collection   ? 
_entity_src_gen.pdbx_host_org_cell                 ? 
_entity_src_gen.pdbx_host_org_organelle            ? 
_entity_src_gen.pdbx_host_org_cellular_location    ? 
_entity_src_gen.pdbx_host_org_vector_type          ? 
_entity_src_gen.pdbx_host_org_vector               ? 
_entity_src_gen.host_org_details                   ? 
_entity_src_gen.expression_system_id               ? 
_entity_src_gen.plasmid_name                       'PRSET A' 
_entity_src_gen.plasmid_details                    ? 
_entity_src_gen.pdbx_description                   ? 
# 
loop_
_chem_comp.id 
_chem_comp.type 
_chem_comp.mon_nstd_flag 
_chem_comp.name 
_chem_comp.pdbx_synonyms 
_chem_comp.formula 
_chem_comp.formula_weight 
ACO non-polymer         . 'ACETYL COENZYME *A' ? 'C23 H38 N7 O17 P3 S' 809.571 
ALA 'L-peptide linking' y ALANINE              ? 'C3 H7 N O2'          89.093  
ARG 'L-peptide linking' y ARGININE             ? 'C6 H15 N4 O2 1'      175.209 
ASN 'L-peptide linking' y ASPARAGINE           ? 'C4 H8 N2 O3'         132.118 
ASP 'L-peptide linking' y 'ASPARTIC ACID'      ? 'C4 H7 N O4'          133.103 
CYS 'L-peptide linking' y CYSTEINE             ? 'C3 H7 N O2 S'        121.158 
GLN 'L-peptide linking' y GLUTAMINE            ? 'C5 H10 N2 O3'        146.144 
GLU 'L-peptide linking' y 'GLUTAMIC ACID'      ? 'C5 H9 N O4'          147.129 
GLY 'peptide linking'   y GLYCINE              ? 'C2 H5 N O2'          75.067  
HIS 'L-peptide linking' y HISTIDINE            ? 'C6 H10 N3 O2 1'      156.162 
HOH non-polymer         . WATER                ? 'H2 O'                18.015  
ILE 'L-peptide linking' y ISOLEUCINE           ? 'C6 H13 N O2'         131.173 
LEU 'L-peptide linking' y LEUCINE              ? 'C6 H13 N O2'         131.173 
LYS 'L-peptide linking' y LYSINE               ? 'C6 H15 N2 O2 1'      147.195 
MET 'L-peptide linking' y METHIONINE           ? 'C5 H11 N O2 S'       149.211 
PHE 'L-peptide linking' y PHENYLALANINE        ? 'C9 H11 N O2'         165.189 
PRO 'L-peptide linking' y PROLINE              ? 'C5 H9 N O2'          115.130 
SER 'L-peptide linking' y SERINE               ? 'C3 H7 N O3'          105.093 
THR 'L-peptide linking' y THREONINE            ? 'C4 H9 N O3'          119.119 
TRP 'L-peptide linking' y TRYPTOPHAN           ? 'C11 H12 N2 O2'       204.225 
TYR 'L-peptide linking' y TYROSINE             ? 'C9 H11 N O3'         181.189 
VAL 'L-peptide linking' y VALINE               ? 'C5 H11 N O2'         117.146 
# 
loop_
_pdbx_poly_seq_scheme.asym_id 
_pdbx_poly_seq_scheme.entity_id 
_pdbx_poly_seq_scheme.seq_id 
_pdbx_poly_seq_scheme.mon_id 
_pdbx_poly_seq_scheme.ndb_seq_num 
_pdbx_poly_seq_scheme.pdb_seq_num 
_pdbx_poly_seq_scheme.auth_seq_num 
_pdbx_poly_seq_scheme.pdb_mon_id 
_pdbx_poly_seq_scheme.auth_mon_id 
_pdbx_poly_seq_scheme.pdb_strand_id 
_pdbx_poly_seq_scheme.pdb_ins_code 
_pdbx_poly_seq_scheme.hetero 
A 1 1   LEU 1   49  49  LEU LEU A . n 
A 1 2   ASP 2   50  50  ASP ASP A . n 
A 1 3   PHE 3   51  51  PHE PHE A . n 
A 1 4   ASP 4   52  52  ASP ASP A . n 
A 1 5   ILE 5   53  53  ILE ILE A . n 
A 1 6   LEU 6   54  54  LEU LEU A . n 
A 1 7   THR 7   55  55  THR THR A . n 
A 1 8   ASN 8   56  56  ASN ASN A . n 
A 1 9   ASP 9   57  57  ASP ASP A . n 
A 1 10  GLY 10  58  58  GLY GLY A . n 
A 1 11  THR 11  59  59  THR THR A . n 
A 1 12  HIS 12  60  60  HIS HIS A . n 
A 1 13  ARG 13  61  61  ARG ARG A . n 
A 1 14  ASN 14  62  62  ASN ASN A . n 
A 1 15  MET 15  63  63  MET MET A . n 
A 1 16  LYS 16  64  64  LYS LYS A . n 
A 1 17  LEU 17  65  65  LEU LEU A . n 
A 1 18  LEU 18  66  66  LEU LEU A . n 
A 1 19  ILE 19  67  67  ILE ILE A . n 
A 1 20  ASP 20  68  68  ASP ASP A . n 
A 1 21  LEU 21  69  69  LEU LEU A . n 
A 1 22  LYS 22  70  70  LYS LYS A . n 
A 1 23  ASN 23  71  71  ASN ASN A . n 
A 1 24  ILE 24  72  72  ILE ILE A . n 
A 1 25  PHE 25  73  73  PHE PHE A . n 
A 1 26  SER 26  74  74  SER SER A . n 
A 1 27  ARG 27  75  75  ARG ARG A . n 
A 1 28  GLN 28  76  76  GLN GLN A . n 
A 1 29  LEU 29  77  77  LEU LEU A . n 
A 1 30  PRO 30  78  78  PRO PRO A . n 
A 1 31  LYS 31  79  79  LYS LYS A . n 
A 1 32  MET 32  80  80  MET MET A . n 
A 1 33  PRO 33  81  81  PRO PRO A . n 
A 1 34  LYS 34  82  82  LYS LYS A . n 
A 1 35  GLU 35  83  83  GLU GLU A . n 
A 1 36  TYR 36  84  84  TYR TYR A . n 
A 1 37  ILE 37  85  85  ILE ILE A . n 
A 1 38  VAL 38  86  86  VAL VAL A . n 
A 1 39  LYS 39  87  87  LYS LYS A . n 
A 1 40  LEU 40  88  88  LEU LEU A . n 
A 1 41  VAL 41  89  89  VAL VAL A . n 
A 1 42  PHE 42  90  90  PHE PHE A . n 
A 1 43  ASP 43  91  91  ASP ASP A . n 
A 1 44  ARG 44  92  92  ARG ARG A . n 
A 1 45  HIS 45  93  93  HIS HIS A . n 
A 1 46  HIS 46  94  94  HIS HIS A . n 
A 1 47  GLU 47  95  95  GLU GLU A . n 
A 1 48  SER 48  96  96  SER SER A . n 
A 1 49  MET 49  97  97  MET MET A . n 
A 1 50  VAL 50  98  98  VAL VAL A . n 
A 1 51  ILE 51  99  99  ILE ILE A . n 
A 1 52  LEU 52  100 100 LEU LEU A . n 
A 1 53  LYS 53  101 101 LYS LYS A . n 
A 1 54  ASN 54  102 102 ASN ASN A . n 
A 1 55  LYS 55  103 103 LYS LYS A . n 
A 1 56  GLN 56  104 104 GLN GLN A . n 
A 1 57  LYS 57  105 105 LYS LYS A . n 
A 1 58  VAL 58  106 106 VAL VAL A . n 
A 1 59  ILE 59  107 107 ILE ILE A . n 
A 1 60  GLY 60  108 108 GLY GLY A . n 
A 1 61  GLY 61  109 109 GLY GLY A . n 
A 1 62  ILE 62  110 110 ILE ILE A . n 
A 1 63  CYS 63  111 111 CYS CYS A . n 
A 1 64  PHE 64  112 112 PHE PHE A . n 
A 1 65  ARG 65  113 113 ARG ARG A . n 
A 1 66  GLN 66  114 114 GLN GLN A . n 
A 1 67  TYR 67  115 115 TYR TYR A . n 
A 1 68  LYS 68  116 116 LYS LYS A . n 
A 1 69  PRO 69  117 117 PRO PRO A . n 
A 1 70  GLN 70  118 118 GLN GLN A . n 
A 1 71  ARG 71  119 119 ARG ARG A . n 
A 1 72  PHE 72  120 120 PHE PHE A . n 
A 1 73  ALA 73  121 121 ALA ALA A . n 
A 1 74  GLU 74  122 122 GLU GLU A . n 
A 1 75  VAL 75  123 123 VAL VAL A . n 
A 1 76  ALA 76  124 124 ALA ALA A . n 
A 1 77  PHE 77  125 125 PHE PHE A . n 
A 1 78  LEU 78  126 126 LEU LEU A . n 
A 1 79  ALA 79  127 127 ALA ALA A . n 
A 1 80  VAL 80  128 128 VAL VAL A . n 
A 1 81  THR 81  129 129 THR THR A . n 
A 1 82  ALA 82  130 130 ALA ALA A . n 
A 1 83  ASN 83  131 131 ASN ASN A . n 
A 1 84  GLU 84  132 132 GLU GLU A . n 
A 1 85  GLN 85  133 133 GLN GLN A . n 
A 1 86  VAL 86  134 134 VAL VAL A . n 
A 1 87  ARG 87  135 135 ARG ARG A . n 
A 1 88  GLY 88  136 136 GLY GLY A . n 
A 1 89  TYR 89  137 137 TYR TYR A . n 
A 1 90  GLY 90  138 138 GLY GLY A . n 
A 1 91  THR 91  139 139 THR THR A . n 
A 1 92  ARG 92  140 140 ARG ARG A . n 
A 1 93  LEU 93  141 141 LEU LEU A . n 
A 1 94  MET 94  142 142 MET MET A . n 
A 1 95  ASN 95  143 143 ASN ASN A . n 
A 1 96  LYS 96  144 144 LYS LYS A . n 
A 1 97  PHE 97  145 145 PHE PHE A . n 
A 1 98  LYS 98  146 146 LYS LYS A . n 
A 1 99  ASP 99  147 147 ASP ASP A . n 
A 1 100 HIS 100 148 148 HIS HIS A . n 
A 1 101 MET 101 149 149 MET MET A . n 
A 1 102 GLN 102 150 150 GLN GLN A . n 
A 1 103 LYS 103 151 151 LYS LYS A . n 
A 1 104 GLN 104 152 152 GLN GLN A . n 
A 1 105 ASN 105 153 153 ASN ASN A . n 
A 1 106 ILE 106 154 154 ILE ILE A . n 
A 1 107 GLU 107 155 155 GLU GLU A . n 
A 1 108 TYR 108 156 156 TYR TYR A . n 
A 1 109 LEU 109 157 157 LEU LEU A . n 
A 1 110 LEU 110 158 158 LEU LEU A . n 
A 1 111 THR 111 159 159 THR THR A . n 
A 1 112 TYR 112 160 160 TYR TYR A . n 
A 1 113 ALA 113 161 161 ALA ALA A . n 
A 1 114 ASP 114 162 162 ASP ASP A . n 
A 1 115 ASN 115 163 163 ASN ASN A . n 
A 1 116 PHE 116 164 164 PHE PHE A . n 
A 1 117 ALA 117 165 165 ALA ALA A . n 
A 1 118 ILE 118 166 166 ILE ILE A . n 
A 1 119 GLY 119 167 167 GLY GLY A . n 
A 1 120 TYR 120 168 168 TYR TYR A . n 
A 1 121 PHE 121 169 169 PHE PHE A . n 
A 1 122 LYS 122 170 170 LYS LYS A . n 
A 1 123 LYS 123 171 171 LYS LYS A . n 
A 1 124 GLN 124 172 172 GLN GLN A . n 
A 1 125 GLY 125 173 173 GLY GLY A . n 
A 1 126 PHE 126 174 174 PHE PHE A . n 
A 1 127 THR 127 175 175 THR THR A . n 
A 1 128 LYS 128 176 176 LYS LYS A . n 
A 1 129 GLU 129 177 177 GLU GLU A . n 
A 1 130 HIS 130 178 178 HIS HIS A . n 
A 1 131 ARG 131 179 179 ARG ARG A . n 
A 1 132 MET 132 180 180 MET MET A . n 
A 1 133 PRO 133 181 181 PRO PRO A . n 
A 1 134 GLN 134 182 182 GLN GLN A . n 
A 1 135 GLU 135 183 183 GLU GLU A . n 
A 1 136 LYS 136 184 184 LYS LYS A . n 
A 1 137 TRP 137 185 185 TRP TRP A . n 
A 1 138 LYS 138 186 186 LYS LYS A . n 
A 1 139 GLY 139 187 187 GLY GLY A . n 
A 1 140 TYR 140 188 188 TYR TYR A . n 
A 1 141 ILE 141 189 189 ILE ILE A . n 
A 1 142 LYS 142 190 190 LYS LYS A . n 
A 1 143 ASP 143 191 191 ASP ASP A . n 
A 1 144 TYR 144 192 192 TYR TYR A . n 
A 1 145 ASP 145 193 193 ASP ASP A . n 
A 1 146 GLY 146 194 194 GLY GLY A . n 
A 1 147 GLY 147 195 195 GLY GLY A . n 
A 1 148 THR 148 196 196 THR THR A . n 
A 1 149 LEU 149 197 197 LEU LEU A . n 
A 1 150 MET 150 198 198 MET MET A . n 
A 1 151 GLU 151 199 199 GLU GLU A . n 
A 1 152 CYS 152 200 200 CYS CYS A . n 
A 1 153 TYR 153 201 201 TYR TYR A . n 
A 1 154 ILE 154 202 202 ILE ILE A . n 
A 1 155 HIS 155 203 203 HIS HIS A . n 
A 1 156 PRO 156 204 204 PRO PRO A . n 
A 1 157 TYR 157 205 205 TYR TYR A . n 
A 1 158 VAL 158 206 206 VAL VAL A . n 
A 1 159 ASP 159 207 207 ASP ASP A . n 
A 1 160 TYR 160 208 208 TYR TYR A . n 
A 1 161 GLY 161 209 209 GLY GLY A . n 
A 1 162 ARG 162 210 210 ARG ARG A . n 
# 
loop_
_pdbx_nonpoly_scheme.asym_id 
_pdbx_nonpoly_scheme.entity_id 
_pdbx_nonpoly_scheme.mon_id 
_pdbx_nonpoly_scheme.ndb_seq_num 
_pdbx_nonpoly_scheme.pdb_seq_num 
_pdbx_nonpoly_scheme.auth_seq_num 
_pdbx_nonpoly_scheme.pdb_mon_id 
_pdbx_nonpoly_scheme.auth_mon_id 
_pdbx_nonpoly_scheme.pdb_strand_id 
_pdbx_nonpoly_scheme.pdb_ins_code 
B 2 ACO 1  401 401 ACO ACO A . 
C 3 HOH 1  501 501 HOH HOH A . 
C 3 HOH 2  502 502 HOH HOH A . 
C 3 HOH 3  503 503 HOH HOH A . 
C 3 HOH 4  504 504 HOH HOH A . 
C 3 HOH 5  505 505 HOH HOH A . 
C 3 HOH 6  506 506 HOH HOH A . 
C 3 HOH 7  507 507 HOH HOH A . 
C 3 HOH 8  508 508 HOH HOH A . 
C 3 HOH 9  509 509 HOH HOH A . 
C 3 HOH 10 510 510 HOH HOH A . 
C 3 HOH 11 511 511 HOH HOH A . 
C 3 HOH 12 512 512 HOH HOH A . 
C 3 HOH 13 513 513 HOH HOH A . 
C 3 HOH 14 514 514 HOH HOH A . 
C 3 HOH 15 515 515 HOH HOH A . 
C 3 HOH 16 516 516 HOH HOH A . 
C 3 HOH 17 517 517 HOH HOH A . 
C 3 HOH 18 519 519 HOH HOH A . 
C 3 HOH 19 520 520 HOH HOH A . 
C 3 HOH 20 521 521 HOH HOH A . 
C 3 HOH 21 522 522 HOH HOH A . 
C 3 HOH 22 523 523 HOH HOH A . 
C 3 HOH 23 524 524 HOH HOH A . 
C 3 HOH 24 525 525 HOH HOH A . 
C 3 HOH 25 526 526 HOH HOH A . 
C 3 HOH 26 527 527 HOH HOH A . 
C 3 HOH 27 528 528 HOH HOH A . 
C 3 HOH 28 529 529 HOH HOH A . 
C 3 HOH 29 530 530 HOH HOH A . 
C 3 HOH 30 531 531 HOH HOH A . 
C 3 HOH 31 532 532 HOH HOH A . 
C 3 HOH 32 533 533 HOH HOH A . 
C 3 HOH 33 534 534 HOH HOH A . 
C 3 HOH 34 535 535 HOH HOH A . 
C 3 HOH 35 536 536 HOH HOH A . 
C 3 HOH 36 537 537 HOH HOH A . 
C 3 HOH 37 538 538 HOH HOH A . 
C 3 HOH 38 539 539 HOH HOH A . 
C 3 HOH 39 540 540 HOH HOH A . 
C 3 HOH 40 541 541 HOH HOH A . 
C 3 HOH 41 542 542 HOH HOH A . 
C 3 HOH 42 543 543 HOH HOH A . 
C 3 HOH 43 544 544 HOH HOH A . 
C 3 HOH 44 545 545 HOH HOH A . 
C 3 HOH 45 546 546 HOH HOH A . 
C 3 HOH 46 547 547 HOH HOH A . 
C 3 HOH 47 548 548 HOH HOH A . 
C 3 HOH 48 549 549 HOH HOH A . 
C 3 HOH 49 550 550 HOH HOH A . 
C 3 HOH 50 551 551 HOH HOH A . 
C 3 HOH 51 552 552 HOH HOH A . 
C 3 HOH 52 553 553 HOH HOH A . 
C 3 HOH 53 554 554 HOH HOH A . 
C 3 HOH 54 555 555 HOH HOH A . 
C 3 HOH 55 556 556 HOH HOH A . 
C 3 HOH 56 557 557 HOH HOH A . 
C 3 HOH 57 558 558 HOH HOH A . 
C 3 HOH 58 559 559 HOH HOH A . 
C 3 HOH 59 560 560 HOH HOH A . 
C 3 HOH 60 561 561 HOH HOH A . 
C 3 HOH 61 562 562 HOH HOH A . 
C 3 HOH 62 563 563 HOH HOH A . 
C 3 HOH 63 564 564 HOH HOH A . 
C 3 HOH 64 565 565 HOH HOH A . 
C 3 HOH 65 566 566 HOH HOH A . 
C 3 HOH 66 567 567 HOH HOH A . 
C 3 HOH 67 568 568 HOH HOH A . 
C 3 HOH 68 569 569 HOH HOH A . 
C 3 HOH 69 570 570 HOH HOH A . 
C 3 HOH 70 571 571 HOH HOH A . 
C 3 HOH 71 572 572 HOH HOH A . 
C 3 HOH 72 573 573 HOH HOH A . 
# 
loop_
_software.name 
_software.classification 
_software.version 
_software.citation_id 
_software.pdbx_ordinal 
AMoRE     phasing          . ? 1 
CNS       refinement       . ? 2 
DENZO     'data reduction' . ? 3 
SCALEPACK 'data scaling'   . ? 4 
# 
_cell.entry_id           1QSR 
_cell.length_a           64.380 
_cell.length_b           64.380 
_cell.length_c           97.450 
_cell.angle_alpha        90.00 
_cell.angle_beta         90.00 
_cell.angle_gamma        120.00 
_cell.Z_PDB              6 
_cell.pdbx_unique_axis   ? 
# 
_symmetry.entry_id                         1QSR 
_symmetry.space_group_name_H-M             'P 32 2 1' 
_symmetry.pdbx_full_space_group_name_H-M   ? 
_symmetry.cell_setting                     ? 
_symmetry.Int_Tables_number                154 
# 
_exptl.entry_id          1QSR 
_exptl.method            'X-RAY DIFFRACTION' 
_exptl.crystals_number   1 
# 
_exptl_crystal.id                    1 
_exptl_crystal.density_meas          ? 
_exptl_crystal.density_Matthews      3.01 
_exptl_crystal.density_percent_sol   59.18 
_exptl_crystal.description           ? 
# 
_exptl_crystal_grow.crystal_id      1 
_exptl_crystal_grow.method          'VAPOR DIFFUSION, HANGING DROP' 
_exptl_crystal_grow.temp            298 
_exptl_crystal_grow.temp_details    ? 
_exptl_crystal_grow.pH              7.0 
_exptl_crystal_grow.pdbx_details    
'HEPES, AMMONIUM SULFATE, MAGNESIUM SULFATE, pH 7.0, VAPOR DIFFUSION, HANGING DROP, temperature 298K' 
_exptl_crystal_grow.pdbx_pH_range   ? 
# 
_diffrn.id                     1 
_diffrn.ambient_temp           100 
_diffrn.ambient_temp_details   ? 
_diffrn.crystal_id             1 
# 
_diffrn_detector.diffrn_id              1 
_diffrn_detector.detector               'IMAGE PLATE' 
_diffrn_detector.type                   'RIGAKU RAXIS IV++' 
_diffrn_detector.pdbx_collection_date   1999-01-07 
_diffrn_detector.details                ? 
# 
_diffrn_radiation.diffrn_id                        1 
_diffrn_radiation.wavelength_id                    1 
_diffrn_radiation.pdbx_monochromatic_or_laue_m_l   M 
_diffrn_radiation.monochromator                    ? 
_diffrn_radiation.pdbx_diffrn_protocol             'SINGLE WAVELENGTH' 
_diffrn_radiation.pdbx_scattering_type             x-ray 
# 
_diffrn_radiation_wavelength.id           1 
_diffrn_radiation_wavelength.wavelength   1.542 
_diffrn_radiation_wavelength.wt           1.0 
# 
_diffrn_source.diffrn_id                   1 
_diffrn_source.source                      'ROTATING ANODE' 
_diffrn_source.type                        RIGAKU 
_diffrn_source.pdbx_synchrotron_site       ? 
_diffrn_source.pdbx_synchrotron_beamline   ? 
_diffrn_source.pdbx_wavelength             1.542 
_diffrn_source.pdbx_wavelength_list        ? 
# 
_reflns.entry_id                     1QSR 
_reflns.observed_criterion_sigma_I   -3.0 
_reflns.observed_criterion_sigma_F   ? 
_reflns.d_resolution_low             30.0 
_reflns.d_resolution_high            2.0 
_reflns.number_obs                   16255 
_reflns.number_all                   16348 
_reflns.percent_possible_obs         99.5 
_reflns.pdbx_Rmerge_I_obs            0.0540000 
_reflns.pdbx_Rsym_value              ? 
_reflns.pdbx_netI_over_sigmaI        21.1 
_reflns.B_iso_Wilson_estimate        31.8 
_reflns.pdbx_redundancy              9.7 
_reflns.R_free_details               ? 
_reflns.pdbx_diffrn_id               1 
_reflns.pdbx_ordinal                 1 
# 
_reflns_shell.d_res_high             2.00 
_reflns_shell.d_res_low              2.06 
_reflns_shell.percent_possible_all   99.9 
_reflns_shell.Rmerge_I_obs           0.1820000 
_reflns_shell.pdbx_Rsym_value        ? 
_reflns_shell.meanI_over_sigI_obs    ? 
_reflns_shell.pdbx_redundancy        4.9 
_reflns_shell.percent_possible_obs   ? 
_reflns_shell.number_unique_all      ? 
_reflns_shell.pdbx_diffrn_id         ? 
_reflns_shell.pdbx_ordinal           1 
# 
_refine.entry_id                                 1QSR 
_refine.ls_number_reflns_obs                     16036 
_refine.ls_number_reflns_all                     16307 
_refine.pdbx_ls_sigma_I                          ? 
_refine.pdbx_ls_sigma_F                          2.0 
_refine.pdbx_data_cutoff_high_absF               ? 
_refine.pdbx_data_cutoff_low_absF                ? 
_refine.pdbx_data_cutoff_high_rms_absF           ? 
_refine.ls_d_res_low                             30.0 
_refine.ls_d_res_high                            2.0 
_refine.ls_percent_reflns_obs                    98.3 
_refine.ls_R_factor_obs                          0.2360000 
_refine.ls_R_factor_all                          ? 
_refine.ls_R_factor_R_work                       0.2360000 
_refine.ls_R_factor_R_free                       0.2610000 
_refine.ls_R_factor_R_free_error                 ? 
_refine.ls_R_factor_R_free_error_details         ? 
_refine.ls_percent_reflns_R_free                 ? 
_refine.ls_number_reflns_R_free                  1593 
_refine.ls_number_parameters                     ? 
_refine.ls_number_restraints                     ? 
_refine.occupancy_min                            ? 
_refine.occupancy_max                            ? 
_refine.B_iso_mean                               ? 
_refine.aniso_B[1][1]                            ? 
_refine.aniso_B[2][2]                            ? 
_refine.aniso_B[3][3]                            ? 
_refine.aniso_B[1][2]                            ? 
_refine.aniso_B[1][3]                            ? 
_refine.aniso_B[2][3]                            ? 
_refine.solvent_model_details                    ? 
_refine.solvent_model_param_ksol                 ? 
_refine.solvent_model_param_bsol                 ? 
_refine.pdbx_ls_cross_valid_method               ? 
_refine.details                                  'USED MAXIMUM LIKELIHOOD ALGORITHM' 
_refine.pdbx_starting_model                      ? 
_refine.pdbx_method_to_determine_struct          ? 
_refine.pdbx_isotropic_thermal_model             ? 
_refine.pdbx_stereochemistry_target_values       'ENGH & HUBER' 
_refine.pdbx_stereochem_target_val_spec_case     ? 
_refine.pdbx_R_Free_selection_details            RANDOM 
_refine.pdbx_overall_ESU_R                       ? 
_refine.pdbx_overall_ESU_R_Free                  ? 
_refine.overall_SU_ML                            ? 
_refine.overall_SU_B                             ? 
_refine.ls_redundancy_reflns_obs                 ? 
_refine.pdbx_refine_id                           'X-RAY DIFFRACTION' 
_refine.pdbx_diffrn_id                           1 
_refine.pdbx_TLS_residual_ADP_flag               ? 
_refine.correlation_coeff_Fo_to_Fc               ? 
_refine.correlation_coeff_Fo_to_Fc_free          ? 
_refine.pdbx_solvent_vdw_probe_radii             ? 
_refine.pdbx_solvent_ion_probe_radii             ? 
_refine.pdbx_solvent_shrinkage_radii             ? 
_refine.pdbx_overall_phase_error                 ? 
_refine.overall_SU_R_Cruickshank_DPI             ? 
_refine.pdbx_overall_SU_R_free_Cruickshank_DPI   ? 
_refine.pdbx_overall_SU_R_Blow_DPI               ? 
_refine.pdbx_overall_SU_R_free_Blow_DPI          ? 
# 
_refine_hist.pdbx_refine_id                   'X-RAY DIFFRACTION' 
_refine_hist.cycle_id                         LAST 
_refine_hist.pdbx_number_atoms_protein        1360 
_refine_hist.pdbx_number_atoms_nucleic_acid   0 
_refine_hist.pdbx_number_atoms_ligand         51 
_refine_hist.number_atoms_solvent             72 
_refine_hist.number_atoms_total               1483 
_refine_hist.d_res_high                       2.0 
_refine_hist.d_res_low                        30.0 
# 
loop_
_refine_ls_restr.type 
_refine_ls_restr.dev_ideal 
_refine_ls_restr.dev_ideal_target 
_refine_ls_restr.weight 
_refine_ls_restr.number 
_refine_ls_restr.pdbx_refine_id 
_refine_ls_restr.pdbx_restraint_function 
c_bond_d                .006  ? ? ? 'X-RAY DIFFRACTION' ? 
c_bond_d_na             ?     ? ? ? 'X-RAY DIFFRACTION' ? 
c_bond_d_prot           ?     ? ? ? 'X-RAY DIFFRACTION' ? 
c_angle_d               ?     ? ? ? 'X-RAY DIFFRACTION' ? 
c_angle_d_na            ?     ? ? ? 'X-RAY DIFFRACTION' ? 
c_angle_d_prot          ?     ? ? ? 'X-RAY DIFFRACTION' ? 
c_angle_deg             1.335 ? ? ? 'X-RAY DIFFRACTION' ? 
c_angle_deg_na          ?     ? ? ? 'X-RAY DIFFRACTION' ? 
c_angle_deg_prot        ?     ? ? ? 'X-RAY DIFFRACTION' ? 
c_dihedral_angle_d      ?     ? ? ? 'X-RAY DIFFRACTION' ? 
c_dihedral_angle_d_na   ?     ? ? ? 'X-RAY DIFFRACTION' ? 
c_dihedral_angle_d_prot ?     ? ? ? 'X-RAY DIFFRACTION' ? 
c_improper_angle_d      ?     ? ? ? 'X-RAY DIFFRACTION' ? 
c_improper_angle_d_na   ?     ? ? ? 'X-RAY DIFFRACTION' ? 
c_improper_angle_d_prot ?     ? ? ? 'X-RAY DIFFRACTION' ? 
c_mcbond_it             ?     ? ? ? 'X-RAY DIFFRACTION' ? 
c_mcangle_it            ?     ? ? ? 'X-RAY DIFFRACTION' ? 
c_scbond_it             ?     ? ? ? 'X-RAY DIFFRACTION' ? 
c_scangle_it            ?     ? ? ? 'X-RAY DIFFRACTION' ? 
# 
_struct.entry_id                  1QSR 
_struct.title                     'CRYSTAL STRUCTURE OF TETRAHYMENA GCN5 WITH BOUND ACETYL-COENZYME A' 
_struct.pdbx_model_details        ? 
_struct.pdbx_CASP_flag            ? 
_struct.pdbx_model_type_details   ? 
# 
_struct_keywords.entry_id        1QSR 
_struct_keywords.pdbx_keywords   TRANSFERASE 
_struct_keywords.text            'HISTONE ACETYLTRANSFERASE, GCN5-RELATED N-ACETYLTRANSFERASE, COA-BINDING PROTEIN, TRANSFERASE' 
# 
loop_
_struct_asym.id 
_struct_asym.pdbx_blank_PDB_chainid_flag 
_struct_asym.pdbx_modified 
_struct_asym.entity_id 
_struct_asym.details 
A N N 1 ? 
B N N 2 ? 
C N N 3 ? 
# 
_struct_ref.id                         1 
_struct_ref.db_name                    UNP 
_struct_ref.db_code                    Q27198_TETTH 
_struct_ref.entity_id                  1 
_struct_ref.pdbx_db_accession          Q27198 
_struct_ref.pdbx_db_isoform            ? 
_struct_ref.pdbx_seq_one_letter_code   ? 
_struct_ref.pdbx_align_begin           ? 
# 
_struct_ref_seq.align_id                      1 
_struct_ref_seq.ref_id                        1 
_struct_ref_seq.pdbx_PDB_id_code              1QSR 
_struct_ref_seq.pdbx_strand_id                A 
_struct_ref_seq.seq_align_beg                 1 
_struct_ref_seq.pdbx_seq_align_beg_ins_code   ? 
_struct_ref_seq.seq_align_end                 161 
_struct_ref_seq.pdbx_seq_align_end_ins_code   ? 
_struct_ref_seq.pdbx_db_accession             Q27198 
_struct_ref_seq.db_align_beg                  49 
_struct_ref_seq.pdbx_db_align_beg_ins_code    ? 
_struct_ref_seq.db_align_end                  209 
_struct_ref_seq.pdbx_db_align_end_ins_code    ? 
_struct_ref_seq.pdbx_auth_seq_align_beg       49 
_struct_ref_seq.pdbx_auth_seq_align_end       209 
# 
_pdbx_struct_assembly.id                   1 
_pdbx_struct_assembly.details              author_defined_assembly 
_pdbx_struct_assembly.method_details       ? 
_pdbx_struct_assembly.oligomeric_details   monomeric 
_pdbx_struct_assembly.oligomeric_count     1 
# 
_pdbx_struct_assembly_gen.assembly_id       1 
_pdbx_struct_assembly_gen.oper_expression   1 
_pdbx_struct_assembly_gen.asym_id_list      A,B,C 
# 
_pdbx_struct_oper_list.id                   1 
_pdbx_struct_oper_list.type                 'identity operation' 
_pdbx_struct_oper_list.name                 1_555 
_pdbx_struct_oper_list.symmetry_operation   x,y,z 
_pdbx_struct_oper_list.matrix[1][1]         1.0000000000 
_pdbx_struct_oper_list.matrix[1][2]         0.0000000000 
_pdbx_struct_oper_list.matrix[1][3]         0.0000000000 
_pdbx_struct_oper_list.vector[1]            0.0000000000 
_pdbx_struct_oper_list.matrix[2][1]         0.0000000000 
_pdbx_struct_oper_list.matrix[2][2]         1.0000000000 
_pdbx_struct_oper_list.matrix[2][3]         0.0000000000 
_pdbx_struct_oper_list.vector[2]            0.0000000000 
_pdbx_struct_oper_list.matrix[3][1]         0.0000000000 
_pdbx_struct_oper_list.matrix[3][2]         0.0000000000 
_pdbx_struct_oper_list.matrix[3][3]         1.0000000000 
_pdbx_struct_oper_list.vector[3]            0.0000000000 
# 
loop_
_struct_conf.conf_type_id 
_struct_conf.id 
_struct_conf.pdbx_PDB_helix_id 
_struct_conf.beg_label_comp_id 
_struct_conf.beg_label_asym_id 
_struct_conf.beg_label_seq_id 
_struct_conf.pdbx_beg_PDB_ins_code 
_struct_conf.end_label_comp_id 
_struct_conf.end_label_asym_id 
_struct_conf.end_label_seq_id 
_struct_conf.pdbx_end_PDB_ins_code 
_struct_conf.beg_auth_comp_id 
_struct_conf.beg_auth_asym_id 
_struct_conf.beg_auth_seq_id 
_struct_conf.end_auth_comp_id 
_struct_conf.end_auth_asym_id 
_struct_conf.end_auth_seq_id 
_struct_conf.pdbx_PDB_helix_class 
_struct_conf.details 
_struct_conf.pdbx_PDB_helix_length 
HELX_P HELX_P1 1 THR A 11  ? LEU A 29  ? THR A 59  LEU A 77  1 ? 19 
HELX_P HELX_P2 2 PRO A 33  ? PHE A 42  ? PRO A 81  PHE A 90  1 ? 10 
HELX_P HELX_P3 3 ALA A 82  ? GLN A 85  ? ALA A 130 GLN A 133 5 ? 4  
HELX_P HELX_P4 4 GLY A 88  ? GLN A 104 ? GLY A 136 GLN A 152 1 ? 17 
HELX_P HELX_P5 5 ALA A 117 ? GLN A 124 ? ALA A 165 GLN A 172 1 ? 8  
HELX_P HELX_P6 6 PRO A 133 ? LYS A 138 ? PRO A 181 LYS A 186 1 ? 6  
# 
_struct_conf_type.id          HELX_P 
_struct_conf_type.criteria    ? 
_struct_conf_type.reference   ? 
# 
_struct_sheet.id               A 
_struct_sheet.type             ? 
_struct_sheet.number_strands   6 
_struct_sheet.details          ? 
# 
loop_
_struct_sheet_order.sheet_id 
_struct_sheet_order.range_id_1 
_struct_sheet_order.range_id_2 
_struct_sheet_order.offset 
_struct_sheet_order.sense 
A 1 2 ? anti-parallel 
A 2 3 ? anti-parallel 
A 3 4 ? anti-parallel 
A 4 5 ? parallel      
A 5 6 ? anti-parallel 
# 
loop_
_struct_sheet_range.sheet_id 
_struct_sheet_range.id 
_struct_sheet_range.beg_label_comp_id 
_struct_sheet_range.beg_label_asym_id 
_struct_sheet_range.beg_label_seq_id 
_struct_sheet_range.pdbx_beg_PDB_ins_code 
_struct_sheet_range.end_label_comp_id 
_struct_sheet_range.end_label_asym_id 
_struct_sheet_range.end_label_seq_id 
_struct_sheet_range.pdbx_end_PDB_ins_code 
_struct_sheet_range.beg_auth_comp_id 
_struct_sheet_range.beg_auth_asym_id 
_struct_sheet_range.beg_auth_seq_id 
_struct_sheet_range.end_auth_comp_id 
_struct_sheet_range.end_auth_asym_id 
_struct_sheet_range.end_auth_seq_id 
A 1 ASP A 2   ? LEU A 6   ? ASP A 50  LEU A 54  
A 2 HIS A 46  ? LYS A 53  ? HIS A 94  LYS A 101 
A 3 LYS A 57  ? TYR A 67  ? LYS A 105 TYR A 115 
A 4 PHE A 72  ? VAL A 80  ? PHE A 120 VAL A 128 
A 5 TYR A 108 ? ALA A 113 ? TYR A 156 ALA A 161 
A 6 THR A 148 ? TYR A 153 ? THR A 196 TYR A 201 
# 
loop_
_pdbx_struct_sheet_hbond.sheet_id 
_pdbx_struct_sheet_hbond.range_id_1 
_pdbx_struct_sheet_hbond.range_id_2 
_pdbx_struct_sheet_hbond.range_1_label_atom_id 
_pdbx_struct_sheet_hbond.range_1_label_comp_id 
_pdbx_struct_sheet_hbond.range_1_label_asym_id 
_pdbx_struct_sheet_hbond.range_1_label_seq_id 
_pdbx_struct_sheet_hbond.range_1_PDB_ins_code 
_pdbx_struct_sheet_hbond.range_1_auth_atom_id 
_pdbx_struct_sheet_hbond.range_1_auth_comp_id 
_pdbx_struct_sheet_hbond.range_1_auth_asym_id 
_pdbx_struct_sheet_hbond.range_1_auth_seq_id 
_pdbx_struct_sheet_hbond.range_2_label_atom_id 
_pdbx_struct_sheet_hbond.range_2_label_comp_id 
_pdbx_struct_sheet_hbond.range_2_label_asym_id 
_pdbx_struct_sheet_hbond.range_2_label_seq_id 
_pdbx_struct_sheet_hbond.range_2_PDB_ins_code 
_pdbx_struct_sheet_hbond.range_2_auth_atom_id 
_pdbx_struct_sheet_hbond.range_2_auth_comp_id 
_pdbx_struct_sheet_hbond.range_2_auth_asym_id 
_pdbx_struct_sheet_hbond.range_2_auth_seq_id 
A 1 2 N LEU A 6   ? N LEU A 54  O SER A 48  ? O SER A 96  
A 2 3 N LYS A 53  ? N LYS A 101 O LYS A 57  ? O LYS A 105 
A 3 4 N TYR A 67  ? N TYR A 115 O PHE A 72  ? O PHE A 120 
A 4 5 N ALA A 73  ? N ALA A 121 O TYR A 108 ? O TYR A 156 
A 5 6 N ALA A 113 ? N ALA A 161 O THR A 148 ? O THR A 196 
# 
_struct_site.id                   AC1 
_struct_site.pdbx_evidence_code   Software 
_struct_site.pdbx_auth_asym_id    A 
_struct_site.pdbx_auth_comp_id    ACO 
_struct_site.pdbx_auth_seq_id     401 
_struct_site.pdbx_auth_ins_code   ? 
_struct_site.pdbx_num_residues    21 
_struct_site.details              'BINDING SITE FOR RESIDUE ACO A 401' 
# 
loop_
_struct_site_gen.id 
_struct_site_gen.site_id 
_struct_site_gen.pdbx_num_res 
_struct_site_gen.label_comp_id 
_struct_site_gen.label_asym_id 
_struct_site_gen.label_seq_id 
_struct_site_gen.pdbx_auth_ins_code 
_struct_site_gen.auth_comp_id 
_struct_site_gen.auth_asym_id 
_struct_site_gen.auth_seq_id 
_struct_site_gen.label_atom_id 
_struct_site_gen.label_alt_id 
_struct_site_gen.symmetry 
_struct_site_gen.details 
1  AC1 21 GLN A 28  ? GLN A 76  . ? 1_555 ? 
2  AC1 21 ALA A 76  ? ALA A 124 . ? 1_555 ? 
3  AC1 21 PHE A 77  ? PHE A 125 . ? 1_555 ? 
4  AC1 21 LEU A 78  ? LEU A 126 . ? 1_555 ? 
5  AC1 21 ALA A 79  ? ALA A 127 . ? 1_555 ? 
6  AC1 21 VAL A 80  ? VAL A 128 . ? 1_555 ? 
7  AC1 21 GLN A 85  ? GLN A 133 . ? 1_555 ? 
8  AC1 21 VAL A 86  ? VAL A 134 . ? 1_555 ? 
9  AC1 21 ARG A 87  ? ARG A 135 . ? 1_555 ? 
10 AC1 21 GLY A 88  ? GLY A 136 . ? 1_555 ? 
11 AC1 21 TYR A 89  ? TYR A 137 . ? 1_555 ? 
12 AC1 21 GLY A 90  ? GLY A 138 . ? 1_555 ? 
13 AC1 21 THR A 91  ? THR A 139 . ? 1_555 ? 
14 AC1 21 THR A 111 ? THR A 159 . ? 1_555 ? 
15 AC1 21 TYR A 112 ? TYR A 160 . ? 1_555 ? 
16 AC1 21 ASP A 114 ? ASP A 162 . ? 1_555 ? 
17 AC1 21 PHE A 116 ? PHE A 164 . ? 1_555 ? 
18 AC1 21 ALA A 117 ? ALA A 165 . ? 1_555 ? 
19 AC1 21 PHE A 121 ? PHE A 169 . ? 1_555 ? 
20 AC1 21 HOH C .   ? HOH A 506 . ? 1_555 ? 
21 AC1 21 HOH C .   ? HOH A 568 . ? 4_656 ? 
# 
loop_
_pdbx_validate_torsion.id 
_pdbx_validate_torsion.PDB_model_num 
_pdbx_validate_torsion.auth_comp_id 
_pdbx_validate_torsion.auth_asym_id 
_pdbx_validate_torsion.auth_seq_id 
_pdbx_validate_torsion.PDB_ins_code 
_pdbx_validate_torsion.label_alt_id 
_pdbx_validate_torsion.phi 
_pdbx_validate_torsion.psi 
1 1 LYS A 103 ? ? 59.33   19.52  
2 1 GLN A 104 ? ? -152.72 -25.56 
# 
_pdbx_struct_special_symmetry.id              1 
_pdbx_struct_special_symmetry.PDB_model_num   1 
_pdbx_struct_special_symmetry.auth_asym_id    A 
_pdbx_struct_special_symmetry.auth_comp_id    HOH 
_pdbx_struct_special_symmetry.auth_seq_id     562 
_pdbx_struct_special_symmetry.PDB_ins_code    ? 
_pdbx_struct_special_symmetry.label_asym_id   C 
_pdbx_struct_special_symmetry.label_comp_id   HOH 
_pdbx_struct_special_symmetry.label_seq_id    . 
# 
loop_
_chem_comp_atom.comp_id 
_chem_comp_atom.atom_id 
_chem_comp_atom.type_symbol 
_chem_comp_atom.pdbx_aromatic_flag 
_chem_comp_atom.pdbx_stereo_config 
_chem_comp_atom.pdbx_ordinal 
ACO N1A  N Y N 1   
ACO C2A  C Y N 2   
ACO N3A  N Y N 3   
ACO C4A  C Y N 4   
ACO C5A  C Y N 5   
ACO C6A  C Y N 6   
ACO N6A  N N N 7   
ACO N7A  N Y N 8   
ACO C8A  C Y N 9   
ACO N9A  N Y N 10  
ACO C1B  C N R 11  
ACO C2B  C N R 12  
ACO O2B  O N N 13  
ACO C3B  C N S 14  
ACO O3B  O N N 15  
ACO P3B  P N N 16  
ACO O7A  O N N 17  
ACO O8A  O N N 18  
ACO O9A  O N N 19  
ACO C4B  C N R 20  
ACO O4B  O N N 21  
ACO C5B  C N N 22  
ACO O5B  O N N 23  
ACO P1A  P N S 24  
ACO O1A  O N N 25  
ACO O2A  O N N 26  
ACO O3A  O N N 27  
ACO P2A  P N S 28  
ACO O4A  O N N 29  
ACO O5A  O N N 30  
ACO O6A  O N N 31  
ACO CBP  C N N 32  
ACO CCP  C N N 33  
ACO CDP  C N N 34  
ACO CEP  C N N 35  
ACO CAP  C N R 36  
ACO OAP  O N N 37  
ACO C9P  C N N 38  
ACO O9P  O N N 39  
ACO N8P  N N N 40  
ACO C7P  C N N 41  
ACO C6P  C N N 42  
ACO C5P  C N N 43  
ACO O5P  O N N 44  
ACO N4P  N N N 45  
ACO C3P  C N N 46  
ACO C2P  C N N 47  
ACO S1P  S N N 48  
ACO C    C N N 49  
ACO O    O N N 50  
ACO CH3  C N N 51  
ACO H2A  H N N 52  
ACO H61A H N N 53  
ACO H62A H N N 54  
ACO H8A  H N N 55  
ACO H1B  H N N 56  
ACO H2B  H N N 57  
ACO HO2A H N N 58  
ACO H3B  H N N 59  
ACO HOA8 H N N 60  
ACO HOA9 H N N 61  
ACO H4B  H N N 62  
ACO H51A H N N 63  
ACO H52A H N N 64  
ACO HOA2 H N N 65  
ACO HOA5 H N N 66  
ACO H121 H N N 67  
ACO H122 H N N 68  
ACO H131 H N N 69  
ACO H132 H N N 70  
ACO H133 H N N 71  
ACO H141 H N N 72  
ACO H142 H N N 73  
ACO H143 H N N 74  
ACO H10  H N N 75  
ACO HO1  H N N 76  
ACO HN8  H N N 77  
ACO H71  H N N 78  
ACO H72  H N N 79  
ACO H61  H N N 80  
ACO H62  H N N 81  
ACO HN4  H N N 82  
ACO H31  H N N 83  
ACO H32  H N N 84  
ACO H21  H N N 85  
ACO H22  H N N 86  
ACO HH31 H N N 87  
ACO HH32 H N N 88  
ACO HH33 H N N 89  
ALA N    N N N 90  
ALA CA   C N S 91  
ALA C    C N N 92  
ALA O    O N N 93  
ALA CB   C N N 94  
ALA OXT  O N N 95  
ALA H    H N N 96  
ALA H2   H N N 97  
ALA HA   H N N 98  
ALA HB1  H N N 99  
ALA HB2  H N N 100 
ALA HB3  H N N 101 
ALA HXT  H N N 102 
ARG N    N N N 103 
ARG CA   C N S 104 
ARG C    C N N 105 
ARG O    O N N 106 
ARG CB   C N N 107 
ARG CG   C N N 108 
ARG CD   C N N 109 
ARG NE   N N N 110 
ARG CZ   C N N 111 
ARG NH1  N N N 112 
ARG NH2  N N N 113 
ARG OXT  O N N 114 
ARG H    H N N 115 
ARG H2   H N N 116 
ARG HA   H N N 117 
ARG HB2  H N N 118 
ARG HB3  H N N 119 
ARG HG2  H N N 120 
ARG HG3  H N N 121 
ARG HD2  H N N 122 
ARG HD3  H N N 123 
ARG HE   H N N 124 
ARG HH11 H N N 125 
ARG HH12 H N N 126 
ARG HH21 H N N 127 
ARG HH22 H N N 128 
ARG HXT  H N N 129 
ASN N    N N N 130 
ASN CA   C N S 131 
ASN C    C N N 132 
ASN O    O N N 133 
ASN CB   C N N 134 
ASN CG   C N N 135 
ASN OD1  O N N 136 
ASN ND2  N N N 137 
ASN OXT  O N N 138 
ASN H    H N N 139 
ASN H2   H N N 140 
ASN HA   H N N 141 
ASN HB2  H N N 142 
ASN HB3  H N N 143 
ASN HD21 H N N 144 
ASN HD22 H N N 145 
ASN HXT  H N N 146 
ASP N    N N N 147 
ASP CA   C N S 148 
ASP C    C N N 149 
ASP O    O N N 150 
ASP CB   C N N 151 
ASP CG   C N N 152 
ASP OD1  O N N 153 
ASP OD2  O N N 154 
ASP OXT  O N N 155 
ASP H    H N N 156 
ASP H2   H N N 157 
ASP HA   H N N 158 
ASP HB2  H N N 159 
ASP HB3  H N N 160 
ASP HD2  H N N 161 
ASP HXT  H N N 162 
CYS N    N N N 163 
CYS CA   C N R 164 
CYS C    C N N 165 
CYS O    O N N 166 
CYS CB   C N N 167 
CYS SG   S N N 168 
CYS OXT  O N N 169 
CYS H    H N N 170 
CYS H2   H N N 171 
CYS HA   H N N 172 
CYS HB2  H N N 173 
CYS HB3  H N N 174 
CYS HG   H N N 175 
CYS HXT  H N N 176 
GLN N    N N N 177 
GLN CA   C N S 178 
GLN C    C N N 179 
GLN O    O N N 180 
GLN CB   C N N 181 
GLN CG   C N N 182 
GLN CD   C N N 183 
GLN OE1  O N N 184 
GLN NE2  N N N 185 
GLN OXT  O N N 186 
GLN H    H N N 187 
GLN H2   H N N 188 
GLN HA   H N N 189 
GLN HB2  H N N 190 
GLN HB3  H N N 191 
GLN HG2  H N N 192 
GLN HG3  H N N 193 
GLN HE21 H N N 194 
GLN HE22 H N N 195 
GLN HXT  H N N 196 
GLU N    N N N 197 
GLU CA   C N S 198 
GLU C    C N N 199 
GLU O    O N N 200 
GLU CB   C N N 201 
GLU CG   C N N 202 
GLU CD   C N N 203 
GLU OE1  O N N 204 
GLU OE2  O N N 205 
GLU OXT  O N N 206 
GLU H    H N N 207 
GLU H2   H N N 208 
GLU HA   H N N 209 
GLU HB2  H N N 210 
GLU HB3  H N N 211 
GLU HG2  H N N 212 
GLU HG3  H N N 213 
GLU HE2  H N N 214 
GLU HXT  H N N 215 
GLY N    N N N 216 
GLY CA   C N N 217 
GLY C    C N N 218 
GLY O    O N N 219 
GLY OXT  O N N 220 
GLY H    H N N 221 
GLY H2   H N N 222 
GLY HA2  H N N 223 
GLY HA3  H N N 224 
GLY HXT  H N N 225 
HIS N    N N N 226 
HIS CA   C N S 227 
HIS C    C N N 228 
HIS O    O N N 229 
HIS CB   C N N 230 
HIS CG   C Y N 231 
HIS ND1  N Y N 232 
HIS CD2  C Y N 233 
HIS CE1  C Y N 234 
HIS NE2  N Y N 235 
HIS OXT  O N N 236 
HIS H    H N N 237 
HIS H2   H N N 238 
HIS HA   H N N 239 
HIS HB2  H N N 240 
HIS HB3  H N N 241 
HIS HD1  H N N 242 
HIS HD2  H N N 243 
HIS HE1  H N N 244 
HIS HE2  H N N 245 
HIS HXT  H N N 246 
HOH O    O N N 247 
HOH H1   H N N 248 
HOH H2   H N N 249 
ILE N    N N N 250 
ILE CA   C N S 251 
ILE C    C N N 252 
ILE O    O N N 253 
ILE CB   C N S 254 
ILE CG1  C N N 255 
ILE CG2  C N N 256 
ILE CD1  C N N 257 
ILE OXT  O N N 258 
ILE H    H N N 259 
ILE H2   H N N 260 
ILE HA   H N N 261 
ILE HB   H N N 262 
ILE HG12 H N N 263 
ILE HG13 H N N 264 
ILE HG21 H N N 265 
ILE HG22 H N N 266 
ILE HG23 H N N 267 
ILE HD11 H N N 268 
ILE HD12 H N N 269 
ILE HD13 H N N 270 
ILE HXT  H N N 271 
LEU N    N N N 272 
LEU CA   C N S 273 
LEU C    C N N 274 
LEU O    O N N 275 
LEU CB   C N N 276 
LEU CG   C N N 277 
LEU CD1  C N N 278 
LEU CD2  C N N 279 
LEU OXT  O N N 280 
LEU H    H N N 281 
LEU H2   H N N 282 
LEU HA   H N N 283 
LEU HB2  H N N 284 
LEU HB3  H N N 285 
LEU HG   H N N 286 
LEU HD11 H N N 287 
LEU HD12 H N N 288 
LEU HD13 H N N 289 
LEU HD21 H N N 290 
LEU HD22 H N N 291 
LEU HD23 H N N 292 
LEU HXT  H N N 293 
LYS N    N N N 294 
LYS CA   C N S 295 
LYS C    C N N 296 
LYS O    O N N 297 
LYS CB   C N N 298 
LYS CG   C N N 299 
LYS CD   C N N 300 
LYS CE   C N N 301 
LYS NZ   N N N 302 
LYS OXT  O N N 303 
LYS H    H N N 304 
LYS H2   H N N 305 
LYS HA   H N N 306 
LYS HB2  H N N 307 
LYS HB3  H N N 308 
LYS HG2  H N N 309 
LYS HG3  H N N 310 
LYS HD2  H N N 311 
LYS HD3  H N N 312 
LYS HE2  H N N 313 
LYS HE3  H N N 314 
LYS HZ1  H N N 315 
LYS HZ2  H N N 316 
LYS HZ3  H N N 317 
LYS HXT  H N N 318 
MET N    N N N 319 
MET CA   C N S 320 
MET C    C N N 321 
MET O    O N N 322 
MET CB   C N N 323 
MET CG   C N N 324 
MET SD   S N N 325 
MET CE   C N N 326 
MET OXT  O N N 327 
MET H    H N N 328 
MET H2   H N N 329 
MET HA   H N N 330 
MET HB2  H N N 331 
MET HB3  H N N 332 
MET HG2  H N N 333 
MET HG3  H N N 334 
MET HE1  H N N 335 
MET HE2  H N N 336 
MET HE3  H N N 337 
MET HXT  H N N 338 
PHE N    N N N 339 
PHE CA   C N S 340 
PHE C    C N N 341 
PHE O    O N N 342 
PHE CB   C N N 343 
PHE CG   C Y N 344 
PHE CD1  C Y N 345 
PHE CD2  C Y N 346 
PHE CE1  C Y N 347 
PHE CE2  C Y N 348 
PHE CZ   C Y N 349 
PHE OXT  O N N 350 
PHE H    H N N 351 
PHE H2   H N N 352 
PHE HA   H N N 353 
PHE HB2  H N N 354 
PHE HB3  H N N 355 
PHE HD1  H N N 356 
PHE HD2  H N N 357 
PHE HE1  H N N 358 
PHE HE2  H N N 359 
PHE HZ   H N N 360 
PHE HXT  H N N 361 
PRO N    N N N 362 
PRO CA   C N S 363 
PRO C    C N N 364 
PRO O    O N N 365 
PRO CB   C N N 366 
PRO CG   C N N 367 
PRO CD   C N N 368 
PRO OXT  O N N 369 
PRO H    H N N 370 
PRO HA   H N N 371 
PRO HB2  H N N 372 
PRO HB3  H N N 373 
PRO HG2  H N N 374 
PRO HG3  H N N 375 
PRO HD2  H N N 376 
PRO HD3  H N N 377 
PRO HXT  H N N 378 
SER N    N N N 379 
SER CA   C N S 380 
SER C    C N N 381 
SER O    O N N 382 
SER CB   C N N 383 
SER OG   O N N 384 
SER OXT  O N N 385 
SER H    H N N 386 
SER H2   H N N 387 
SER HA   H N N 388 
SER HB2  H N N 389 
SER HB3  H N N 390 
SER HG   H N N 391 
SER HXT  H N N 392 
THR N    N N N 393 
THR CA   C N S 394 
THR C    C N N 395 
THR O    O N N 396 
THR CB   C N R 397 
THR OG1  O N N 398 
THR CG2  C N N 399 
THR OXT  O N N 400 
THR H    H N N 401 
THR H2   H N N 402 
THR HA   H N N 403 
THR HB   H N N 404 
THR HG1  H N N 405 
THR HG21 H N N 406 
THR HG22 H N N 407 
THR HG23 H N N 408 
THR HXT  H N N 409 
TRP N    N N N 410 
TRP CA   C N S 411 
TRP C    C N N 412 
TRP O    O N N 413 
TRP CB   C N N 414 
TRP CG   C Y N 415 
TRP CD1  C Y N 416 
TRP CD2  C Y N 417 
TRP NE1  N Y N 418 
TRP CE2  C Y N 419 
TRP CE3  C Y N 420 
TRP CZ2  C Y N 421 
TRP CZ3  C Y N 422 
TRP CH2  C Y N 423 
TRP OXT  O N N 424 
TRP H    H N N 425 
TRP H2   H N N 426 
TRP HA   H N N 427 
TRP HB2  H N N 428 
TRP HB3  H N N 429 
TRP HD1  H N N 430 
TRP HE1  H N N 431 
TRP HE3  H N N 432 
TRP HZ2  H N N 433 
TRP HZ3  H N N 434 
TRP HH2  H N N 435 
TRP HXT  H N N 436 
TYR N    N N N 437 
TYR CA   C N S 438 
TYR C    C N N 439 
TYR O    O N N 440 
TYR CB   C N N 441 
TYR CG   C Y N 442 
TYR CD1  C Y N 443 
TYR CD2  C Y N 444 
TYR CE1  C Y N 445 
TYR CE2  C Y N 446 
TYR CZ   C Y N 447 
TYR OH   O N N 448 
TYR OXT  O N N 449 
TYR H    H N N 450 
TYR H2   H N N 451 
TYR HA   H N N 452 
TYR HB2  H N N 453 
TYR HB3  H N N 454 
TYR HD1  H N N 455 
TYR HD2  H N N 456 
TYR HE1  H N N 457 
TYR HE2  H N N 458 
TYR HH   H N N 459 
TYR HXT  H N N 460 
VAL N    N N N 461 
VAL CA   C N S 462 
VAL C    C N N 463 
VAL O    O N N 464 
VAL CB   C N N 465 
VAL CG1  C N N 466 
VAL CG2  C N N 467 
VAL OXT  O N N 468 
VAL H    H N N 469 
VAL H2   H N N 470 
VAL HA   H N N 471 
VAL HB   H N N 472 
VAL HG11 H N N 473 
VAL HG12 H N N 474 
VAL HG13 H N N 475 
VAL HG21 H N N 476 
VAL HG22 H N N 477 
VAL HG23 H N N 478 
VAL HXT  H N N 479 
# 
loop_
_chem_comp_bond.comp_id 
_chem_comp_bond.atom_id_1 
_chem_comp_bond.atom_id_2 
_chem_comp_bond.value_order 
_chem_comp_bond.pdbx_aromatic_flag 
_chem_comp_bond.pdbx_stereo_config 
_chem_comp_bond.pdbx_ordinal 
ACO N1A C2A  sing Y N 1   
ACO N1A C6A  doub Y N 2   
ACO C2A N3A  doub Y N 3   
ACO C2A H2A  sing N N 4   
ACO N3A C4A  sing Y N 5   
ACO C4A C5A  doub Y N 6   
ACO C4A N9A  sing Y N 7   
ACO C5A C6A  sing Y N 8   
ACO C5A N7A  sing Y N 9   
ACO C6A N6A  sing N N 10  
ACO N6A H61A sing N N 11  
ACO N6A H62A sing N N 12  
ACO N7A C8A  doub Y N 13  
ACO C8A N9A  sing Y N 14  
ACO C8A H8A  sing N N 15  
ACO N9A C1B  sing N N 16  
ACO C1B C2B  sing N N 17  
ACO C1B O4B  sing N N 18  
ACO C1B H1B  sing N N 19  
ACO C2B O2B  sing N N 20  
ACO C2B C3B  sing N N 21  
ACO C2B H2B  sing N N 22  
ACO O2B HO2A sing N N 23  
ACO C3B O3B  sing N N 24  
ACO C3B C4B  sing N N 25  
ACO C3B H3B  sing N N 26  
ACO O3B P3B  sing N N 27  
ACO P3B O7A  doub N N 28  
ACO P3B O8A  sing N N 29  
ACO P3B O9A  sing N N 30  
ACO O8A HOA8 sing N N 31  
ACO O9A HOA9 sing N N 32  
ACO C4B O4B  sing N N 33  
ACO C4B C5B  sing N N 34  
ACO C4B H4B  sing N N 35  
ACO C5B O5B  sing N N 36  
ACO C5B H51A sing N N 37  
ACO C5B H52A sing N N 38  
ACO O5B P1A  sing N N 39  
ACO P1A O1A  doub N N 40  
ACO P1A O2A  sing N N 41  
ACO P1A O3A  sing N N 42  
ACO O2A HOA2 sing N N 43  
ACO O3A P2A  sing N N 44  
ACO P2A O4A  doub N N 45  
ACO P2A O5A  sing N N 46  
ACO P2A O6A  sing N N 47  
ACO O5A HOA5 sing N N 48  
ACO O6A CCP  sing N N 49  
ACO CBP CCP  sing N N 50  
ACO CBP CDP  sing N N 51  
ACO CBP CEP  sing N N 52  
ACO CBP CAP  sing N N 53  
ACO CCP H121 sing N N 54  
ACO CCP H122 sing N N 55  
ACO CDP H131 sing N N 56  
ACO CDP H132 sing N N 57  
ACO CDP H133 sing N N 58  
ACO CEP H141 sing N N 59  
ACO CEP H142 sing N N 60  
ACO CEP H143 sing N N 61  
ACO CAP OAP  sing N N 62  
ACO CAP C9P  sing N N 63  
ACO CAP H10  sing N N 64  
ACO OAP HO1  sing N N 65  
ACO C9P O9P  doub N N 66  
ACO C9P N8P  sing N N 67  
ACO N8P C7P  sing N N 68  
ACO N8P HN8  sing N N 69  
ACO C7P C6P  sing N N 70  
ACO C7P H71  sing N N 71  
ACO C7P H72  sing N N 72  
ACO C6P C5P  sing N N 73  
ACO C6P H61  sing N N 74  
ACO C6P H62  sing N N 75  
ACO C5P O5P  doub N N 76  
ACO C5P N4P  sing N N 77  
ACO N4P C3P  sing N N 78  
ACO N4P HN4  sing N N 79  
ACO C3P C2P  sing N N 80  
ACO C3P H31  sing N N 81  
ACO C3P H32  sing N N 82  
ACO C2P S1P  sing N N 83  
ACO C2P H21  sing N N 84  
ACO C2P H22  sing N N 85  
ACO S1P C    sing N N 86  
ACO C   O    doub N N 87  
ACO C   CH3  sing N N 88  
ACO CH3 HH31 sing N N 89  
ACO CH3 HH32 sing N N 90  
ACO CH3 HH33 sing N N 91  
ALA N   CA   sing N N 92  
ALA N   H    sing N N 93  
ALA N   H2   sing N N 94  
ALA CA  C    sing N N 95  
ALA CA  CB   sing N N 96  
ALA CA  HA   sing N N 97  
ALA C   O    doub N N 98  
ALA C   OXT  sing N N 99  
ALA CB  HB1  sing N N 100 
ALA CB  HB2  sing N N 101 
ALA CB  HB3  sing N N 102 
ALA OXT HXT  sing N N 103 
ARG N   CA   sing N N 104 
ARG N   H    sing N N 105 
ARG N   H2   sing N N 106 
ARG CA  C    sing N N 107 
ARG CA  CB   sing N N 108 
ARG CA  HA   sing N N 109 
ARG C   O    doub N N 110 
ARG C   OXT  sing N N 111 
ARG CB  CG   sing N N 112 
ARG CB  HB2  sing N N 113 
ARG CB  HB3  sing N N 114 
ARG CG  CD   sing N N 115 
ARG CG  HG2  sing N N 116 
ARG CG  HG3  sing N N 117 
ARG CD  NE   sing N N 118 
ARG CD  HD2  sing N N 119 
ARG CD  HD3  sing N N 120 
ARG NE  CZ   sing N N 121 
ARG NE  HE   sing N N 122 
ARG CZ  NH1  sing N N 123 
ARG CZ  NH2  doub N N 124 
ARG NH1 HH11 sing N N 125 
ARG NH1 HH12 sing N N 126 
ARG NH2 HH21 sing N N 127 
ARG NH2 HH22 sing N N 128 
ARG OXT HXT  sing N N 129 
ASN N   CA   sing N N 130 
ASN N   H    sing N N 131 
ASN N   H2   sing N N 132 
ASN CA  C    sing N N 133 
ASN CA  CB   sing N N 134 
ASN CA  HA   sing N N 135 
ASN C   O    doub N N 136 
ASN C   OXT  sing N N 137 
ASN CB  CG   sing N N 138 
ASN CB  HB2  sing N N 139 
ASN CB  HB3  sing N N 140 
ASN CG  OD1  doub N N 141 
ASN CG  ND2  sing N N 142 
ASN ND2 HD21 sing N N 143 
ASN ND2 HD22 sing N N 144 
ASN OXT HXT  sing N N 145 
ASP N   CA   sing N N 146 
ASP N   H    sing N N 147 
ASP N   H2   sing N N 148 
ASP CA  C    sing N N 149 
ASP CA  CB   sing N N 150 
ASP CA  HA   sing N N 151 
ASP C   O    doub N N 152 
ASP C   OXT  sing N N 153 
ASP CB  CG   sing N N 154 
ASP CB  HB2  sing N N 155 
ASP CB  HB3  sing N N 156 
ASP CG  OD1  doub N N 157 
ASP CG  OD2  sing N N 158 
ASP OD2 HD2  sing N N 159 
ASP OXT HXT  sing N N 160 
CYS N   CA   sing N N 161 
CYS N   H    sing N N 162 
CYS N   H2   sing N N 163 
CYS CA  C    sing N N 164 
CYS CA  CB   sing N N 165 
CYS CA  HA   sing N N 166 
CYS C   O    doub N N 167 
CYS C   OXT  sing N N 168 
CYS CB  SG   sing N N 169 
CYS CB  HB2  sing N N 170 
CYS CB  HB3  sing N N 171 
CYS SG  HG   sing N N 172 
CYS OXT HXT  sing N N 173 
GLN N   CA   sing N N 174 
GLN N   H    sing N N 175 
GLN N   H2   sing N N 176 
GLN CA  C    sing N N 177 
GLN CA  CB   sing N N 178 
GLN CA  HA   sing N N 179 
GLN C   O    doub N N 180 
GLN C   OXT  sing N N 181 
GLN CB  CG   sing N N 182 
GLN CB  HB2  sing N N 183 
GLN CB  HB3  sing N N 184 
GLN CG  CD   sing N N 185 
GLN CG  HG2  sing N N 186 
GLN CG  HG3  sing N N 187 
GLN CD  OE1  doub N N 188 
GLN CD  NE2  sing N N 189 
GLN NE2 HE21 sing N N 190 
GLN NE2 HE22 sing N N 191 
GLN OXT HXT  sing N N 192 
GLU N   CA   sing N N 193 
GLU N   H    sing N N 194 
GLU N   H2   sing N N 195 
GLU CA  C    sing N N 196 
GLU CA  CB   sing N N 197 
GLU CA  HA   sing N N 198 
GLU C   O    doub N N 199 
GLU C   OXT  sing N N 200 
GLU CB  CG   sing N N 201 
GLU CB  HB2  sing N N 202 
GLU CB  HB3  sing N N 203 
GLU CG  CD   sing N N 204 
GLU CG  HG2  sing N N 205 
GLU CG  HG3  sing N N 206 
GLU CD  OE1  doub N N 207 
GLU CD  OE2  sing N N 208 
GLU OE2 HE2  sing N N 209 
GLU OXT HXT  sing N N 210 
GLY N   CA   sing N N 211 
GLY N   H    sing N N 212 
GLY N   H2   sing N N 213 
GLY CA  C    sing N N 214 
GLY CA  HA2  sing N N 215 
GLY CA  HA3  sing N N 216 
GLY C   O    doub N N 217 
GLY C   OXT  sing N N 218 
GLY OXT HXT  sing N N 219 
HIS N   CA   sing N N 220 
HIS N   H    sing N N 221 
HIS N   H2   sing N N 222 
HIS CA  C    sing N N 223 
HIS CA  CB   sing N N 224 
HIS CA  HA   sing N N 225 
HIS C   O    doub N N 226 
HIS C   OXT  sing N N 227 
HIS CB  CG   sing N N 228 
HIS CB  HB2  sing N N 229 
HIS CB  HB3  sing N N 230 
HIS CG  ND1  sing Y N 231 
HIS CG  CD2  doub Y N 232 
HIS ND1 CE1  doub Y N 233 
HIS ND1 HD1  sing N N 234 
HIS CD2 NE2  sing Y N 235 
HIS CD2 HD2  sing N N 236 
HIS CE1 NE2  sing Y N 237 
HIS CE1 HE1  sing N N 238 
HIS NE2 HE2  sing N N 239 
HIS OXT HXT  sing N N 240 
HOH O   H1   sing N N 241 
HOH O   H2   sing N N 242 
ILE N   CA   sing N N 243 
ILE N   H    sing N N 244 
ILE N   H2   sing N N 245 
ILE CA  C    sing N N 246 
ILE CA  CB   sing N N 247 
ILE CA  HA   sing N N 248 
ILE C   O    doub N N 249 
ILE C   OXT  sing N N 250 
ILE CB  CG1  sing N N 251 
ILE CB  CG2  sing N N 252 
ILE CB  HB   sing N N 253 
ILE CG1 CD1  sing N N 254 
ILE CG1 HG12 sing N N 255 
ILE CG1 HG13 sing N N 256 
ILE CG2 HG21 sing N N 257 
ILE CG2 HG22 sing N N 258 
ILE CG2 HG23 sing N N 259 
ILE CD1 HD11 sing N N 260 
ILE CD1 HD12 sing N N 261 
ILE CD1 HD13 sing N N 262 
ILE OXT HXT  sing N N 263 
LEU N   CA   sing N N 264 
LEU N   H    sing N N 265 
LEU N   H2   sing N N 266 
LEU CA  C    sing N N 267 
LEU CA  CB   sing N N 268 
LEU CA  HA   sing N N 269 
LEU C   O    doub N N 270 
LEU C   OXT  sing N N 271 
LEU CB  CG   sing N N 272 
LEU CB  HB2  sing N N 273 
LEU CB  HB3  sing N N 274 
LEU CG  CD1  sing N N 275 
LEU CG  CD2  sing N N 276 
LEU CG  HG   sing N N 277 
LEU CD1 HD11 sing N N 278 
LEU CD1 HD12 sing N N 279 
LEU CD1 HD13 sing N N 280 
LEU CD2 HD21 sing N N 281 
LEU CD2 HD22 sing N N 282 
LEU CD2 HD23 sing N N 283 
LEU OXT HXT  sing N N 284 
LYS N   CA   sing N N 285 
LYS N   H    sing N N 286 
LYS N   H2   sing N N 287 
LYS CA  C    sing N N 288 
LYS CA  CB   sing N N 289 
LYS CA  HA   sing N N 290 
LYS C   O    doub N N 291 
LYS C   OXT  sing N N 292 
LYS CB  CG   sing N N 293 
LYS CB  HB2  sing N N 294 
LYS CB  HB3  sing N N 295 
LYS CG  CD   sing N N 296 
LYS CG  HG2  sing N N 297 
LYS CG  HG3  sing N N 298 
LYS CD  CE   sing N N 299 
LYS CD  HD2  sing N N 300 
LYS CD  HD3  sing N N 301 
LYS CE  NZ   sing N N 302 
LYS CE  HE2  sing N N 303 
LYS CE  HE3  sing N N 304 
LYS NZ  HZ1  sing N N 305 
LYS NZ  HZ2  sing N N 306 
LYS NZ  HZ3  sing N N 307 
LYS OXT HXT  sing N N 308 
MET N   CA   sing N N 309 
MET N   H    sing N N 310 
MET N   H2   sing N N 311 
MET CA  C    sing N N 312 
MET CA  CB   sing N N 313 
MET CA  HA   sing N N 314 
MET C   O    doub N N 315 
MET C   OXT  sing N N 316 
MET CB  CG   sing N N 317 
MET CB  HB2  sing N N 318 
MET CB  HB3  sing N N 319 
MET CG  SD   sing N N 320 
MET CG  HG2  sing N N 321 
MET CG  HG3  sing N N 322 
MET SD  CE   sing N N 323 
MET CE  HE1  sing N N 324 
MET CE  HE2  sing N N 325 
MET CE  HE3  sing N N 326 
MET OXT HXT  sing N N 327 
PHE N   CA   sing N N 328 
PHE N   H    sing N N 329 
PHE N   H2   sing N N 330 
PHE CA  C    sing N N 331 
PHE CA  CB   sing N N 332 
PHE CA  HA   sing N N 333 
PHE C   O    doub N N 334 
PHE C   OXT  sing N N 335 
PHE CB  CG   sing N N 336 
PHE CB  HB2  sing N N 337 
PHE CB  HB3  sing N N 338 
PHE CG  CD1  doub Y N 339 
PHE CG  CD2  sing Y N 340 
PHE CD1 CE1  sing Y N 341 
PHE CD1 HD1  sing N N 342 
PHE CD2 CE2  doub Y N 343 
PHE CD2 HD2  sing N N 344 
PHE CE1 CZ   doub Y N 345 
PHE CE1 HE1  sing N N 346 
PHE CE2 CZ   sing Y N 347 
PHE CE2 HE2  sing N N 348 
PHE CZ  HZ   sing N N 349 
PHE OXT HXT  sing N N 350 
PRO N   CA   sing N N 351 
PRO N   CD   sing N N 352 
PRO N   H    sing N N 353 
PRO CA  C    sing N N 354 
PRO CA  CB   sing N N 355 
PRO CA  HA   sing N N 356 
PRO C   O    doub N N 357 
PRO C   OXT  sing N N 358 
PRO CB  CG   sing N N 359 
PRO CB  HB2  sing N N 360 
PRO CB  HB3  sing N N 361 
PRO CG  CD   sing N N 362 
PRO CG  HG2  sing N N 363 
PRO CG  HG3  sing N N 364 
PRO CD  HD2  sing N N 365 
PRO CD  HD3  sing N N 366 
PRO OXT HXT  sing N N 367 
SER N   CA   sing N N 368 
SER N   H    sing N N 369 
SER N   H2   sing N N 370 
SER CA  C    sing N N 371 
SER CA  CB   sing N N 372 
SER CA  HA   sing N N 373 
SER C   O    doub N N 374 
SER C   OXT  sing N N 375 
SER CB  OG   sing N N 376 
SER CB  HB2  sing N N 377 
SER CB  HB3  sing N N 378 
SER OG  HG   sing N N 379 
SER OXT HXT  sing N N 380 
THR N   CA   sing N N 381 
THR N   H    sing N N 382 
THR N   H2   sing N N 383 
THR CA  C    sing N N 384 
THR CA  CB   sing N N 385 
THR CA  HA   sing N N 386 
THR C   O    doub N N 387 
THR C   OXT  sing N N 388 
THR CB  OG1  sing N N 389 
THR CB  CG2  sing N N 390 
THR CB  HB   sing N N 391 
THR OG1 HG1  sing N N 392 
THR CG2 HG21 sing N N 393 
THR CG2 HG22 sing N N 394 
THR CG2 HG23 sing N N 395 
THR OXT HXT  sing N N 396 
TRP N   CA   sing N N 397 
TRP N   H    sing N N 398 
TRP N   H2   sing N N 399 
TRP CA  C    sing N N 400 
TRP CA  CB   sing N N 401 
TRP CA  HA   sing N N 402 
TRP C   O    doub N N 403 
TRP C   OXT  sing N N 404 
TRP CB  CG   sing N N 405 
TRP CB  HB2  sing N N 406 
TRP CB  HB3  sing N N 407 
TRP CG  CD1  doub Y N 408 
TRP CG  CD2  sing Y N 409 
TRP CD1 NE1  sing Y N 410 
TRP CD1 HD1  sing N N 411 
TRP CD2 CE2  doub Y N 412 
TRP CD2 CE3  sing Y N 413 
TRP NE1 CE2  sing Y N 414 
TRP NE1 HE1  sing N N 415 
TRP CE2 CZ2  sing Y N 416 
TRP CE3 CZ3  doub Y N 417 
TRP CE3 HE3  sing N N 418 
TRP CZ2 CH2  doub Y N 419 
TRP CZ2 HZ2  sing N N 420 
TRP CZ3 CH2  sing Y N 421 
TRP CZ3 HZ3  sing N N 422 
TRP CH2 HH2  sing N N 423 
TRP OXT HXT  sing N N 424 
TYR N   CA   sing N N 425 
TYR N   H    sing N N 426 
TYR N   H2   sing N N 427 
TYR CA  C    sing N N 428 
TYR CA  CB   sing N N 429 
TYR CA  HA   sing N N 430 
TYR C   O    doub N N 431 
TYR C   OXT  sing N N 432 
TYR CB  CG   sing N N 433 
TYR CB  HB2  sing N N 434 
TYR CB  HB3  sing N N 435 
TYR CG  CD1  doub Y N 436 
TYR CG  CD2  sing Y N 437 
TYR CD1 CE1  sing Y N 438 
TYR CD1 HD1  sing N N 439 
TYR CD2 CE2  doub Y N 440 
TYR CD2 HD2  sing N N 441 
TYR CE1 CZ   doub Y N 442 
TYR CE1 HE1  sing N N 443 
TYR CE2 CZ   sing Y N 444 
TYR CE2 HE2  sing N N 445 
TYR CZ  OH   sing N N 446 
TYR OH  HH   sing N N 447 
TYR OXT HXT  sing N N 448 
VAL N   CA   sing N N 449 
VAL N   H    sing N N 450 
VAL N   H2   sing N N 451 
VAL CA  C    sing N N 452 
VAL CA  CB   sing N N 453 
VAL CA  HA   sing N N 454 
VAL C   O    doub N N 455 
VAL C   OXT  sing N N 456 
VAL CB  CG1  sing N N 457 
VAL CB  CG2  sing N N 458 
VAL CB  HB   sing N N 459 
VAL CG1 HG11 sing N N 460 
VAL CG1 HG12 sing N N 461 
VAL CG1 HG13 sing N N 462 
VAL CG2 HG21 sing N N 463 
VAL CG2 HG22 sing N N 464 
VAL CG2 HG23 sing N N 465 
VAL OXT HXT  sing N N 466 
# 
_atom_sites.entry_id                    1QSR 
_atom_sites.fract_transf_matrix[1][1]   0.00457305 
_atom_sites.fract_transf_matrix[1][2]   -0.01118004 
_atom_sites.fract_transf_matrix[1][3]   -0.01325870 
_atom_sites.fract_transf_matrix[2][1]   0.00348488 
_atom_sites.fract_transf_matrix[2][2]   0.00645064 
_atom_sites.fract_transf_matrix[2][3]   -0.01636902 
_atom_sites.fract_transf_matrix[3][1]   0.00989121 
_atom_sites.fract_transf_matrix[3][2]   0.00105535 
_atom_sites.fract_transf_matrix[3][3]   0.00252168 
_atom_sites.fract_transf_vector[1]      0.735185 
_atom_sites.fract_transf_vector[2]      0.270887 
_atom_sites.fract_transf_vector[3]      0.569245 
# 
loop_
_atom_type.symbol 
C 
N 
O 
P 
S 
# 
loop_
_atom_site.group_PDB 
_atom_site.id 
_atom_site.type_symbol 
_atom_site.label_atom_id 
_atom_site.label_alt_id 
_atom_site.label_comp_id 
_atom_site.label_asym_id 
_atom_site.label_entity_id 
_atom_site.label_seq_id 
_atom_site.pdbx_PDB_ins_code 
_atom_site.Cartn_x 
_atom_site.Cartn_y 
_atom_site.Cartn_z 
_atom_site.occupancy 
_atom_site.B_iso_or_equiv 
_atom_site.pdbx_formal_charge 
_atom_site.auth_seq_id 
_atom_site.auth_comp_id 
_atom_site.auth_asym_id 
_atom_site.auth_atom_id 
_atom_site.pdbx_PDB_model_num 
ATOM   1    N N   . LEU A 1 1   ? -5.364  -17.739 -5.931  1.00 46.50 ? 49  LEU A N   1 
ATOM   2    C CA  . LEU A 1 1   ? -4.786  -16.382 -5.706  1.00 45.46 ? 49  LEU A CA  1 
ATOM   3    C C   . LEU A 1 1   ? -5.685  -15.568 -4.776  1.00 44.59 ? 49  LEU A C   1 
ATOM   4    O O   . LEU A 1 1   ? -6.785  -15.178 -5.157  1.00 44.98 ? 49  LEU A O   1 
ATOM   5    C CB  . LEU A 1 1   ? -4.639  -15.657 -7.046  1.00 46.75 ? 49  LEU A CB  1 
ATOM   6    C CG  . LEU A 1 1   ? -3.673  -14.473 -7.124  1.00 46.86 ? 49  LEU A CG  1 
ATOM   7    C CD1 . LEU A 1 1   ? -2.256  -14.947 -6.832  1.00 46.66 ? 49  LEU A CD1 1 
ATOM   8    C CD2 . LEU A 1 1   ? -3.741  -13.856 -8.506  1.00 48.27 ? 49  LEU A CD2 1 
ATOM   9    N N   . ASP A 1 2   ? -5.215  -15.320 -3.557  1.00 43.18 ? 50  ASP A N   1 
ATOM   10   C CA  . ASP A 1 2   ? -5.983  -14.551 -2.580  1.00 42.54 ? 50  ASP A CA  1 
ATOM   11   C C   . ASP A 1 2   ? -5.352  -13.205 -2.257  1.00 40.49 ? 50  ASP A C   1 
ATOM   12   O O   . ASP A 1 2   ? -4.148  -13.022 -2.401  1.00 40.60 ? 50  ASP A O   1 
ATOM   13   C CB  . ASP A 1 2   ? -6.130  -15.329 -1.269  1.00 44.24 ? 50  ASP A CB  1 
ATOM   14   C CG  . ASP A 1 2   ? -6.860  -16.638 -1.446  1.00 46.57 ? 50  ASP A CG  1 
ATOM   15   O OD1 . ASP A 1 2   ? -6.224  -17.623 -1.876  1.00 48.79 ? 50  ASP A OD1 1 
ATOM   16   O OD2 . ASP A 1 2   ? -8.074  -16.675 -1.161  1.00 48.04 ? 50  ASP A OD2 1 
ATOM   17   N N   . PHE A 1 3   ? -6.181  -12.266 -1.819  1.00 38.71 ? 51  PHE A N   1 
ATOM   18   C CA  . PHE A 1 3   ? -5.712  -10.940 -1.430  1.00 38.40 ? 51  PHE A CA  1 
ATOM   19   C C   . PHE A 1 3   ? -6.179  -10.761 0.008   1.00 38.22 ? 51  PHE A C   1 
ATOM   20   O O   . PHE A 1 3   ? -7.289  -10.293 0.254   1.00 38.99 ? 51  PHE A O   1 
ATOM   21   C CB  . PHE A 1 3   ? -6.316  -9.849  -2.328  1.00 37.16 ? 51  PHE A CB  1 
ATOM   22   C CG  . PHE A 1 3   ? -5.939  -9.980  -3.775  1.00 36.32 ? 51  PHE A CG  1 
ATOM   23   C CD1 . PHE A 1 3   ? -6.620  -10.863 -4.612  1.00 36.15 ? 51  PHE A CD1 1 
ATOM   24   C CD2 . PHE A 1 3   ? -4.864  -9.263  -4.291  1.00 36.19 ? 51  PHE A CD2 1 
ATOM   25   C CE1 . PHE A 1 3   ? -6.230  -11.032 -5.946  1.00 35.07 ? 51  PHE A CE1 1 
ATOM   26   C CE2 . PHE A 1 3   ? -4.465  -9.424  -5.623  1.00 37.68 ? 51  PHE A CE2 1 
ATOM   27   C CZ  . PHE A 1 3   ? -5.151  -10.316 -6.450  1.00 35.64 ? 51  PHE A CZ  1 
ATOM   28   N N   . ASP A 1 4   ? -5.329  -11.143 0.958   1.00 36.87 ? 52  ASP A N   1 
ATOM   29   C CA  . ASP A 1 4   ? -5.693  -11.055 2.365   1.00 35.47 ? 52  ASP A CA  1 
ATOM   30   C C   . ASP A 1 4   ? -4.961  -9.991  3.162   1.00 33.62 ? 52  ASP A C   1 
ATOM   31   O O   . ASP A 1 4   ? -3.806  -9.681  2.891   1.00 31.09 ? 52  ASP A O   1 
ATOM   32   C CB  . ASP A 1 4   ? -5.476  -12.409 3.033   1.00 37.09 ? 52  ASP A CB  1 
ATOM   33   C CG  . ASP A 1 4   ? -6.080  -13.551 2.238   1.00 38.97 ? 52  ASP A CG  1 
ATOM   34   O OD1 . ASP A 1 4   ? -7.194  -13.385 1.699   1.00 39.90 ? 52  ASP A OD1 1 
ATOM   35   O OD2 . ASP A 1 4   ? -5.440  -14.617 2.155   1.00 40.76 ? 52  ASP A OD2 1 
ATOM   36   N N   . ILE A 1 5   ? -5.657  -9.433  4.148   1.00 33.65 ? 53  ILE A N   1 
ATOM   37   C CA  . ILE A 1 5   ? -5.085  -8.422  5.028   1.00 34.94 ? 53  ILE A CA  1 
ATOM   38   C C   . ILE A 1 5   ? -4.309  -9.203  6.087   1.00 35.81 ? 53  ILE A C   1 
ATOM   39   O O   . ILE A 1 5   ? -4.880  -10.037 6.788   1.00 34.38 ? 53  ILE A O   1 
ATOM   40   C CB  . ILE A 1 5   ? -6.183  -7.598  5.727   1.00 35.45 ? 53  ILE A CB  1 
ATOM   41   C CG1 . ILE A 1 5   ? -7.050  -6.883  4.688   1.00 37.08 ? 53  ILE A CG1 1 
ATOM   42   C CG2 . ILE A 1 5   ? -5.546  -6.601  6.689   1.00 37.43 ? 53  ILE A CG2 1 
ATOM   43   C CD1 . ILE A 1 5   ? -6.304  -5.878  3.851   1.00 39.91 ? 53  ILE A CD1 1 
ATOM   44   N N   . LEU A 1 6   ? -3.011  -8.947  6.186   1.00 36.73 ? 54  LEU A N   1 
ATOM   45   C CA  . LEU A 1 6   ? -2.167  -9.649  7.143   1.00 40.35 ? 54  LEU A CA  1 
ATOM   46   C C   . LEU A 1 6   ? -2.025  -8.905  8.455   1.00 42.22 ? 54  LEU A C   1 
ATOM   47   O O   . LEU A 1 6   ? -1.590  -7.752  8.494   1.00 41.15 ? 54  LEU A O   1 
ATOM   48   C CB  . LEU A 1 6   ? -0.778  -9.902  6.545   1.00 41.99 ? 54  LEU A CB  1 
ATOM   49   C CG  . LEU A 1 6   ? -0.526  -11.279 5.926   1.00 43.36 ? 54  LEU A CG  1 
ATOM   50   C CD1 . LEU A 1 6   ? -0.453  -12.335 7.017   1.00 44.68 ? 54  LEU A CD1 1 
ATOM   51   C CD2 . LEU A 1 6   ? -1.636  -11.606 4.951   1.00 46.15 ? 54  LEU A CD2 1 
ATOM   52   N N   . THR A 1 7   ? -2.395  -9.588  9.529   1.00 44.00 ? 55  THR A N   1 
ATOM   53   C CA  . THR A 1 7   ? -2.316  -9.030  10.867  1.00 45.50 ? 55  THR A CA  1 
ATOM   54   C C   . THR A 1 7   ? -1.077  -9.542  11.604  1.00 44.46 ? 55  THR A C   1 
ATOM   55   O O   . THR A 1 7   ? -0.762  -10.726 11.573  1.00 44.66 ? 55  THR A O   1 
ATOM   56   C CB  . THR A 1 7   ? -3.572  -9.385  11.693  1.00 46.22 ? 55  THR A CB  1 
ATOM   57   O OG1 . THR A 1 7   ? -3.788  -10.800 11.643  1.00 47.71 ? 55  THR A OG1 1 
ATOM   58   C CG2 . THR A 1 7   ? -4.802  -8.669  11.143  1.00 47.05 ? 55  THR A CG2 1 
ATOM   59   N N   . ASN A 1 8   ? -0.372  -8.622  12.245  1.00 44.28 ? 56  ASN A N   1 
ATOM   60   C CA  . ASN A 1 8   ? 0.815   -8.947  13.016  1.00 43.83 ? 56  ASN A CA  1 
ATOM   61   C C   . ASN A 1 8   ? 0.292   -9.411  14.376  1.00 41.97 ? 56  ASN A C   1 
ATOM   62   O O   . ASN A 1 8   ? 0.291   -8.656  15.346  1.00 41.43 ? 56  ASN A O   1 
ATOM   63   C CB  . ASN A 1 8   ? 1.673   -7.692  13.168  1.00 46.78 ? 56  ASN A CB  1 
ATOM   64   C CG  . ASN A 1 8   ? 2.898   -7.914  14.032  1.00 49.44 ? 56  ASN A CG  1 
ATOM   65   O OD1 . ASN A 1 8   ? 3.645   -6.976  14.302  1.00 52.70 ? 56  ASN A OD1 1 
ATOM   66   N ND2 . ASN A 1 8   ? 3.114   -9.151  14.468  1.00 50.53 ? 56  ASN A ND2 1 
ATOM   67   N N   . ASP A 1 9   ? -0.168  -10.654 14.433  1.00 38.45 ? 57  ASP A N   1 
ATOM   68   C CA  . ASP A 1 9   ? -0.724  -11.197 15.658  1.00 37.49 ? 57  ASP A CA  1 
ATOM   69   C C   . ASP A 1 9   ? 0.255   -12.040 16.478  1.00 36.08 ? 57  ASP A C   1 
ATOM   70   O O   . ASP A 1 9   ? -0.132  -12.644 17.479  1.00 35.78 ? 57  ASP A O   1 
ATOM   71   C CB  . ASP A 1 9   ? -1.978  -12.013 15.333  1.00 37.35 ? 57  ASP A CB  1 
ATOM   72   C CG  . ASP A 1 9   ? -1.704  -13.154 14.374  1.00 37.80 ? 57  ASP A CG  1 
ATOM   73   O OD1 . ASP A 1 9   ? -0.528  -13.370 14.011  1.00 36.55 ? 57  ASP A OD1 1 
ATOM   74   O OD2 . ASP A 1 9   ? -2.673  -13.843 13.988  1.00 38.92 ? 57  ASP A OD2 1 
ATOM   75   N N   . GLY A 1 10  ? 1.514   -12.080 16.053  1.00 34.27 ? 58  GLY A N   1 
ATOM   76   C CA  . GLY A 1 10  ? 2.509   -12.844 16.783  1.00 32.49 ? 58  GLY A CA  1 
ATOM   77   C C   . GLY A 1 10  ? 2.501   -14.348 16.565  1.00 32.82 ? 58  GLY A C   1 
ATOM   78   O O   . GLY A 1 10  ? 3.133   -15.080 17.331  1.00 31.40 ? 58  GLY A O   1 
ATOM   79   N N   . THR A 1 11  ? 1.793   -14.821 15.540  1.00 31.82 ? 59  THR A N   1 
ATOM   80   C CA  . THR A 1 11  ? 1.757   -16.253 15.248  1.00 31.40 ? 59  THR A CA  1 
ATOM   81   C C   . THR A 1 11  ? 2.827   -16.574 14.202  1.00 29.91 ? 59  THR A C   1 
ATOM   82   O O   . THR A 1 11  ? 3.204   -15.715 13.406  1.00 28.51 ? 59  THR A O   1 
ATOM   83   C CB  . THR A 1 11  ? 0.379   -16.705 14.702  1.00 33.08 ? 59  THR A CB  1 
ATOM   84   O OG1 . THR A 1 11  ? 0.153   -16.131 13.405  1.00 33.18 ? 59  THR A OG1 1 
ATOM   85   C CG2 . THR A 1 11  ? -0.734  -16.272 15.649  1.00 32.91 ? 59  THR A CG2 1 
ATOM   86   N N   . HIS A 1 12  ? 3.327   -17.803 14.212  1.00 28.35 ? 60  HIS A N   1 
ATOM   87   C CA  . HIS A 1 12  ? 4.352   -18.203 13.260  1.00 29.37 ? 60  HIS A CA  1 
ATOM   88   C C   . HIS A 1 12  ? 3.886   -18.005 11.807  1.00 29.93 ? 60  HIS A C   1 
ATOM   89   O O   . HIS A 1 12  ? 4.651   -17.532 10.972  1.00 29.75 ? 60  HIS A O   1 
ATOM   90   C CB  . HIS A 1 12  ? 4.732   -19.673 13.479  1.00 30.72 ? 60  HIS A CB  1 
ATOM   91   C CG  . HIS A 1 12  ? 5.420   -19.941 14.782  1.00 30.82 ? 60  HIS A CG  1 
ATOM   92   N ND1 . HIS A 1 12  ? 6.710   -19.528 15.044  1.00 31.89 ? 60  HIS A ND1 1 
ATOM   93   C CD2 . HIS A 1 12  ? 5.008   -20.606 15.888  1.00 30.93 ? 60  HIS A CD2 1 
ATOM   94   C CE1 . HIS A 1 12  ? 7.063   -19.930 16.252  1.00 31.37 ? 60  HIS A CE1 1 
ATOM   95   N NE2 . HIS A 1 12  ? 6.048   -20.587 16.785  1.00 31.37 ? 60  HIS A NE2 1 
ATOM   96   N N   . ARG A 1 13  ? 2.634   -18.348 11.514  1.00 31.46 ? 61  ARG A N   1 
ATOM   97   C CA  . ARG A 1 13  ? 2.112   -18.223 10.148  1.00 33.89 ? 61  ARG A CA  1 
ATOM   98   C C   . ARG A 1 13  ? 2.088   -16.804 9.583   1.00 32.70 ? 61  ARG A C   1 
ATOM   99   O O   . ARG A 1 13  ? 2.662   -16.547 8.521   1.00 30.63 ? 61  ARG A O   1 
ATOM   100  C CB  . ARG A 1 13  ? 0.701   -18.809 10.044  1.00 36.98 ? 61  ARG A CB  1 
ATOM   101  C CG  . ARG A 1 13  ? 0.075   -18.580 8.661   1.00 42.70 ? 61  ARG A CG  1 
ATOM   102  C CD  . ARG A 1 13  ? -1.302  -19.219 8.518   1.00 46.30 ? 61  ARG A CD  1 
ATOM   103  N NE  . ARG A 1 13  ? -1.903  -18.904 7.220   1.00 50.29 ? 61  ARG A NE  1 
ATOM   104  C CZ  . ARG A 1 13  ? -2.323  -17.692 6.860   1.00 51.69 ? 61  ARG A CZ  1 
ATOM   105  N NH1 . ARG A 1 13  ? -2.213  -16.672 7.702   1.00 52.08 ? 61  ARG A NH1 1 
ATOM   106  N NH2 . ARG A 1 13  ? -2.856  -17.496 5.658   1.00 51.89 ? 61  ARG A NH2 1 
ATOM   107  N N   . ASN A 1 14  ? 1.410   -15.892 10.273  1.00 31.51 ? 62  ASN A N   1 
ATOM   108  C CA  . ASN A 1 14  ? 1.333   -14.514 9.800   1.00 32.09 ? 62  ASN A CA  1 
ATOM   109  C C   . ASN A 1 14  ? 2.695   -13.845 9.827   1.00 31.14 ? 62  ASN A C   1 
ATOM   110  O O   . ASN A 1 14  ? 3.019   -13.057 8.947   1.00 29.94 ? 62  ASN A O   1 
ATOM   111  C CB  . ASN A 1 14  ? 0.328   -13.712 10.628  1.00 33.16 ? 62  ASN A CB  1 
ATOM   112  C CG  . ASN A 1 14  ? -1.104  -14.151 10.380  1.00 34.92 ? 62  ASN A CG  1 
ATOM   113  O OD1 . ASN A 1 14  ? -2.052  -13.540 10.871  1.00 39.19 ? 62  ASN A OD1 1 
ATOM   114  N ND2 . ASN A 1 14  ? -1.265  -15.214 9.611   1.00 35.15 ? 62  ASN A ND2 1 
ATOM   115  N N   . MET A 1 15  ? 3.499   -14.169 10.833  1.00 30.70 ? 63  MET A N   1 
ATOM   116  C CA  . MET A 1 15  ? 4.834   -13.601 10.949  1.00 32.51 ? 63  MET A CA  1 
ATOM   117  C C   . MET A 1 15  ? 5.697   -13.955 9.729   1.00 32.55 ? 63  MET A C   1 
ATOM   118  O O   . MET A 1 15  ? 6.380   -13.095 9.169   1.00 32.68 ? 63  MET A O   1 
ATOM   119  C CB  . MET A 1 15  ? 5.502   -14.110 12.222  1.00 34.86 ? 63  MET A CB  1 
ATOM   120  C CG  . MET A 1 15  ? 6.809   -13.435 12.528  1.00 39.04 ? 63  MET A CG  1 
ATOM   121  S SD  . MET A 1 15  ? 6.626   -11.645 12.656  1.00 42.68 ? 63  MET A SD  1 
ATOM   122  C CE  . MET A 1 15  ? 5.423   -11.503 14.019  1.00 42.63 ? 63  MET A CE  1 
ATOM   123  N N   . LYS A 1 16  ? 5.674   -15.221 9.323   1.00 32.15 ? 64  LYS A N   1 
ATOM   124  C CA  . LYS A 1 16  ? 6.451   -15.656 8.165   1.00 32.77 ? 64  LYS A CA  1 
ATOM   125  C C   . LYS A 1 16  ? 6.024   -14.882 6.916   1.00 32.02 ? 64  LYS A C   1 
ATOM   126  O O   . LYS A 1 16  ? 6.861   -14.435 6.137   1.00 32.23 ? 64  LYS A O   1 
ATOM   127  C CB  . LYS A 1 16  ? 6.249   -17.151 7.913   1.00 33.54 ? 64  LYS A CB  1 
ATOM   128  C CG  . LYS A 1 16  ? 6.948   -17.659 6.653   1.00 35.19 ? 64  LYS A CG  1 
ATOM   129  C CD  . LYS A 1 16  ? 6.578   -19.097 6.343   1.00 36.52 ? 64  LYS A CD  1 
ATOM   130  C CE  . LYS A 1 16  ? 7.335   -19.620 5.122   1.00 37.37 ? 64  LYS A CE  1 
ATOM   131  N NZ  . LYS A 1 16  ? 7.055   -18.833 3.883   1.00 38.73 ? 64  LYS A NZ  1 
ATOM   132  N N   . LEU A 1 17  ? 4.717   -14.735 6.736   1.00 31.43 ? 65  LEU A N   1 
ATOM   133  C CA  . LEU A 1 17  ? 4.180   -14.022 5.582   1.00 31.15 ? 65  LEU A CA  1 
ATOM   134  C C   . LEU A 1 17  ? 4.604   -12.558 5.548   1.00 30.58 ? 65  LEU A C   1 
ATOM   135  O O   . LEU A 1 17  ? 4.931   -12.035 4.480   1.00 30.98 ? 65  LEU A O   1 
ATOM   136  C CB  . LEU A 1 17  ? 2.654   -14.122 5.565   1.00 31.43 ? 65  LEU A CB  1 
ATOM   137  C CG  . LEU A 1 17  ? 2.094   -15.541 5.452   1.00 32.87 ? 65  LEU A CG  1 
ATOM   138  C CD1 . LEU A 1 17  ? 0.580   -15.489 5.472   1.00 33.44 ? 65  LEU A CD1 1 
ATOM   139  C CD2 . LEU A 1 17  ? 2.590   -16.192 4.161   1.00 33.79 ? 65  LEU A CD2 1 
ATOM   140  N N   . LEU A 1 18  ? 4.593   -11.897 6.705   1.00 29.52 ? 66  LEU A N   1 
ATOM   141  C CA  . LEU A 1 18  ? 5.001   -10.490 6.784   1.00 29.02 ? 66  LEU A CA  1 
ATOM   142  C C   . LEU A 1 18  ? 6.495   -10.350 6.494   1.00 28.68 ? 66  LEU A C   1 
ATOM   143  O O   . LEU A 1 18  ? 6.928   -9.369  5.879   1.00 26.70 ? 66  LEU A O   1 
ATOM   144  C CB  . LEU A 1 18  ? 4.686   -9.896  8.165   1.00 29.45 ? 66  LEU A CB  1 
ATOM   145  C CG  . LEU A 1 18  ? 3.266   -9.405  8.489   1.00 32.67 ? 66  LEU A CG  1 
ATOM   146  C CD1 . LEU A 1 18  ? 2.861   -8.304  7.527   1.00 31.93 ? 66  LEU A CD1 1 
ATOM   147  C CD2 . LEU A 1 18  ? 2.283   -10.537 8.404   1.00 34.93 ? 66  LEU A CD2 1 
ATOM   148  N N   . ILE A 1 19  ? 7.286   -11.322 6.945   1.00 28.05 ? 67  ILE A N   1 
ATOM   149  C CA  . ILE A 1 19  ? 8.727   -11.292 6.682   1.00 28.02 ? 67  ILE A CA  1 
ATOM   150  C C   . ILE A 1 19  ? 8.922   -11.468 5.175   1.00 27.62 ? 67  ILE A C   1 
ATOM   151  O O   . ILE A 1 19  ? 9.733   -10.777 4.553   1.00 27.15 ? 67  ILE A O   1 
ATOM   152  C CB  . ILE A 1 19  ? 9.477   -12.435 7.426   1.00 28.20 ? 67  ILE A CB  1 
ATOM   153  C CG1 . ILE A 1 19  ? 9.410   -12.197 8.939   1.00 29.44 ? 67  ILE A CG1 1 
ATOM   154  C CG2 . ILE A 1 19  ? 10.932  -12.506 6.954   1.00 25.95 ? 67  ILE A CG2 1 
ATOM   155  C CD1 . ILE A 1 19  ? 10.040  -13.299 9.766   1.00 30.94 ? 67  ILE A CD1 1 
ATOM   156  N N   . ASP A 1 20  ? 8.165   -12.398 4.595   1.00 27.72 ? 68  ASP A N   1 
ATOM   157  C CA  . ASP A 1 20  ? 8.239   -12.664 3.166   1.00 28.66 ? 68  ASP A CA  1 
ATOM   158  C C   . ASP A 1 20  ? 7.906   -11.391 2.387   1.00 28.87 ? 68  ASP A C   1 
ATOM   159  O O   . ASP A 1 20  ? 8.582   -11.047 1.419   1.00 29.32 ? 68  ASP A O   1 
ATOM   160  C CB  . ASP A 1 20  ? 7.267   -13.786 2.776   1.00 29.08 ? 68  ASP A CB  1 
ATOM   161  C CG  . ASP A 1 20  ? 7.737   -15.165 3.236   1.00 30.77 ? 68  ASP A CG  1 
ATOM   162  O OD1 . ASP A 1 20  ? 8.924   -15.310 3.596   1.00 30.34 ? 68  ASP A OD1 1 
ATOM   163  O OD2 . ASP A 1 20  ? 6.919   -16.110 3.218   1.00 30.74 ? 68  ASP A OD2 1 
ATOM   164  N N   . LEU A 1 21  ? 6.864   -10.689 2.818   1.00 28.64 ? 69  LEU A N   1 
ATOM   165  C CA  . LEU A 1 21  ? 6.456   -9.456  2.151   1.00 28.07 ? 69  LEU A CA  1 
ATOM   166  C C   . LEU A 1 21  ? 7.573   -8.422  2.306   1.00 28.00 ? 69  LEU A C   1 
ATOM   167  O O   . LEU A 1 21  ? 7.983   -7.777  1.337   1.00 29.26 ? 69  LEU A O   1 
ATOM   168  C CB  . LEU A 1 21  ? 5.165   -8.930  2.781   1.00 28.30 ? 69  LEU A CB  1 
ATOM   169  C CG  . LEU A 1 21  ? 4.127   -8.172  1.940   1.00 30.90 ? 69  LEU A CG  1 
ATOM   170  C CD1 . LEU A 1 21  ? 3.644   -6.982  2.755   1.00 29.21 ? 69  LEU A CD1 1 
ATOM   171  C CD2 . LEU A 1 21  ? 4.684   -7.731  0.592   1.00 27.68 ? 69  LEU A CD2 1 
ATOM   172  N N   . LYS A 1 22  ? 8.062   -8.280  3.536   1.00 26.21 ? 70  LYS A N   1 
ATOM   173  C CA  . LYS A 1 22  ? 9.131   -7.350  3.848   1.00 26.25 ? 70  LYS A CA  1 
ATOM   174  C C   . LYS A 1 22  ? 10.333  -7.567  2.937   1.00 26.84 ? 70  LYS A C   1 
ATOM   175  O O   . LYS A 1 22  ? 10.908  -6.607  2.437   1.00 25.42 ? 70  LYS A O   1 
ATOM   176  C CB  . LYS A 1 22  ? 9.540   -7.503  5.319   1.00 27.46 ? 70  LYS A CB  1 
ATOM   177  C CG  . LYS A 1 22  ? 10.745  -6.659  5.748   1.00 27.23 ? 70  LYS A CG  1 
ATOM   178  C CD  . LYS A 1 22  ? 12.055  -7.431  5.611   1.00 27.21 ? 70  LYS A CD  1 
ATOM   179  C CE  . LYS A 1 22  ? 12.071  -8.671  6.522   1.00 27.84 ? 70  LYS A CE  1 
ATOM   180  N NZ  . LYS A 1 22  ? 13.364  -9.423  6.458   1.00 26.85 ? 70  LYS A NZ  1 
ATOM   181  N N   . ASN A 1 23  ? 10.694  -8.830  2.704   1.00 27.15 ? 71  ASN A N   1 
ATOM   182  C CA  . ASN A 1 23  ? 11.830  -9.148  1.849   1.00 28.53 ? 71  ASN A CA  1 
ATOM   183  C C   . ASN A 1 23  ? 11.569  -8.791  0.389   1.00 28.27 ? 71  ASN A C   1 
ATOM   184  O O   . ASN A 1 23  ? 12.494  -8.433  -0.335  1.00 29.93 ? 71  ASN A O   1 
ATOM   185  C CB  . ASN A 1 23  ? 12.219  -10.630 1.988   1.00 28.07 ? 71  ASN A CB  1 
ATOM   186  C CG  . ASN A 1 23  ? 12.941  -10.912 3.298   1.00 29.77 ? 71  ASN A CG  1 
ATOM   187  O OD1 . ASN A 1 23  ? 13.692  -10.069 3.789   1.00 27.94 ? 71  ASN A OD1 1 
ATOM   188  N ND2 . ASN A 1 23  ? 12.725  -12.099 3.865   1.00 29.02 ? 71  ASN A ND2 1 
ATOM   189  N N   . ILE A 1 24  ? 10.314  -8.884  -0.042  1.00 28.06 ? 72  ILE A N   1 
ATOM   190  C CA  . ILE A 1 24  ? 9.967   -8.522  -1.415  1.00 28.64 ? 72  ILE A CA  1 
ATOM   191  C C   . ILE A 1 24  ? 10.116  -7.003  -1.569  1.00 28.58 ? 72  ILE A C   1 
ATOM   192  O O   . ILE A 1 24  ? 10.653  -6.524  -2.571  1.00 27.73 ? 72  ILE A O   1 
ATOM   193  C CB  . ILE A 1 24  ? 8.518   -8.929  -1.755  1.00 28.05 ? 72  ILE A CB  1 
ATOM   194  C CG1 . ILE A 1 24  ? 8.409   -10.454 -1.801  1.00 27.00 ? 72  ILE A CG1 1 
ATOM   195  C CG2 . ILE A 1 24  ? 8.106   -8.318  -3.095  1.00 28.83 ? 72  ILE A CG2 1 
ATOM   196  C CD1 . ILE A 1 24  ? 7.001   -10.966 -2.009  1.00 25.90 ? 72  ILE A CD1 1 
ATOM   197  N N   . PHE A 1 25  ? 9.639   -6.259  -0.568  1.00 27.56 ? 73  PHE A N   1 
ATOM   198  C CA  . PHE A 1 25  ? 9.728   -4.797  -0.561  1.00 27.95 ? 73  PHE A CA  1 
ATOM   199  C C   . PHE A 1 25  ? 11.187  -4.327  -0.659  1.00 29.43 ? 73  PHE A C   1 
ATOM   200  O O   . PHE A 1 25  ? 11.514  -3.450  -1.468  1.00 29.12 ? 73  PHE A O   1 
ATOM   201  C CB  . PHE A 1 25  ? 9.124   -4.219  0.729   1.00 25.52 ? 73  PHE A CB  1 
ATOM   202  C CG  . PHE A 1 25  ? 7.615   -4.219  0.770   1.00 26.26 ? 73  PHE A CG  1 
ATOM   203  C CD1 . PHE A 1 25  ? 6.948   -4.264  1.995   1.00 24.88 ? 73  PHE A CD1 1 
ATOM   204  C CD2 . PHE A 1 25  ? 6.856   -4.144  -0.397  1.00 26.37 ? 73  PHE A CD2 1 
ATOM   205  C CE1 . PHE A 1 25  ? 5.558   -4.237  2.061   1.00 23.74 ? 73  PHE A CE1 1 
ATOM   206  C CE2 . PHE A 1 25  ? 5.454   -4.113  -0.342  1.00 25.47 ? 73  PHE A CE2 1 
ATOM   207  C CZ  . PHE A 1 25  ? 4.806   -4.161  0.892   1.00 25.37 ? 73  PHE A CZ  1 
ATOM   208  N N   . SER A 1 26  ? 12.060  -4.902  0.169   1.00 29.28 ? 74  SER A N   1 
ATOM   209  C CA  . SER A 1 26  ? 13.469  -4.510  0.172   1.00 30.61 ? 74  SER A CA  1 
ATOM   210  C C   . SER A 1 26  ? 14.163  -4.847  -1.146  1.00 30.62 ? 74  SER A C   1 
ATOM   211  O O   . SER A 1 26  ? 15.066  -4.138  -1.575  1.00 31.61 ? 74  SER A O   1 
ATOM   212  C CB  . SER A 1 26  ? 14.216  -5.172  1.338   1.00 31.39 ? 74  SER A CB  1 
ATOM   213  O OG  . SER A 1 26  ? 14.113  -6.585  1.274   1.00 37.42 ? 74  SER A OG  1 
ATOM   214  N N   . ARG A 1 27  ? 13.729  -5.929  -1.781  1.00 31.36 ? 75  ARG A N   1 
ATOM   215  C CA  . ARG A 1 27  ? 14.287  -6.356  -3.062  1.00 32.96 ? 75  ARG A CA  1 
ATOM   216  C C   . ARG A 1 27  ? 13.861  -5.404  -4.178  1.00 31.86 ? 75  ARG A C   1 
ATOM   217  O O   . ARG A 1 27  ? 14.665  -5.032  -5.031  1.00 31.06 ? 75  ARG A O   1 
ATOM   218  C CB  . ARG A 1 27  ? 13.798  -7.766  -3.425  1.00 36.12 ? 75  ARG A CB  1 
ATOM   219  C CG  . ARG A 1 27  ? 14.287  -8.882  -2.518  1.00 41.27 ? 75  ARG A CG  1 
ATOM   220  C CD  . ARG A 1 27  ? 15.771  -9.123  -2.696  1.00 45.89 ? 75  ARG A CD  1 
ATOM   221  N NE  . ARG A 1 27  ? 16.107  -9.294  -4.105  1.00 50.88 ? 75  ARG A NE  1 
ATOM   222  C CZ  . ARG A 1 27  ? 17.326  -9.574  -4.554  1.00 53.66 ? 75  ARG A CZ  1 
ATOM   223  N NH1 . ARG A 1 27  ? 18.336  -9.717  -3.701  1.00 54.75 ? 75  ARG A NH1 1 
ATOM   224  N NH2 . ARG A 1 27  ? 17.542  -9.704  -5.858  1.00 54.93 ? 75  ARG A NH2 1 
ATOM   225  N N   . GLN A 1 28  ? 12.591  -5.012  -4.161  1.00 30.61 ? 76  GLN A N   1 
ATOM   226  C CA  . GLN A 1 28  ? 12.045  -4.134  -5.186  1.00 30.28 ? 76  GLN A CA  1 
ATOM   227  C C   . GLN A 1 28  ? 12.223  -2.640  -4.942  1.00 30.45 ? 76  GLN A C   1 
ATOM   228  O O   . GLN A 1 28  ? 12.061  -1.838  -5.862  1.00 30.70 ? 76  GLN A O   1 
ATOM   229  C CB  . GLN A 1 28  ? 10.569  -4.460  -5.403  1.00 28.89 ? 76  GLN A CB  1 
ATOM   230  C CG  . GLN A 1 28  ? 10.348  -5.819  -6.045  1.00 28.64 ? 76  GLN A CG  1 
ATOM   231  C CD  . GLN A 1 28  ? 11.006  -5.927  -7.410  1.00 29.73 ? 76  GLN A CD  1 
ATOM   232  O OE1 . GLN A 1 28  ? 10.756  -5.113  -8.294  1.00 30.44 ? 76  GLN A OE1 1 
ATOM   233  N NE2 . GLN A 1 28  ? 11.849  -6.936  -7.585  1.00 31.23 ? 76  GLN A NE2 1 
ATOM   234  N N   . LEU A 1 29  ? 12.540  -2.269  -3.707  1.00 31.44 ? 77  LEU A N   1 
ATOM   235  C CA  . LEU A 1 29  ? 12.774  -0.873  -3.352  1.00 31.58 ? 77  LEU A CA  1 
ATOM   236  C C   . LEU A 1 29  ? 14.173  -0.849  -2.737  1.00 33.43 ? 77  LEU A C   1 
ATOM   237  O O   . LEU A 1 29  ? 14.341  -0.593  -1.539  1.00 34.18 ? 77  LEU A O   1 
ATOM   238  C CB  . LEU A 1 29  ? 11.725  -0.399  -2.338  1.00 30.97 ? 77  LEU A CB  1 
ATOM   239  C CG  . LEU A 1 29  ? 10.249  -0.529  -2.748  1.00 31.16 ? 77  LEU A CG  1 
ATOM   240  C CD1 . LEU A 1 29  ? 9.351   -0.113  -1.586  1.00 32.05 ? 77  LEU A CD1 1 
ATOM   241  C CD2 . LEU A 1 29  ? 9.969   0.338   -3.967  1.00 31.74 ? 77  LEU A CD2 1 
ATOM   242  N N   . PRO A 1 30  ? 15.205  -1.121  -3.558  1.00 35.00 ? 78  PRO A N   1 
ATOM   243  C CA  . PRO A 1 30  ? 16.604  -1.151  -3.123  1.00 35.69 ? 78  PRO A CA  1 
ATOM   244  C C   . PRO A 1 30  ? 17.172  0.058   -2.372  1.00 35.90 ? 78  PRO A C   1 
ATOM   245  O O   . PRO A 1 30  ? 18.028  -0.111  -1.506  1.00 35.96 ? 78  PRO A O   1 
ATOM   246  C CB  . PRO A 1 30  ? 17.364  -1.458  -4.418  1.00 36.69 ? 78  PRO A CB  1 
ATOM   247  C CG  . PRO A 1 30  ? 16.486  -0.869  -5.478  1.00 37.56 ? 78  PRO A CG  1 
ATOM   248  C CD  . PRO A 1 30  ? 15.113  -1.294  -5.020  1.00 36.66 ? 78  PRO A CD  1 
ATOM   249  N N   . LYS A 1 31  ? 16.703  1.265   -2.681  1.00 35.84 ? 79  LYS A N   1 
ATOM   250  C CA  . LYS A 1 31  ? 17.210  2.462   -2.004  1.00 35.47 ? 79  LYS A CA  1 
ATOM   251  C C   . LYS A 1 31  ? 16.565  2.675   -0.636  1.00 33.65 ? 79  LYS A C   1 
ATOM   252  O O   . LYS A 1 31  ? 17.017  3.503   0.148   1.00 30.84 ? 79  LYS A O   1 
ATOM   253  C CB  . LYS A 1 31  ? 16.972  3.706   -2.866  1.00 36.87 ? 79  LYS A CB  1 
ATOM   254  C CG  . LYS A 1 31  ? 17.654  3.666   -4.232  1.00 40.01 ? 79  LYS A CG  1 
ATOM   255  C CD  . LYS A 1 31  ? 17.244  4.875   -5.074  1.00 41.61 ? 79  LYS A CD  1 
ATOM   256  C CE  . LYS A 1 31  ? 17.641  4.691   -6.541  1.00 44.35 ? 79  LYS A CE  1 
ATOM   257  N NZ  . LYS A 1 31  ? 17.130  5.801   -7.404  1.00 45.43 ? 79  LYS A NZ  1 
ATOM   258  N N   . MET A 1 32  ? 15.502  1.930   -0.363  1.00 33.39 ? 80  MET A N   1 
ATOM   259  C CA  . MET A 1 32  ? 14.787  2.038   0.905   1.00 32.89 ? 80  MET A CA  1 
ATOM   260  C C   . MET A 1 32  ? 15.546  1.266   1.991   1.00 32.48 ? 80  MET A C   1 
ATOM   261  O O   . MET A 1 32  ? 15.821  0.076   1.831   1.00 32.88 ? 80  MET A O   1 
ATOM   262  C CB  . MET A 1 32  ? 13.372  1.468   0.725   1.00 33.89 ? 80  MET A CB  1 
ATOM   263  C CG  . MET A 1 32  ? 12.390  1.799   1.830   1.00 33.72 ? 80  MET A CG  1 
ATOM   264  S SD  . MET A 1 32  ? 12.089  3.566   2.031   1.00 32.08 ? 80  MET A SD  1 
ATOM   265  C CE  . MET A 1 32  ? 11.020  3.921   0.638   1.00 35.19 ? 80  MET A CE  1 
ATOM   266  N N   . PRO A 1 33  ? 15.912  1.938   3.106   1.00 31.52 ? 81  PRO A N   1 
ATOM   267  C CA  . PRO A 1 33  ? 16.640  1.257   4.183   1.00 31.22 ? 81  PRO A CA  1 
ATOM   268  C C   . PRO A 1 33  ? 15.828  0.051   4.640   1.00 30.48 ? 81  PRO A C   1 
ATOM   269  O O   . PRO A 1 33  ? 14.668  0.194   5.016   1.00 30.32 ? 81  PRO A O   1 
ATOM   270  C CB  . PRO A 1 33  ? 16.729  2.323   5.277   1.00 31.23 ? 81  PRO A CB  1 
ATOM   271  C CG  . PRO A 1 33  ? 16.689  3.605   4.514   1.00 32.86 ? 81  PRO A CG  1 
ATOM   272  C CD  . PRO A 1 33  ? 15.626  3.334   3.473   1.00 31.92 ? 81  PRO A CD  1 
ATOM   273  N N   . LYS A 1 34  ? 16.430  -1.133  4.616   1.00 30.56 ? 82  LYS A N   1 
ATOM   274  C CA  . LYS A 1 34  ? 15.705  -2.332  5.008   1.00 30.66 ? 82  LYS A CA  1 
ATOM   275  C C   . LYS A 1 34  ? 15.202  -2.295  6.448   1.00 30.77 ? 82  LYS A C   1 
ATOM   276  O O   . LYS A 1 34  ? 14.135  -2.826  6.750   1.00 29.90 ? 82  LYS A O   1 
ATOM   277  C CB  . LYS A 1 34  ? 16.569  -3.572  4.791   1.00 32.14 ? 82  LYS A CB  1 
ATOM   278  C CG  . LYS A 1 34  ? 15.787  -4.869  4.906   1.00 32.91 ? 82  LYS A CG  1 
ATOM   279  C CD  . LYS A 1 34  ? 16.574  -6.024  4.318   1.00 33.18 ? 82  LYS A CD  1 
ATOM   280  C CE  . LYS A 1 34  ? 15.784  -7.312  4.356   1.00 33.90 ? 82  LYS A CE  1 
ATOM   281  N NZ  . LYS A 1 34  ? 16.530  -8.420  3.695   1.00 32.68 ? 82  LYS A NZ  1 
ATOM   282  N N   . GLU A 1 35  ? 15.960  -1.668  7.338   1.00 30.52 ? 83  GLU A N   1 
ATOM   283  C CA  . GLU A 1 35  ? 15.528  -1.594  8.727   1.00 31.59 ? 83  GLU A CA  1 
ATOM   284  C C   . GLU A 1 35  ? 14.270  -0.723  8.846   1.00 30.05 ? 83  GLU A C   1 
ATOM   285  O O   . GLU A 1 35  ? 13.444  -0.937  9.728   1.00 28.95 ? 83  GLU A O   1 
ATOM   286  C CB  . GLU A 1 35  ? 16.662  -1.059  9.616   1.00 34.78 ? 83  GLU A CB  1 
ATOM   287  C CG  . GLU A 1 35  ? 16.506  0.378   10.086  1.00 42.45 ? 83  GLU A CG  1 
ATOM   288  C CD  . GLU A 1 35  ? 17.141  1.383   9.150   1.00 46.40 ? 83  GLU A CD  1 
ATOM   289  O OE1 . GLU A 1 35  ? 16.879  2.595   9.316   1.00 49.24 ? 83  GLU A OE1 1 
ATOM   290  O OE2 . GLU A 1 35  ? 17.912  0.960   8.258   1.00 50.28 ? 83  GLU A OE2 1 
ATOM   291  N N   . TYR A 1 36  ? 14.122  0.246   7.945   1.00 27.85 ? 84  TYR A N   1 
ATOM   292  C CA  . TYR A 1 36  ? 12.956  1.125   7.949   1.00 26.85 ? 84  TYR A CA  1 
ATOM   293  C C   . TYR A 1 36  ? 11.706  0.369   7.496   1.00 25.98 ? 84  TYR A C   1 
ATOM   294  O O   . TYR A 1 36  ? 10.611  0.562   8.038   1.00 25.33 ? 84  TYR A O   1 
ATOM   295  C CB  . TYR A 1 36  ? 13.187  2.318   7.022   1.00 26.97 ? 84  TYR A CB  1 
ATOM   296  C CG  . TYR A 1 36  ? 12.055  3.314   7.026   1.00 27.12 ? 84  TYR A CG  1 
ATOM   297  C CD1 . TYR A 1 36  ? 11.753  4.052   8.173   1.00 27.95 ? 84  TYR A CD1 1 
ATOM   298  C CD2 . TYR A 1 36  ? 11.316  3.564   5.871   1.00 26.92 ? 84  TYR A CD2 1 
ATOM   299  C CE1 . TYR A 1 36  ? 10.748  5.020   8.161   1.00 27.30 ? 84  TYR A CE1 1 
ATOM   300  C CE2 . TYR A 1 36  ? 10.311  4.527   5.851   1.00 26.36 ? 84  TYR A CE2 1 
ATOM   301  C CZ  . TYR A 1 36  ? 10.038  5.256   6.997   1.00 27.16 ? 84  TYR A CZ  1 
ATOM   302  O OH  . TYR A 1 36  ? 9.083   6.249   6.969   1.00 28.20 ? 84  TYR A OH  1 
ATOM   303  N N   . ILE A 1 37  ? 11.877  -0.478  6.485   1.00 24.99 ? 85  ILE A N   1 
ATOM   304  C CA  . ILE A 1 37  ? 10.790  -1.292  5.963   1.00 24.68 ? 85  ILE A CA  1 
ATOM   305  C C   . ILE A 1 37  ? 10.312  -2.182  7.110   1.00 24.86 ? 85  ILE A C   1 
ATOM   306  O O   . ILE A 1 37  ? 9.115   -2.296  7.372   1.00 24.69 ? 85  ILE A O   1 
ATOM   307  C CB  . ILE A 1 37  ? 11.282  -2.197  4.799   1.00 25.35 ? 85  ILE A CB  1 
ATOM   308  C CG1 . ILE A 1 37  ? 11.786  -1.336  3.638   1.00 26.77 ? 85  ILE A CG1 1 
ATOM   309  C CG2 . ILE A 1 37  ? 10.151  -3.104  4.328   1.00 26.04 ? 85  ILE A CG2 1 
ATOM   310  C CD1 . ILE A 1 37  ? 12.391  -2.134  2.493   1.00 26.86 ? 85  ILE A CD1 1 
ATOM   311  N N   . VAL A 1 38  ? 11.264  -2.813  7.788   1.00 24.64 ? 86  VAL A N   1 
ATOM   312  C CA  . VAL A 1 38  ? 10.959  -3.686  8.912   1.00 25.70 ? 86  VAL A CA  1 
ATOM   313  C C   . VAL A 1 38  ? 10.184  -2.917  9.980   1.00 26.27 ? 86  VAL A C   1 
ATOM   314  O O   . VAL A 1 38  ? 9.149   -3.379  10.467  1.00 26.45 ? 86  VAL A O   1 
ATOM   315  C CB  . VAL A 1 38  ? 12.257  -4.271  9.521   1.00 26.65 ? 86  VAL A CB  1 
ATOM   316  C CG1 . VAL A 1 38  ? 11.954  -4.979  10.841  1.00 25.66 ? 86  VAL A CG1 1 
ATOM   317  C CG2 . VAL A 1 38  ? 12.890  -5.254  8.535   1.00 25.75 ? 86  VAL A CG2 1 
ATOM   318  N N   . LYS A 1 39  ? 10.673  -1.728  10.321  1.00 27.53 ? 87  LYS A N   1 
ATOM   319  C CA  . LYS A 1 39  ? 10.031  -0.901  11.333  1.00 29.69 ? 87  LYS A CA  1 
ATOM   320  C C   . LYS A 1 39  ? 8.542   -0.685  11.054  1.00 28.84 ? 87  LYS A C   1 
ATOM   321  O O   . LYS A 1 39  ? 7.691   -0.957  11.900  1.00 27.59 ? 87  LYS A O   1 
ATOM   322  C CB  . LYS A 1 39  ? 10.721  0.471   11.429  1.00 31.58 ? 87  LYS A CB  1 
ATOM   323  C CG  . LYS A 1 39  ? 10.147  1.347   12.544  1.00 36.25 ? 87  LYS A CG  1 
ATOM   324  C CD  . LYS A 1 39  ? 10.529  2.827   12.411  1.00 39.75 ? 87  LYS A CD  1 
ATOM   325  C CE  . LYS A 1 39  ? 12.004  3.071   12.673  1.00 42.54 ? 87  LYS A CE  1 
ATOM   326  N NZ  . LYS A 1 39  ? 12.301  4.535   12.706  1.00 44.26 ? 87  LYS A NZ  1 
ATOM   327  N N   . LEU A 1 40  ? 8.227   -0.198  9.861   1.00 28.35 ? 88  LEU A N   1 
ATOM   328  C CA  . LEU A 1 40  ? 6.841   0.081   9.510   1.00 29.00 ? 88  LEU A CA  1 
ATOM   329  C C   . LEU A 1 40  ? 5.962   -1.149  9.311   1.00 28.70 ? 88  LEU A C   1 
ATOM   330  O O   . LEU A 1 40  ? 4.814   -1.165  9.749   1.00 28.89 ? 88  LEU A O   1 
ATOM   331  C CB  . LEU A 1 40  ? 6.770   0.955   8.250   1.00 29.11 ? 88  LEU A CB  1 
ATOM   332  C CG  . LEU A 1 40  ? 7.564   2.265   8.214   1.00 30.93 ? 88  LEU A CG  1 
ATOM   333  C CD1 . LEU A 1 40  ? 6.974   3.175   7.129   1.00 28.40 ? 88  LEU A CD1 1 
ATOM   334  C CD2 . LEU A 1 40  ? 7.520   2.959   9.556   1.00 30.87 ? 88  LEU A CD2 1 
ATOM   335  N N   . VAL A 1 41  ? 6.484   -2.166  8.634   1.00 29.37 ? 89  VAL A N   1 
ATOM   336  C CA  . VAL A 1 41  ? 5.700   -3.372  8.385   1.00 29.45 ? 89  VAL A CA  1 
ATOM   337  C C   . VAL A 1 41  ? 5.234   -4.007  9.694   1.00 31.18 ? 89  VAL A C   1 
ATOM   338  O O   . VAL A 1 41  ? 4.110   -4.503  9.793   1.00 31.23 ? 89  VAL A O   1 
ATOM   339  C CB  . VAL A 1 41  ? 6.509   -4.422  7.575   1.00 30.23 ? 89  VAL A CB  1 
ATOM   340  C CG1 . VAL A 1 41  ? 5.745   -5.745  7.514   1.00 29.21 ? 89  VAL A CG1 1 
ATOM   341  C CG2 . VAL A 1 41  ? 6.767   -3.902  6.162   1.00 29.47 ? 89  VAL A CG2 1 
ATOM   342  N N   . PHE A 1 42  ? 6.096   -3.979  10.702  1.00 32.04 ? 90  PHE A N   1 
ATOM   343  C CA  . PHE A 1 42  ? 5.769   -4.574  11.991  1.00 33.16 ? 90  PHE A CA  1 
ATOM   344  C C   . PHE A 1 42  ? 5.299   -3.633  13.093  1.00 34.95 ? 90  PHE A C   1 
ATOM   345  O O   . PHE A 1 42  ? 5.113   -4.075  14.225  1.00 36.10 ? 90  PHE A O   1 
ATOM   346  C CB  . PHE A 1 42  ? 6.959   -5.394  12.503  1.00 32.01 ? 90  PHE A CB  1 
ATOM   347  C CG  . PHE A 1 42  ? 7.337   -6.526  11.598  1.00 29.65 ? 90  PHE A CG  1 
ATOM   348  C CD1 . PHE A 1 42  ? 8.271   -6.343  10.582  1.00 29.69 ? 90  PHE A CD1 1 
ATOM   349  C CD2 . PHE A 1 42  ? 6.717   -7.759  11.718  1.00 30.52 ? 90  PHE A CD2 1 
ATOM   350  C CE1 . PHE A 1 42  ? 8.576   -7.371  9.697   1.00 29.01 ? 90  PHE A CE1 1 
ATOM   351  C CE2 . PHE A 1 42  ? 7.015   -8.799  10.835  1.00 29.67 ? 90  PHE A CE2 1 
ATOM   352  C CZ  . PHE A 1 42  ? 7.942   -8.603  9.826   1.00 30.95 ? 90  PHE A CZ  1 
ATOM   353  N N   . ASP A 1 43  ? 5.104   -2.349  12.809  1.00 36.58 ? 91  ASP A N   1 
ATOM   354  C CA  . ASP A 1 43  ? 4.637   -1.495  13.893  1.00 38.75 ? 91  ASP A CA  1 
ATOM   355  C C   . ASP A 1 43  ? 3.122   -1.659  14.020  1.00 39.85 ? 91  ASP A C   1 
ATOM   356  O O   . ASP A 1 43  ? 2.479   -2.222  13.130  1.00 39.58 ? 91  ASP A O   1 
ATOM   357  C CB  . ASP A 1 43  ? 5.057   -0.030  13.700  1.00 40.29 ? 91  ASP A CB  1 
ATOM   358  C CG  . ASP A 1 43  ? 4.264   0.685   12.645  1.00 41.73 ? 91  ASP A CG  1 
ATOM   359  O OD1 . ASP A 1 43  ? 3.031   0.794   12.791  1.00 42.18 ? 91  ASP A OD1 1 
ATOM   360  O OD2 . ASP A 1 43  ? 4.888   1.158   11.674  1.00 46.80 ? 91  ASP A OD2 1 
ATOM   361  N N   . ARG A 1 44  ? 2.554   -1.179  15.120  1.00 40.42 ? 92  ARG A N   1 
ATOM   362  C CA  . ARG A 1 44  ? 1.128   -1.364  15.359  1.00 42.72 ? 92  ARG A CA  1 
ATOM   363  C C   . ARG A 1 44  ? 0.154   -0.489  14.579  1.00 41.86 ? 92  ARG A C   1 
ATOM   364  O O   . ARG A 1 44  ? -1.057  -0.662  14.694  1.00 42.66 ? 92  ARG A O   1 
ATOM   365  C CB  . ARG A 1 44  ? 0.831   -1.247  16.860  1.00 44.45 ? 92  ARG A CB  1 
ATOM   366  C CG  . ARG A 1 44  ? 0.740   0.170   17.408  1.00 48.29 ? 92  ARG A CG  1 
ATOM   367  C CD  . ARG A 1 44  ? 0.433   0.113   18.902  1.00 52.30 ? 92  ARG A CD  1 
ATOM   368  N NE  . ARG A 1 44  ? -0.078  1.372   19.436  1.00 55.18 ? 92  ARG A NE  1 
ATOM   369  C CZ  . ARG A 1 44  ? 0.600   2.516   19.450  1.00 57.07 ? 92  ARG A CZ  1 
ATOM   370  N NH1 . ARG A 1 44  ? 1.832   2.570   18.952  1.00 58.30 ? 92  ARG A NH1 1 
ATOM   371  N NH2 . ARG A 1 44  ? 0.048   3.606   19.969  1.00 57.12 ? 92  ARG A NH2 1 
ATOM   372  N N   . HIS A 1 45  ? 0.665   0.442   13.785  1.00 40.13 ? 93  HIS A N   1 
ATOM   373  C CA  . HIS A 1 45  ? -0.214  1.304   13.008  1.00 39.65 ? 93  HIS A CA  1 
ATOM   374  C C   . HIS A 1 45  ? -0.378  0.824   11.564  1.00 36.61 ? 93  HIS A C   1 
ATOM   375  O O   . HIS A 1 45  ? -1.361  1.152   10.903  1.00 35.10 ? 93  HIS A O   1 
ATOM   376  C CB  . HIS A 1 45  ? 0.316   2.740   13.011  1.00 42.78 ? 93  HIS A CB  1 
ATOM   377  C CG  . HIS A 1 45  ? 0.286   3.394   14.359  1.00 46.64 ? 93  HIS A CG  1 
ATOM   378  N ND1 . HIS A 1 45  ? -0.884  3.619   15.049  1.00 47.97 ? 93  HIS A ND1 1 
ATOM   379  C CD2 . HIS A 1 45  ? 1.283   3.870   15.141  1.00 47.94 ? 93  HIS A CD2 1 
ATOM   380  C CE1 . HIS A 1 45  ? -0.608  4.208   16.201  1.00 49.41 ? 93  HIS A CE1 1 
ATOM   381  N NE2 . HIS A 1 45  ? 0.701   4.372   16.280  1.00 49.28 ? 93  HIS A NE2 1 
ATOM   382  N N   . HIS A 1 46  ? 0.573   0.036   11.082  1.00 34.64 ? 94  HIS A N   1 
ATOM   383  C CA  . HIS A 1 46  ? 0.512   -0.438  9.704   1.00 32.37 ? 94  HIS A CA  1 
ATOM   384  C C   . HIS A 1 46  ? -0.110  -1.818  9.494   1.00 32.02 ? 94  HIS A C   1 
ATOM   385  O O   . HIS A 1 46  ? -0.036  -2.698  10.348  1.00 32.18 ? 94  HIS A O   1 
ATOM   386  C CB  . HIS A 1 46  ? 1.914   -0.401  9.085   1.00 30.07 ? 94  HIS A CB  1 
ATOM   387  C CG  . HIS A 1 46  ? 2.493   0.976   8.992   1.00 29.78 ? 94  HIS A CG  1 
ATOM   388  N ND1 . HIS A 1 46  ? 2.828   1.719   10.104  1.00 29.33 ? 94  HIS A ND1 1 
ATOM   389  C CD2 . HIS A 1 46  ? 2.770   1.756   7.919   1.00 29.35 ? 94  HIS A CD2 1 
ATOM   390  C CE1 . HIS A 1 46  ? 3.287   2.899   9.719   1.00 30.47 ? 94  HIS A CE1 1 
ATOM   391  N NE2 . HIS A 1 46  ? 3.262   2.947   8.398   1.00 29.13 ? 94  HIS A NE2 1 
ATOM   392  N N   . GLU A 1 47  ? -0.735  -1.983  8.332   1.00 29.38 ? 95  GLU A N   1 
ATOM   393  C CA  . GLU A 1 47  ? -1.369  -3.232  7.940   1.00 26.81 ? 95  GLU A CA  1 
ATOM   394  C C   . GLU A 1 47  ? -0.830  -3.557  6.554   1.00 26.04 ? 95  GLU A C   1 
ATOM   395  O O   . GLU A 1 47  ? -0.370  -2.663  5.844   1.00 24.30 ? 95  GLU A O   1 
ATOM   396  C CB  . GLU A 1 47  ? -2.892  -3.057  7.844   1.00 26.73 ? 95  GLU A CB  1 
ATOM   397  C CG  . GLU A 1 47  ? -3.560  -2.547  9.112   1.00 26.62 ? 95  GLU A CG  1 
ATOM   398  C CD  . GLU A 1 47  ? -5.032  -2.232  8.898   1.00 26.92 ? 95  GLU A CD  1 
ATOM   399  O OE1 . GLU A 1 47  ? -5.805  -3.172  8.638   1.00 29.35 ? 95  GLU A OE1 1 
ATOM   400  O OE2 . GLU A 1 47  ? -5.413  -1.047  8.973   1.00 27.43 ? 95  GLU A OE2 1 
ATOM   401  N N   . SER A 1 48  ? -0.881  -4.825  6.173   1.00 23.80 ? 96  SER A N   1 
ATOM   402  C CA  . SER A 1 48  ? -0.408  -5.229  4.858   1.00 26.83 ? 96  SER A CA  1 
ATOM   403  C C   . SER A 1 48  ? -1.418  -6.140  4.199   1.00 27.40 ? 96  SER A C   1 
ATOM   404  O O   . SER A 1 48  ? -1.938  -7.049  4.839   1.00 27.76 ? 96  SER A O   1 
ATOM   405  C CB  . SER A 1 48  ? 0.927   -5.979  4.952   1.00 25.69 ? 96  SER A CB  1 
ATOM   406  O OG  . SER A 1 48  ? 1.977   -5.124  5.352   1.00 26.47 ? 96  SER A OG  1 
ATOM   407  N N   . MET A 1 49  ? -1.714  -5.873  2.930   1.00 27.36 ? 97  MET A N   1 
ATOM   408  C CA  . MET A 1 49  ? -2.609  -6.718  2.156   1.00 26.30 ? 97  MET A CA  1 
ATOM   409  C C   . MET A 1 49  ? -1.638  -7.413  1.234   1.00 27.34 ? 97  MET A C   1 
ATOM   410  O O   . MET A 1 49  ? -0.876  -6.755  0.526   1.00 27.40 ? 97  MET A O   1 
ATOM   411  C CB  . MET A 1 49  ? -3.610  -5.909  1.325   1.00 26.13 ? 97  MET A CB  1 
ATOM   412  C CG  . MET A 1 49  ? -4.449  -6.799  0.393   1.00 26.57 ? 97  MET A CG  1 
ATOM   413  S SD  . MET A 1 49  ? -5.601  -5.899  -0.665  1.00 28.67 ? 97  MET A SD  1 
ATOM   414  C CE  . MET A 1 49  ? -6.943  -5.606  0.485   1.00 26.52 ? 97  MET A CE  1 
ATOM   415  N N   . VAL A 1 50  ? -1.650  -8.739  1.249   1.00 26.54 ? 98  VAL A N   1 
ATOM   416  C CA  . VAL A 1 50  ? -0.727  -9.488  0.421   1.00 28.92 ? 98  VAL A CA  1 
ATOM   417  C C   . VAL A 1 50  ? -1.431  -10.239 -0.694  1.00 28.89 ? 98  VAL A C   1 
ATOM   418  O O   . VAL A 1 50  ? -2.634  -10.490 -0.627  1.00 29.70 ? 98  VAL A O   1 
ATOM   419  C CB  . VAL A 1 50  ? 0.064   -10.508 1.267   1.00 29.15 ? 98  VAL A CB  1 
ATOM   420  C CG1 . VAL A 1 50  ? 0.837   -9.786  2.363   1.00 31.55 ? 98  VAL A CG1 1 
ATOM   421  C CG2 . VAL A 1 50  ? -0.886  -11.523 1.878   1.00 29.89 ? 98  VAL A CG2 1 
ATOM   422  N N   . ILE A 1 51  ? -0.669  -10.564 -1.730  1.00 29.66 ? 99  ILE A N   1 
ATOM   423  C CA  . ILE A 1 51  ? -1.174  -11.340 -2.853  1.00 30.37 ? 99  ILE A CA  1 
ATOM   424  C C   . ILE A 1 51  ? -0.677  -12.726 -2.499  1.00 31.51 ? 99  ILE A C   1 
ATOM   425  O O   . ILE A 1 51  ? 0.524   -12.997 -2.553  1.00 30.65 ? 99  ILE A O   1 
ATOM   426  C CB  . ILE A 1 51  ? -0.540  -10.917 -4.191  1.00 30.48 ? 99  ILE A CB  1 
ATOM   427  C CG1 . ILE A 1 51  ? -0.775  -9.424  -4.430  1.00 30.81 ? 99  ILE A CG1 1 
ATOM   428  C CG2 . ILE A 1 51  ? -1.158  -11.735 -5.333  1.00 29.29 ? 99  ILE A CG2 1 
ATOM   429  C CD1 . ILE A 1 51  ? -0.033  -8.881  -5.625  1.00 31.39 ? 99  ILE A CD1 1 
ATOM   430  N N   . LEU A 1 52  ? -1.600  -13.594 -2.111  1.00 34.40 ? 100 LEU A N   1 
ATOM   431  C CA  . LEU A 1 52  ? -1.244  -14.943 -1.707  1.00 37.81 ? 100 LEU A CA  1 
ATOM   432  C C   . LEU A 1 52  ? -1.495  -15.948 -2.821  1.00 39.31 ? 100 LEU A C   1 
ATOM   433  O O   . LEU A 1 52  ? -2.614  -16.086 -3.316  1.00 39.55 ? 100 LEU A O   1 
ATOM   434  C CB  . LEU A 1 52  ? -2.040  -15.323 -0.455  1.00 37.63 ? 100 LEU A CB  1 
ATOM   435  C CG  . LEU A 1 52  ? -1.297  -16.061 0.658   1.00 39.90 ? 100 LEU A CG  1 
ATOM   436  C CD1 . LEU A 1 52  ? -0.088  -15.243 1.108   1.00 39.12 ? 100 LEU A CD1 1 
ATOM   437  C CD2 . LEU A 1 52  ? -2.252  -16.306 1.818   1.00 39.20 ? 100 LEU A CD2 1 
ATOM   438  N N   . LYS A 1 53  ? -0.437  -16.644 -3.215  1.00 41.90 ? 101 LYS A N   1 
ATOM   439  C CA  . LYS A 1 53  ? -0.523  -17.640 -4.265  1.00 45.88 ? 101 LYS A CA  1 
ATOM   440  C C   . LYS A 1 53  ? -0.492  -19.027 -3.626  1.00 47.64 ? 101 LYS A C   1 
ATOM   441  O O   . LYS A 1 53  ? 0.394   -19.328 -2.830  1.00 49.11 ? 101 LYS A O   1 
ATOM   442  C CB  . LYS A 1 53  ? 0.655   -17.471 -5.227  1.00 46.62 ? 101 LYS A CB  1 
ATOM   443  C CG  . LYS A 1 53  ? 0.552   -18.298 -6.490  1.00 48.29 ? 101 LYS A CG  1 
ATOM   444  C CD  . LYS A 1 53  ? 1.711   -17.988 -7.422  1.00 48.97 ? 101 LYS A CD  1 
ATOM   445  C CE  . LYS A 1 53  ? 1.495   -18.616 -8.792  1.00 50.72 ? 101 LYS A CE  1 
ATOM   446  N NZ  . LYS A 1 53  ? 2.601   -18.286 -9.733  1.00 51.09 ? 101 LYS A NZ  1 
ATOM   447  N N   . ASN A 1 54  ? -1.468  -19.863 -3.964  1.00 49.84 ? 102 ASN A N   1 
ATOM   448  C CA  . ASN A 1 54  ? -1.535  -21.215 -3.418  1.00 51.88 ? 102 ASN A CA  1 
ATOM   449  C C   . ASN A 1 54  ? -1.728  -21.213 -1.900  1.00 52.62 ? 102 ASN A C   1 
ATOM   450  O O   . ASN A 1 54  ? -1.348  -22.165 -1.216  1.00 52.63 ? 102 ASN A O   1 
ATOM   451  C CB  . ASN A 1 54  ? -0.259  -21.985 -3.773  1.00 53.35 ? 102 ASN A CB  1 
ATOM   452  C CG  . ASN A 1 54  ? -0.058  -22.116 -5.270  1.00 55.40 ? 102 ASN A CG  1 
ATOM   453  O OD1 . ASN A 1 54  ? 1.014   -22.512 -5.731  1.00 56.34 ? 102 ASN A OD1 1 
ATOM   454  N ND2 . ASN A 1 54  ? -1.092  -21.789 -6.039  1.00 56.25 ? 102 ASN A ND2 1 
ATOM   455  N N   . LYS A 1 55  ? -2.305  -20.132 -1.381  1.00 53.41 ? 103 LYS A N   1 
ATOM   456  C CA  . LYS A 1 55  ? -2.576  -20.004 0.049   1.00 54.00 ? 103 LYS A CA  1 
ATOM   457  C C   . LYS A 1 55  ? -1.345  -20.092 0.955   1.00 53.08 ? 103 LYS A C   1 
ATOM   458  O O   . LYS A 1 55  ? -1.477  -20.350 2.153   1.00 53.86 ? 103 LYS A O   1 
ATOM   459  C CB  . LYS A 1 55  ? -3.593  -21.072 0.475   1.00 55.48 ? 103 LYS A CB  1 
ATOM   460  C CG  . LYS A 1 55  ? -4.959  -20.921 -0.188  1.00 57.29 ? 103 LYS A CG  1 
ATOM   461  C CD  . LYS A 1 55  ? -5.774  -22.199 -0.083  1.00 58.21 ? 103 LYS A CD  1 
ATOM   462  C CE  . LYS A 1 55  ? -6.011  -22.608 1.360   1.00 59.11 ? 103 LYS A CE  1 
ATOM   463  N NZ  . LYS A 1 55  ? -6.705  -23.925 1.441   1.00 59.70 ? 103 LYS A NZ  1 
ATOM   464  N N   . GLN A 1 56  ? -0.154  -19.874 0.401   1.00 51.57 ? 104 GLN A N   1 
ATOM   465  C CA  . GLN A 1 56  ? 1.049   -19.950 1.218   1.00 49.86 ? 104 GLN A CA  1 
ATOM   466  C C   . GLN A 1 56  ? 2.213   -19.097 0.726   1.00 47.27 ? 104 GLN A C   1 
ATOM   467  O O   . GLN A 1 56  ? 3.070   -18.706 1.514   1.00 46.97 ? 104 GLN A O   1 
ATOM   468  C CB  . GLN A 1 56  ? 1.514   -21.405 1.327   1.00 51.94 ? 104 GLN A CB  1 
ATOM   469  C CG  . GLN A 1 56  ? 2.743   -21.600 2.221   1.00 55.97 ? 104 GLN A CG  1 
ATOM   470  C CD  . GLN A 1 56  ? 3.273   -23.027 2.199   1.00 57.45 ? 104 GLN A CD  1 
ATOM   471  O OE1 . GLN A 1 56  ? 4.242   -23.349 2.891   1.00 58.06 ? 104 GLN A OE1 1 
ATOM   472  N NE2 . GLN A 1 56  ? 2.641   -23.887 1.403   1.00 57.83 ? 104 GLN A NE2 1 
ATOM   473  N N   . LYS A 1 57  ? 2.252   -18.809 -0.569  1.00 43.94 ? 105 LYS A N   1 
ATOM   474  C CA  . LYS A 1 57  ? 3.354   -18.030 -1.117  1.00 41.10 ? 105 LYS A CA  1 
ATOM   475  C C   . LYS A 1 57  ? 2.993   -16.577 -1.397  1.00 38.68 ? 105 LYS A C   1 
ATOM   476  O O   . LYS A 1 57  ? 2.082   -16.292 -2.173  1.00 38.19 ? 105 LYS A O   1 
ATOM   477  C CB  . LYS A 1 57  ? 3.868   -18.690 -2.398  1.00 42.62 ? 105 LYS A CB  1 
ATOM   478  C CG  . LYS A 1 57  ? 5.180   -18.124 -2.906  1.00 44.72 ? 105 LYS A CG  1 
ATOM   479  C CD  . LYS A 1 57  ? 5.687   -18.912 -4.104  1.00 47.73 ? 105 LYS A CD  1 
ATOM   480  C CE  . LYS A 1 57  ? 7.050   -18.412 -4.567  1.00 49.08 ? 105 LYS A CE  1 
ATOM   481  N NZ  . LYS A 1 57  ? 8.088   -18.538 -3.499  1.00 50.98 ? 105 LYS A NZ  1 
ATOM   482  N N   . VAL A 1 58  ? 3.721   -15.665 -0.758  1.00 36.12 ? 106 VAL A N   1 
ATOM   483  C CA  . VAL A 1 58  ? 3.507   -14.233 -0.938  1.00 33.10 ? 106 VAL A CA  1 
ATOM   484  C C   . VAL A 1 58  ? 4.228   -13.795 -2.210  1.00 31.49 ? 106 VAL A C   1 
ATOM   485  O O   . VAL A 1 58  ? 5.430   -14.019 -2.350  1.00 30.62 ? 106 VAL A O   1 
ATOM   486  C CB  . VAL A 1 58  ? 4.076   -13.420 0.255   1.00 33.09 ? 106 VAL A CB  1 
ATOM   487  C CG1 . VAL A 1 58  ? 3.966   -11.918 -0.032  1.00 31.93 ? 106 VAL A CG1 1 
ATOM   488  C CG2 . VAL A 1 58  ? 3.329   -13.769 1.540   1.00 32.94 ? 106 VAL A CG2 1 
ATOM   489  N N   . ILE A 1 59  ? 3.500   -13.184 -3.142  1.00 30.57 ? 107 ILE A N   1 
ATOM   490  C CA  . ILE A 1 59  ? 4.125   -12.722 -4.377  1.00 30.38 ? 107 ILE A CA  1 
ATOM   491  C C   . ILE A 1 59  ? 4.048   -11.210 -4.550  1.00 29.88 ? 107 ILE A C   1 
ATOM   492  O O   . ILE A 1 59  ? 4.493   -10.671 -5.564  1.00 30.25 ? 107 ILE A O   1 
ATOM   493  C CB  . ILE A 1 59  ? 3.508   -13.398 -5.626  1.00 32.03 ? 107 ILE A CB  1 
ATOM   494  C CG1 . ILE A 1 59  ? 2.029   -13.029 -5.759  1.00 31.41 ? 107 ILE A CG1 1 
ATOM   495  C CG2 . ILE A 1 59  ? 3.681   -14.909 -5.537  1.00 31.53 ? 107 ILE A CG2 1 
ATOM   496  C CD1 . ILE A 1 59  ? 1.431   -13.435 -7.100  1.00 33.38 ? 107 ILE A CD1 1 
ATOM   497  N N   . GLY A 1 60  ? 3.489   -10.530 -3.550  1.00 27.94 ? 108 GLY A N   1 
ATOM   498  C CA  . GLY A 1 60  ? 3.378   -9.084  -3.599  1.00 26.40 ? 108 GLY A CA  1 
ATOM   499  C C   . GLY A 1 60  ? 2.481   -8.540  -2.505  1.00 24.44 ? 108 GLY A C   1 
ATOM   500  O O   . GLY A 1 60  ? 1.884   -9.299  -1.748  1.00 24.37 ? 108 GLY A O   1 
ATOM   501  N N   . GLY A 1 61  ? 2.386   -7.223  -2.403  1.00 24.34 ? 109 GLY A N   1 
ATOM   502  C CA  . GLY A 1 61  ? 1.523   -6.663  -1.384  1.00 23.56 ? 109 GLY A CA  1 
ATOM   503  C C   . GLY A 1 61  ? 1.652   -5.170  -1.220  1.00 24.99 ? 109 GLY A C   1 
ATOM   504  O O   . GLY A 1 61  ? 2.483   -4.532  -1.871  1.00 23.79 ? 109 GLY A O   1 
ATOM   505  N N   . ILE A 1 62  ? 0.814   -4.626  -0.342  1.00 23.93 ? 110 ILE A N   1 
ATOM   506  C CA  . ILE A 1 62  ? 0.795   -3.205  -0.042  1.00 26.05 ? 110 ILE A CA  1 
ATOM   507  C C   . ILE A 1 62  ? 0.767   -3.027  1.465   1.00 25.23 ? 110 ILE A C   1 
ATOM   508  O O   . ILE A 1 62  ? -0.060  -3.629  2.144   1.00 26.21 ? 110 ILE A O   1 
ATOM   509  C CB  . ILE A 1 62  ? -0.467  -2.519  -0.578  1.00 27.42 ? 110 ILE A CB  1 
ATOM   510  C CG1 . ILE A 1 62  ? -0.556  -2.668  -2.095  1.00 29.54 ? 110 ILE A CG1 1 
ATOM   511  C CG2 . ILE A 1 62  ? -0.447  -1.050  -0.200  1.00 29.67 ? 110 ILE A CG2 1 
ATOM   512  C CD1 . ILE A 1 62  ? -1.832  -2.068  -2.680  1.00 32.12 ? 110 ILE A CD1 1 
ATOM   513  N N   . CYS A 1 63  ? 1.673   -2.207  1.984   1.00 24.97 ? 111 CYS A N   1 
ATOM   514  C CA  . CYS A 1 63  ? 1.720   -1.921  3.415   1.00 23.76 ? 111 CYS A CA  1 
ATOM   515  C C   . CYS A 1 63  ? 1.169   -0.508  3.526   1.00 24.02 ? 111 CYS A C   1 
ATOM   516  O O   . CYS A 1 63  ? 1.682   0.421   2.894   1.00 23.51 ? 111 CYS A O   1 
ATOM   517  C CB  . CYS A 1 63  ? 3.156   -1.970  3.929   1.00 22.60 ? 111 CYS A CB  1 
ATOM   518  S SG  . CYS A 1 63  ? 3.321   -1.568  5.689   1.00 24.76 ? 111 CYS A SG  1 
ATOM   519  N N   . PHE A 1 64  ? 0.122   -0.345  4.326   1.00 22.10 ? 112 PHE A N   1 
ATOM   520  C CA  . PHE A 1 64  ? -0.529  0.947   4.464   1.00 23.04 ? 112 PHE A CA  1 
ATOM   521  C C   . PHE A 1 64  ? -0.828  1.319   5.907   1.00 23.41 ? 112 PHE A C   1 
ATOM   522  O O   . PHE A 1 64  ? -0.771  0.475   6.794   1.00 21.11 ? 112 PHE A O   1 
ATOM   523  C CB  . PHE A 1 64  ? -1.845  0.936   3.676   1.00 23.24 ? 112 PHE A CB  1 
ATOM   524  C CG  . PHE A 1 64  ? -2.806  -0.149  4.107   1.00 25.18 ? 112 PHE A CG  1 
ATOM   525  C CD1 . PHE A 1 64  ? -3.876  0.139   4.954   1.00 25.26 ? 112 PHE A CD1 1 
ATOM   526  C CD2 . PHE A 1 64  ? -2.644  -1.459  3.659   1.00 25.59 ? 112 PHE A CD2 1 
ATOM   527  C CE1 . PHE A 1 64  ? -4.768  -0.868  5.350   1.00 26.00 ? 112 PHE A CE1 1 
ATOM   528  C CE2 . PHE A 1 64  ? -3.532  -2.470  4.049   1.00 24.33 ? 112 PHE A CE2 1 
ATOM   529  C CZ  . PHE A 1 64  ? -4.592  -2.170  4.891   1.00 24.17 ? 112 PHE A CZ  1 
ATOM   530  N N   . ARG A 1 65  ? -1.139  2.592   6.126   1.00 23.70 ? 113 ARG A N   1 
ATOM   531  C CA  . ARG A 1 65  ? -1.489  3.063   7.457   1.00 26.64 ? 113 ARG A CA  1 
ATOM   532  C C   . ARG A 1 65  ? -2.734  3.926   7.395   1.00 25.75 ? 113 ARG A C   1 
ATOM   533  O O   . ARG A 1 65  ? -2.743  4.991   6.773   1.00 25.36 ? 113 ARG A O   1 
ATOM   534  C CB  . ARG A 1 65  ? -0.364  3.868   8.102   1.00 28.34 ? 113 ARG A CB  1 
ATOM   535  C CG  . ARG A 1 65  ? -0.819  4.468   9.428   1.00 31.03 ? 113 ARG A CG  1 
ATOM   536  C CD  . ARG A 1 65  ? 0.309   5.048   10.229  1.00 34.31 ? 113 ARG A CD  1 
ATOM   537  N NE  . ARG A 1 65  ? -0.183  5.689   11.444  1.00 34.81 ? 113 ARG A NE  1 
ATOM   538  C CZ  . ARG A 1 65  ? 0.599   6.311   12.321  1.00 37.53 ? 113 ARG A CZ  1 
ATOM   539  N NH1 . ARG A 1 65  ? 1.911   6.374   12.113  1.00 36.91 ? 113 ARG A NH1 1 
ATOM   540  N NH2 . ARG A 1 65  ? 0.068   6.869   13.400  1.00 36.91 ? 113 ARG A NH2 1 
ATOM   541  N N   . GLN A 1 66  ? -3.789  3.458   8.044   1.00 25.89 ? 114 GLN A N   1 
ATOM   542  C CA  . GLN A 1 66  ? -5.039  4.198   8.059   1.00 27.73 ? 114 GLN A CA  1 
ATOM   543  C C   . GLN A 1 66  ? -5.054  5.254   9.152   1.00 28.24 ? 114 GLN A C   1 
ATOM   544  O O   . GLN A 1 66  ? -4.581  5.016   10.260  1.00 29.24 ? 114 GLN A O   1 
ATOM   545  C CB  . GLN A 1 66  ? -6.231  3.267   8.324   1.00 27.62 ? 114 GLN A CB  1 
ATOM   546  C CG  . GLN A 1 66  ? -6.463  2.123   7.353   1.00 28.01 ? 114 GLN A CG  1 
ATOM   547  C CD  . GLN A 1 66  ? -7.814  1.466   7.601   1.00 27.79 ? 114 GLN A CD  1 
ATOM   548  O OE1 . GLN A 1 66  ? -8.845  2.123   7.524   1.00 29.65 ? 114 GLN A OE1 1 
ATOM   549  N NE2 . GLN A 1 66  ? -7.809  0.171   7.910   1.00 27.51 ? 114 GLN A NE2 1 
ATOM   550  N N   . TYR A 1 67  ? -5.592  6.423   8.819   1.00 28.78 ? 115 TYR A N   1 
ATOM   551  C CA  . TYR A 1 67  ? -5.787  7.506   9.771   1.00 28.65 ? 115 TYR A CA  1 
ATOM   552  C C   . TYR A 1 67  ? -7.313  7.561   9.725   1.00 29.42 ? 115 TYR A C   1 
ATOM   553  O O   . TYR A 1 67  ? -7.920  8.365   9.008   1.00 29.27 ? 115 TYR A O   1 
ATOM   554  C CB  . TYR A 1 67  ? -5.136  8.800   9.281   1.00 28.88 ? 115 TYR A CB  1 
ATOM   555  C CG  . TYR A 1 67  ? -3.621  8.729   9.311   1.00 29.83 ? 115 TYR A CG  1 
ATOM   556  C CD1 . TYR A 1 67  ? -2.907  8.121   8.275   1.00 29.03 ? 115 TYR A CD1 1 
ATOM   557  C CD2 . TYR A 1 67  ? -2.901  9.228   10.401  1.00 30.73 ? 115 TYR A CD2 1 
ATOM   558  C CE1 . TYR A 1 67  ? -1.512  8.013   8.322   1.00 29.03 ? 115 TYR A CE1 1 
ATOM   559  C CE2 . TYR A 1 67  ? -1.507  9.125   10.459  1.00 31.21 ? 115 TYR A CE2 1 
ATOM   560  C CZ  . TYR A 1 67  ? -0.820  8.519   9.417   1.00 31.02 ? 115 TYR A CZ  1 
ATOM   561  O OH  . TYR A 1 67  ? 0.556   8.430   9.467   1.00 29.63 ? 115 TYR A OH  1 
ATOM   562  N N   . LYS A 1 68  ? -7.908  6.643   10.481  1.00 29.72 ? 116 LYS A N   1 
ATOM   563  C CA  . LYS A 1 68  ? -9.356  6.435   10.531  1.00 31.83 ? 116 LYS A CA  1 
ATOM   564  C C   . LYS A 1 68  ? -10.296 7.613   10.733  1.00 31.95 ? 116 LYS A C   1 
ATOM   565  O O   . LYS A 1 68  ? -11.219 7.802   9.936   1.00 31.26 ? 116 LYS A O   1 
ATOM   566  C CB  . LYS A 1 68  ? -9.676  5.350   11.560  1.00 32.34 ? 116 LYS A CB  1 
ATOM   567  C CG  . LYS A 1 68  ? -9.031  4.005   11.239  1.00 35.29 ? 116 LYS A CG  1 
ATOM   568  C CD  . LYS A 1 68  ? -9.428  2.947   12.259  1.00 37.25 ? 116 LYS A CD  1 
ATOM   569  C CE  . LYS A 1 68  ? -8.934  1.565   11.861  1.00 38.77 ? 116 LYS A CE  1 
ATOM   570  N NZ  . LYS A 1 68  ? -7.453  1.494   11.807  1.00 42.34 ? 116 LYS A NZ  1 
ATOM   571  N N   . PRO A 1 69  ? -10.105 8.405   11.805  1.00 32.28 ? 117 PRO A N   1 
ATOM   572  C CA  . PRO A 1 69  ? -11.013 9.544   11.998  1.00 32.50 ? 117 PRO A CA  1 
ATOM   573  C C   . PRO A 1 69  ? -10.914 10.535  10.840  1.00 31.79 ? 117 PRO A C   1 
ATOM   574  O O   . PRO A 1 69  ? -11.908 11.149  10.447  1.00 32.07 ? 117 PRO A O   1 
ATOM   575  C CB  . PRO A 1 69  ? -10.526 10.160  13.315  1.00 32.24 ? 117 PRO A CB  1 
ATOM   576  C CG  . PRO A 1 69  ? -9.948  8.989   14.045  1.00 31.80 ? 117 PRO A CG  1 
ATOM   577  C CD  . PRO A 1 69  ? -9.193  8.265   12.956  1.00 31.54 ? 117 PRO A CD  1 
ATOM   578  N N   . GLN A 1 70  ? -9.704  10.688  10.306  1.00 31.42 ? 118 GLN A N   1 
ATOM   579  C CA  . GLN A 1 70  ? -9.456  11.618  9.204   1.00 31.18 ? 118 GLN A CA  1 
ATOM   580  C C   . GLN A 1 70  ? -9.926  11.069  7.860   1.00 30.74 ? 118 GLN A C   1 
ATOM   581  O O   . GLN A 1 70  ? -10.041 11.806  6.879   1.00 29.86 ? 118 GLN A O   1 
ATOM   582  C CB  . GLN A 1 70  ? -7.966  11.958  9.117   1.00 32.87 ? 118 GLN A CB  1 
ATOM   583  C CG  . GLN A 1 70  ? -7.389  12.685  10.336  1.00 34.64 ? 118 GLN A CG  1 
ATOM   584  C CD  . GLN A 1 70  ? -7.378  11.824  11.587  1.00 35.82 ? 118 GLN A CD  1 
ATOM   585  O OE1 . GLN A 1 70  ? -6.983  10.655  11.552  1.00 37.49 ? 118 GLN A OE1 1 
ATOM   586  N NE2 . GLN A 1 70  ? -7.802  12.402  12.707  1.00 36.10 ? 118 GLN A NE2 1 
ATOM   587  N N   . ARG A 1 71  ? -10.184 9.768   7.818   1.00 29.06 ? 119 ARG A N   1 
ATOM   588  C CA  . ARG A 1 71  ? -10.651 9.119   6.603   1.00 28.62 ? 119 ARG A CA  1 
ATOM   589  C C   . ARG A 1 71  ? -9.684  9.122   5.421   1.00 27.39 ? 119 ARG A C   1 
ATOM   590  O O   . ARG A 1 71  ? -10.088 9.303   4.276   1.00 27.64 ? 119 ARG A O   1 
ATOM   591  C CB  . ARG A 1 71  ? -11.996 9.710   6.169   1.00 29.82 ? 119 ARG A CB  1 
ATOM   592  C CG  . ARG A 1 71  ? -13.111 9.455   7.182   1.00 33.02 ? 119 ARG A CG  1 
ATOM   593  C CD  . ARG A 1 71  ? -14.423 9.110   6.492   1.00 36.46 ? 119 ARG A CD  1 
ATOM   594  N NE  . ARG A 1 71  ? -14.962 10.242  5.752   1.00 39.66 ? 119 ARG A NE  1 
ATOM   595  C CZ  . ARG A 1 71  ? -15.891 10.136  4.806   1.00 42.64 ? 119 ARG A CZ  1 
ATOM   596  N NH1 . ARG A 1 71  ? -16.381 8.947   4.481   1.00 44.02 ? 119 ARG A NH1 1 
ATOM   597  N NH2 . ARG A 1 71  ? -16.328 11.221  4.179   1.00 44.85 ? 119 ARG A NH2 1 
ATOM   598  N N   . PHE A 1 72  ? -8.398  8.948   5.704   1.00 27.21 ? 120 PHE A N   1 
ATOM   599  C CA  . PHE A 1 72  ? -7.414  8.837   4.639   1.00 27.18 ? 120 PHE A CA  1 
ATOM   600  C C   . PHE A 1 72  ? -6.372  7.829   5.064   1.00 27.02 ? 120 PHE A C   1 
ATOM   601  O O   . PHE A 1 72  ? -6.232  7.523   6.255   1.00 27.19 ? 120 PHE A O   1 
ATOM   602  C CB  . PHE A 1 72  ? -6.798  10.197  4.241   1.00 27.81 ? 120 PHE A CB  1 
ATOM   603  C CG  . PHE A 1 72  ? -6.080  10.926  5.345   1.00 29.45 ? 120 PHE A CG  1 
ATOM   604  C CD1 . PHE A 1 72  ? -4.897  10.429  5.889   1.00 30.15 ? 120 PHE A CD1 1 
ATOM   605  C CD2 . PHE A 1 72  ? -6.548  12.163  5.782   1.00 30.74 ? 120 PHE A CD2 1 
ATOM   606  C CE1 . PHE A 1 72  ? -4.186  11.159  6.849   1.00 30.75 ? 120 PHE A CE1 1 
ATOM   607  C CE2 . PHE A 1 72  ? -5.843  12.902  6.743   1.00 31.57 ? 120 PHE A CE2 1 
ATOM   608  C CZ  . PHE A 1 72  ? -4.660  12.393  7.272   1.00 30.23 ? 120 PHE A CZ  1 
ATOM   609  N N   . ALA A 1 73  ? -5.678  7.262   4.087   1.00 25.09 ? 121 ALA A N   1 
ATOM   610  C CA  . ALA A 1 73  ? -4.669  6.258   4.367   1.00 24.30 ? 121 ALA A CA  1 
ATOM   611  C C   . ALA A 1 73  ? -3.436  6.510   3.520   1.00 24.87 ? 121 ALA A C   1 
ATOM   612  O O   . ALA A 1 73  ? -3.539  6.971   2.382   1.00 24.14 ? 121 ALA A O   1 
ATOM   613  C CB  . ALA A 1 73  ? -5.217  4.880   4.063   1.00 23.31 ? 121 ALA A CB  1 
ATOM   614  N N   . GLU A 1 74  ? -2.269  6.227   4.085   1.00 24.49 ? 122 GLU A N   1 
ATOM   615  C CA  . GLU A 1 74  ? -1.031  6.395   3.338   1.00 25.82 ? 122 GLU A CA  1 
ATOM   616  C C   . GLU A 1 74  ? -0.558  5.023   2.890   1.00 25.28 ? 122 GLU A C   1 
ATOM   617  O O   . GLU A 1 74  ? -0.598  4.056   3.660   1.00 25.33 ? 122 GLU A O   1 
ATOM   618  C CB  . GLU A 1 74  ? 0.074   7.035   4.186   1.00 26.36 ? 122 GLU A CB  1 
ATOM   619  C CG  . GLU A 1 74  ? 1.404   7.114   3.421   1.00 30.31 ? 122 GLU A CG  1 
ATOM   620  C CD  . GLU A 1 74  ? 2.524   7.813   4.176   1.00 31.40 ? 122 GLU A CD  1 
ATOM   621  O OE1 . GLU A 1 74  ? 3.642   7.892   3.620   1.00 31.17 ? 122 GLU A OE1 1 
ATOM   622  O OE2 . GLU A 1 74  ? 2.298   8.282   5.310   1.00 31.45 ? 122 GLU A OE2 1 
ATOM   623  N N   . VAL A 1 75  ? -0.147  4.935   1.633   1.00 24.04 ? 123 VAL A N   1 
ATOM   624  C CA  . VAL A 1 75  ? 0.392   3.700   1.084   1.00 23.99 ? 123 VAL A CA  1 
ATOM   625  C C   . VAL A 1 75  ? 1.894   3.828   1.331   1.00 24.02 ? 123 VAL A C   1 
ATOM   626  O O   . VAL A 1 75  ? 2.570   4.641   0.695   1.00 25.07 ? 123 VAL A O   1 
ATOM   627  C CB  . VAL A 1 75  ? 0.121   3.586   -0.440  1.00 23.76 ? 123 VAL A CB  1 
ATOM   628  C CG1 . VAL A 1 75  ? 0.849   2.377   -1.017  1.00 23.84 ? 123 VAL A CG1 1 
ATOM   629  C CG2 . VAL A 1 75  ? -1.377  3.470   -0.691  1.00 24.57 ? 123 VAL A CG2 1 
ATOM   630  N N   . ALA A 1 76  ? 2.409   3.043   2.271   1.00 24.61 ? 124 ALA A N   1 
ATOM   631  C CA  . ALA A 1 76  ? 3.824   3.085   2.627   1.00 24.24 ? 124 ALA A CA  1 
ATOM   632  C C   . ALA A 1 76  ? 4.717   2.338   1.641   1.00 24.44 ? 124 ALA A C   1 
ATOM   633  O O   . ALA A 1 76  ? 5.714   2.882   1.168   1.00 24.69 ? 124 ALA A O   1 
ATOM   634  C CB  . ALA A 1 76  ? 4.023   2.509   4.035   1.00 23.31 ? 124 ALA A CB  1 
ATOM   635  N N   . PHE A 1 77  ? 4.362   1.091   1.347   1.00 23.25 ? 125 PHE A N   1 
ATOM   636  C CA  . PHE A 1 77  ? 5.142   0.268   0.424   1.00 25.18 ? 125 PHE A CA  1 
ATOM   637  C C   . PHE A 1 77  ? 4.216   -0.525  -0.477  1.00 24.90 ? 125 PHE A C   1 
ATOM   638  O O   . PHE A 1 77  ? 3.133   -0.931  -0.056  1.00 25.88 ? 125 PHE A O   1 
ATOM   639  C CB  . PHE A 1 77  ? 6.028   -0.722  1.192   1.00 24.74 ? 125 PHE A CB  1 
ATOM   640  C CG  . PHE A 1 77  ? 6.910   -0.081  2.224   1.00 26.52 ? 125 PHE A CG  1 
ATOM   641  C CD1 . PHE A 1 77  ? 6.783   -0.421  3.568   1.00 26.84 ? 125 PHE A CD1 1 
ATOM   642  C CD2 . PHE A 1 77  ? 7.871   0.863   1.854   1.00 27.55 ? 125 PHE A CD2 1 
ATOM   643  C CE1 . PHE A 1 77  ? 7.599   0.164   4.535   1.00 27.92 ? 125 PHE A CE1 1 
ATOM   644  C CE2 . PHE A 1 77  ? 8.693   1.455   2.810   1.00 28.45 ? 125 PHE A CE2 1 
ATOM   645  C CZ  . PHE A 1 77  ? 8.556   1.104   4.155   1.00 28.36 ? 125 PHE A CZ  1 
ATOM   646  N N   . LEU A 1 78  ? 4.661   -0.759  -1.708  1.00 24.30 ? 126 LEU A N   1 
ATOM   647  C CA  . LEU A 1 78  ? 3.893   -1.518  -2.686  1.00 25.68 ? 126 LEU A CA  1 
ATOM   648  C C   . LEU A 1 78  ? 4.836   -2.207  -3.671  1.00 26.19 ? 126 LEU A C   1 
ATOM   649  O O   . LEU A 1 78  ? 5.749   -1.582  -4.208  1.00 25.76 ? 126 LEU A O   1 
ATOM   650  C CB  . LEU A 1 78  ? 2.923   -0.578  -3.425  1.00 26.96 ? 126 LEU A CB  1 
ATOM   651  C CG  . LEU A 1 78  ? 2.199   -1.028  -4.698  1.00 28.95 ? 126 LEU A CG  1 
ATOM   652  C CD1 . LEU A 1 78  ? 1.689   -2.445  -4.556  1.00 31.75 ? 126 LEU A CD1 1 
ATOM   653  C CD2 . LEU A 1 78  ? 1.032   -0.064  -4.969  1.00 30.77 ? 126 LEU A CD2 1 
ATOM   654  N N   . ALA A 1 79  ? 4.624   -3.498  -3.900  1.00 26.87 ? 127 ALA A N   1 
ATOM   655  C CA  . ALA A 1 79  ? 5.470   -4.239  -4.831  1.00 25.71 ? 127 ALA A CA  1 
ATOM   656  C C   . ALA A 1 79  ? 4.975   -5.638  -5.154  1.00 25.90 ? 127 ALA A C   1 
ATOM   657  O O   . ALA A 1 79  ? 4.187   -6.230  -4.422  1.00 25.51 ? 127 ALA A O   1 
ATOM   658  C CB  . ALA A 1 79  ? 6.900   -4.327  -4.296  1.00 28.23 ? 127 ALA A CB  1 
ATOM   659  N N   . VAL A 1 80  ? 5.449   -6.144  -6.284  1.00 26.28 ? 128 VAL A N   1 
ATOM   660  C CA  . VAL A 1 80  ? 5.150   -7.490  -6.748  1.00 26.13 ? 128 VAL A CA  1 
ATOM   661  C C   . VAL A 1 80  ? 6.536   -8.087  -6.983  1.00 26.59 ? 128 VAL A C   1 
ATOM   662  O O   . VAL A 1 80  ? 7.420   -7.418  -7.529  1.00 28.17 ? 128 VAL A O   1 
ATOM   663  C CB  . VAL A 1 80  ? 4.356   -7.475  -8.077  1.00 26.66 ? 128 VAL A CB  1 
ATOM   664  C CG1 . VAL A 1 80  ? 4.163   -8.901  -8.588  1.00 27.10 ? 128 VAL A CG1 1 
ATOM   665  C CG2 . VAL A 1 80  ? 3.002   -6.807  -7.866  1.00 26.79 ? 128 VAL A CG2 1 
ATOM   666  N N   . THR A 1 81  ? 6.747   -9.327  -6.562  1.00 27.60 ? 129 THR A N   1 
ATOM   667  C CA  . THR A 1 81  ? 8.055   -9.933  -6.745  1.00 28.74 ? 129 THR A CA  1 
ATOM   668  C C   . THR A 1 81  ? 8.401   -9.969  -8.240  1.00 29.21 ? 129 THR A C   1 
ATOM   669  O O   . THR A 1 81  ? 7.527   -10.121 -9.093  1.00 29.20 ? 129 THR A O   1 
ATOM   670  C CB  . THR A 1 81  ? 8.114   -11.344 -6.106  1.00 29.28 ? 129 THR A CB  1 
ATOM   671  O OG1 . THR A 1 81  ? 9.482   -11.763 -6.021  1.00 31.12 ? 129 THR A OG1 1 
ATOM   672  C CG2 . THR A 1 81  ? 7.323   -12.350 -6.924  1.00 29.39 ? 129 THR A CG2 1 
ATOM   673  N N   . ALA A 1 82  ? 9.683   -9.798  -8.546  1.00 30.30 ? 130 ALA A N   1 
ATOM   674  C CA  . ALA A 1 82  ? 10.170  -9.745  -9.925  1.00 31.86 ? 130 ALA A CA  1 
ATOM   675  C C   . ALA A 1 82  ? 9.658   -10.822 -10.878 1.00 33.02 ? 130 ALA A C   1 
ATOM   676  O O   . ALA A 1 82  ? 9.253   -10.518 -12.002 1.00 32.99 ? 130 ALA A O   1 
ATOM   677  C CB  . ALA A 1 82  ? 11.702  -9.741  -9.926  1.00 34.05 ? 130 ALA A CB  1 
ATOM   678  N N   . ASN A 1 83  ? 9.674   -12.071 -10.430 1.00 33.69 ? 131 ASN A N   1 
ATOM   679  C CA  . ASN A 1 83  ? 9.235   -13.190 -11.256 1.00 36.02 ? 131 ASN A CA  1 
ATOM   680  C C   . ASN A 1 83  ? 7.721   -13.281 -11.470 1.00 35.57 ? 131 ASN A C   1 
ATOM   681  O O   . ASN A 1 83  ? 7.243   -14.195 -12.145 1.00 35.94 ? 131 ASN A O   1 
ATOM   682  C CB  . ASN A 1 83  ? 9.765   -14.506 -10.668 1.00 39.10 ? 131 ASN A CB  1 
ATOM   683  C CG  . ASN A 1 83  ? 9.542   -14.610 -9.165  1.00 43.27 ? 131 ASN A CG  1 
ATOM   684  O OD1 . ASN A 1 83  ? 10.097  -13.826 -8.380  1.00 47.27 ? 131 ASN A OD1 1 
ATOM   685  N ND2 . ASN A 1 83  ? 8.731   -15.578 -8.756  1.00 45.05 ? 131 ASN A ND2 1 
ATOM   686  N N   . GLU A 1 84  ? 6.972   -12.336 -10.909 1.00 33.35 ? 132 GLU A N   1 
ATOM   687  C CA  . GLU A 1 84  ? 5.524   -12.334 -11.060 1.00 31.24 ? 132 GLU A CA  1 
ATOM   688  C C   . GLU A 1 84  ? 5.004   -11.008 -11.609 1.00 29.62 ? 132 GLU A C   1 
ATOM   689  O O   . GLU A 1 84  ? 3.796   -10.758 -11.602 1.00 30.06 ? 132 GLU A O   1 
ATOM   690  C CB  . GLU A 1 84  ? 4.853   -12.618 -9.713  1.00 31.13 ? 132 GLU A CB  1 
ATOM   691  C CG  . GLU A 1 84  ? 5.140   -13.998 -9.150  1.00 32.30 ? 132 GLU A CG  1 
ATOM   692  C CD  . GLU A 1 84  ? 4.391   -15.098 -9.876  1.00 33.76 ? 132 GLU A CD  1 
ATOM   693  O OE1 . GLU A 1 84  ? 3.686   -14.809 -10.869 1.00 33.75 ? 132 GLU A OE1 1 
ATOM   694  O OE2 . GLU A 1 84  ? 4.509   -16.263 -9.450  1.00 36.65 ? 132 GLU A OE2 1 
ATOM   695  N N   . GLN A 1 85  ? 5.900   -10.154 -12.083 1.00 29.41 ? 133 GLN A N   1 
ATOM   696  C CA  . GLN A 1 85  ? 5.469   -8.862  -12.603 1.00 30.05 ? 133 GLN A CA  1 
ATOM   697  C C   . GLN A 1 85  ? 4.935   -8.948  -14.036 1.00 31.11 ? 133 GLN A C   1 
ATOM   698  O O   . GLN A 1 85  ? 5.141   -9.946  -14.722 1.00 30.82 ? 133 GLN A O   1 
ATOM   699  C CB  . GLN A 1 85  ? 6.617   -7.856  -12.514 1.00 31.02 ? 133 GLN A CB  1 
ATOM   700  C CG  . GLN A 1 85  ? 7.180   -7.689  -11.105 1.00 29.52 ? 133 GLN A CG  1 
ATOM   701  C CD  . GLN A 1 85  ? 8.256   -6.617  -11.013 1.00 28.87 ? 133 GLN A CD  1 
ATOM   702  O OE1 . GLN A 1 85  ? 8.911   -6.296  -12.000 1.00 28.30 ? 133 GLN A OE1 1 
ATOM   703  N NE2 . GLN A 1 85  ? 8.457   -6.076  -9.815  1.00 27.03 ? 133 GLN A NE2 1 
ATOM   704  N N   . VAL A 1 86  ? 4.237   -7.895  -14.459 1.00 31.45 ? 134 VAL A N   1 
ATOM   705  C CA  . VAL A 1 86  ? 3.643   -7.789  -15.796 1.00 32.19 ? 134 VAL A CA  1 
ATOM   706  C C   . VAL A 1 86  ? 2.637   -8.905  -16.083 1.00 32.96 ? 134 VAL A C   1 
ATOM   707  O O   . VAL A 1 86  ? 2.541   -9.417  -17.207 1.00 31.30 ? 134 VAL A O   1 
ATOM   708  C CB  . VAL A 1 86  ? 4.738   -7.774  -16.903 1.00 33.43 ? 134 VAL A CB  1 
ATOM   709  C CG1 . VAL A 1 86  ? 4.166   -7.199  -18.197 1.00 31.92 ? 134 VAL A CG1 1 
ATOM   710  C CG2 . VAL A 1 86  ? 5.936   -6.952  -16.440 1.00 31.76 ? 134 VAL A CG2 1 
ATOM   711  N N   . ARG A 1 87  ? 1.874   -9.272  -15.056 1.00 32.62 ? 135 ARG A N   1 
ATOM   712  C CA  . ARG A 1 87  ? 0.874   -10.324 -15.173 1.00 33.32 ? 135 ARG A CA  1 
ATOM   713  C C   . ARG A 1 87  ? -0.481  -9.841  -14.652 1.00 32.49 ? 135 ARG A C   1 
ATOM   714  O O   . ARG A 1 87  ? -1.403  -10.633 -14.448 1.00 32.38 ? 135 ARG A O   1 
ATOM   715  C CB  . ARG A 1 87  ? 1.359   -11.558 -14.410 1.00 35.08 ? 135 ARG A CB  1 
ATOM   716  C CG  . ARG A 1 87  ? 2.797   -11.900 -14.784 1.00 39.09 ? 135 ARG A CG  1 
ATOM   717  C CD  . ARG A 1 87  ? 3.384   -13.052 -13.993 1.00 41.75 ? 135 ARG A CD  1 
ATOM   718  N NE  . ARG A 1 87  ? 2.741   -14.313 -14.318 1.00 43.83 ? 135 ARG A NE  1 
ATOM   719  C CZ  . ARG A 1 87  ? 3.346   -15.494 -14.258 1.00 44.64 ? 135 ARG A CZ  1 
ATOM   720  N NH1 . ARG A 1 87  ? 4.617   -15.565 -13.886 1.00 44.48 ? 135 ARG A NH1 1 
ATOM   721  N NH2 . ARG A 1 87  ? 2.679   -16.597 -14.573 1.00 42.74 ? 135 ARG A NH2 1 
ATOM   722  N N   . GLY A 1 88  ? -0.587  -8.531  -14.443 1.00 31.77 ? 136 GLY A N   1 
ATOM   723  C CA  . GLY A 1 88  ? -1.825  -7.937  -13.969 1.00 32.58 ? 136 GLY A CA  1 
ATOM   724  C C   . GLY A 1 88  ? -2.049  -7.916  -12.465 1.00 32.53 ? 136 GLY A C   1 
ATOM   725  O O   . GLY A 1 88  ? -3.028  -7.338  -11.991 1.00 32.54 ? 136 GLY A O   1 
ATOM   726  N N   . TYR A 1 89  ? -1.146  -8.530  -11.710 1.00 31.82 ? 137 TYR A N   1 
ATOM   727  C CA  . TYR A 1 89  ? -1.280  -8.597  -10.254 1.00 31.76 ? 137 TYR A CA  1 
ATOM   728  C C   . TYR A 1 89  ? -1.235  -7.237  -9.560  1.00 31.47 ? 137 TYR A C   1 
ATOM   729  O O   . TYR A 1 89  ? -2.035  -6.965  -8.661  1.00 30.05 ? 137 TYR A O   1 
ATOM   730  C CB  . TYR A 1 89  ? -0.197  -9.513  -9.681  1.00 31.76 ? 137 TYR A CB  1 
ATOM   731  C CG  . TYR A 1 89  ? -0.297  -10.954 -10.146 1.00 33.08 ? 137 TYR A CG  1 
ATOM   732  C CD1 . TYR A 1 89  ? 0.838   -11.758 -10.228 1.00 34.53 ? 137 TYR A CD1 1 
ATOM   733  C CD2 . TYR A 1 89  ? -1.522  -11.512 -10.506 1.00 34.04 ? 137 TYR A CD2 1 
ATOM   734  C CE1 . TYR A 1 89  ? 0.763   -13.079 -10.652 1.00 34.21 ? 137 TYR A CE1 1 
ATOM   735  C CE2 . TYR A 1 89  ? -1.609  -12.836 -10.933 1.00 35.45 ? 137 TYR A CE2 1 
ATOM   736  C CZ  . TYR A 1 89  ? -0.462  -13.612 -11.007 1.00 35.28 ? 137 TYR A CZ  1 
ATOM   737  O OH  . TYR A 1 89  ? -0.540  -14.921 -11.433 1.00 34.88 ? 137 TYR A OH  1 
ATOM   738  N N   . GLY A 1 90  ? -0.300  -6.389  -9.973  1.00 32.37 ? 138 GLY A N   1 
ATOM   739  C CA  . GLY A 1 90  ? -0.180  -5.070  -9.380  1.00 33.04 ? 138 GLY A CA  1 
ATOM   740  C C   . GLY A 1 90  ? -1.487  -4.300  -9.445  1.00 32.54 ? 138 GLY A C   1 
ATOM   741  O O   . GLY A 1 90  ? -1.874  -3.623  -8.495  1.00 32.87 ? 138 GLY A O   1 
ATOM   742  N N   . THR A 1 91  ? -2.175  -4.404  -10.575 1.00 31.97 ? 139 THR A N   1 
ATOM   743  C CA  . THR A 1 91  ? -3.445  -3.716  -10.748 1.00 30.67 ? 139 THR A CA  1 
ATOM   744  C C   . THR A 1 91  ? -4.547  -4.385  -9.932  1.00 29.14 ? 139 THR A C   1 
ATOM   745  O O   . THR A 1 91  ? -5.350  -3.705  -9.300  1.00 29.36 ? 139 THR A O   1 
ATOM   746  C CB  . THR A 1 91  ? -3.860  -3.679  -12.232 1.00 31.23 ? 139 THR A CB  1 
ATOM   747  O OG1 . THR A 1 91  ? -2.932  -2.865  -12.955 1.00 34.28 ? 139 THR A OG1 1 
ATOM   748  C CG2 . THR A 1 91  ? -5.257  -3.101  -12.384 1.00 31.15 ? 139 THR A CG2 1 
ATOM   749  N N   . ARG A 1 92  ? -4.585  -5.715  -9.948  1.00 28.60 ? 140 ARG A N   1 
ATOM   750  C CA  . ARG A 1 92  ? -5.594  -6.447  -9.191  1.00 28.83 ? 140 ARG A CA  1 
ATOM   751  C C   . ARG A 1 92  ? -5.448  -6.130  -7.704  1.00 28.34 ? 140 ARG A C   1 
ATOM   752  O O   . ARG A 1 92  ? -6.443  -5.984  -6.983  1.00 28.16 ? 140 ARG A O   1 
ATOM   753  C CB  . ARG A 1 92  ? -5.456  -7.956  -9.432  1.00 30.96 ? 140 ARG A CB  1 
ATOM   754  C CG  . ARG A 1 92  ? -6.088  -8.428  -10.750 1.00 33.72 ? 140 ARG A CG  1 
ATOM   755  C CD  . ARG A 1 92  ? -5.804  -9.901  -11.041 1.00 36.90 ? 140 ARG A CD  1 
ATOM   756  N NE  . ARG A 1 92  ? -6.505  -10.832 -10.156 1.00 37.98 ? 140 ARG A NE  1 
ATOM   757  C CZ  . ARG A 1 92  ? -6.317  -12.153 -10.172 1.00 39.71 ? 140 ARG A CZ  1 
ATOM   758  N NH1 . ARG A 1 92  ? -5.451  -12.692 -11.024 1.00 38.89 ? 140 ARG A NH1 1 
ATOM   759  N NH2 . ARG A 1 92  ? -6.994  -12.942 -9.345  1.00 38.96 ? 140 ARG A NH2 1 
ATOM   760  N N   . LEU A 1 93  ? -4.204  -6.013  -7.255  1.00 26.82 ? 141 LEU A N   1 
ATOM   761  C CA  . LEU A 1 93  ? -3.920  -5.696  -5.860  1.00 27.67 ? 141 LEU A CA  1 
ATOM   762  C C   . LEU A 1 93  ? -4.483  -4.317  -5.489  1.00 27.08 ? 141 LEU A C   1 
ATOM   763  O O   . LEU A 1 93  ? -5.169  -4.172  -4.480  1.00 27.59 ? 141 LEU A O   1 
ATOM   764  C CB  . LEU A 1 93  ? -2.407  -5.719  -5.622  1.00 26.87 ? 141 LEU A CB  1 
ATOM   765  C CG  . LEU A 1 93  ? -1.877  -5.219  -4.274  1.00 28.07 ? 141 LEU A CG  1 
ATOM   766  C CD1 . LEU A 1 93  ? -2.428  -6.072  -3.129  1.00 26.69 ? 141 LEU A CD1 1 
ATOM   767  C CD2 . LEU A 1 93  ? -0.352  -5.267  -4.304  1.00 26.12 ? 141 LEU A CD2 1 
ATOM   768  N N   . MET A 1 94  ? -4.204  -3.310  -6.312  1.00 26.10 ? 142 MET A N   1 
ATOM   769  C CA  . MET A 1 94  ? -4.698  -1.967  -6.031  1.00 26.82 ? 142 MET A CA  1 
ATOM   770  C C   . MET A 1 94  ? -6.223  -1.922  -6.026  1.00 26.92 ? 142 MET A C   1 
ATOM   771  O O   . MET A 1 94  ? -6.816  -1.254  -5.186  1.00 26.56 ? 142 MET A O   1 
ATOM   772  C CB  . MET A 1 94  ? -4.154  -0.958  -7.044  1.00 27.28 ? 142 MET A CB  1 
ATOM   773  C CG  . MET A 1 94  ? -4.547  0.494   -6.744  1.00 28.96 ? 142 MET A CG  1 
ATOM   774  S SD  . MET A 1 94  ? -3.948  1.067   -5.132  1.00 30.02 ? 142 MET A SD  1 
ATOM   775  C CE  . MET A 1 94  ? -2.322  1.712   -5.583  1.00 33.14 ? 142 MET A CE  1 
ATOM   776  N N   . ASN A 1 95  ? -6.859  -2.627  -6.960  1.00 26.26 ? 143 ASN A N   1 
ATOM   777  C CA  . ASN A 1 95  ? -8.319  -2.648  -7.003  1.00 26.92 ? 143 ASN A CA  1 
ATOM   778  C C   . ASN A 1 95  ? -8.875  -3.297  -5.737  1.00 26.29 ? 143 ASN A C   1 
ATOM   779  O O   . ASN A 1 95  ? -9.868  -2.824  -5.168  1.00 26.31 ? 143 ASN A O   1 
ATOM   780  C CB  . ASN A 1 95  ? -8.831  -3.408  -8.237  1.00 29.40 ? 143 ASN A CB  1 
ATOM   781  C CG  . ASN A 1 95  ? -8.607  -2.641  -9.530  1.00 31.29 ? 143 ASN A CG  1 
ATOM   782  O OD1 . ASN A 1 95  ? -8.503  -1.417  -9.525  1.00 32.73 ? 143 ASN A OD1 1 
ATOM   783  N ND2 . ASN A 1 95  ? -8.551  -3.361  -10.645 1.00 33.28 ? 143 ASN A ND2 1 
ATOM   784  N N   . LYS A 1 96  ? -8.244  -4.381  -5.300  1.00 25.40 ? 144 LYS A N   1 
ATOM   785  C CA  . LYS A 1 96  ? -8.683  -5.058  -4.085  1.00 26.32 ? 144 LYS A CA  1 
ATOM   786  C C   . LYS A 1 96  ? -8.489  -4.112  -2.902  1.00 26.28 ? 144 LYS A C   1 
ATOM   787  O O   . LYS A 1 96  ? -9.336  -4.036  -2.013  1.00 24.69 ? 144 LYS A O   1 
ATOM   788  C CB  . LYS A 1 96  ? -7.880  -6.339  -3.860  1.00 28.85 ? 144 LYS A CB  1 
ATOM   789  C CG  . LYS A 1 96  ? -8.211  -7.478  -4.830  1.00 33.80 ? 144 LYS A CG  1 
ATOM   790  C CD  . LYS A 1 96  ? -9.540  -8.160  -4.488  1.00 36.05 ? 144 LYS A CD  1 
ATOM   791  C CE  . LYS A 1 96  ? -9.803  -9.354  -5.417  1.00 37.98 ? 144 LYS A CE  1 
ATOM   792  N NZ  . LYS A 1 96  ? -11.052 -10.113 -5.084  1.00 37.42 ? 144 LYS A NZ  1 
ATOM   793  N N   . PHE A 1 97  ? -7.382  -3.373  -2.907  1.00 25.21 ? 145 PHE A N   1 
ATOM   794  C CA  . PHE A 1 97  ? -7.089  -2.437  -1.826  1.00 24.53 ? 145 PHE A CA  1 
ATOM   795  C C   . PHE A 1 97  ? -8.105  -1.300  -1.799  1.00 24.95 ? 145 PHE A C   1 
ATOM   796  O O   . PHE A 1 97  ? -8.594  -0.916  -0.735  1.00 24.78 ? 145 PHE A O   1 
ATOM   797  C CB  . PHE A 1 97  ? -5.669  -1.874  -1.972  1.00 25.03 ? 145 PHE A CB  1 
ATOM   798  C CG  . PHE A 1 97  ? -5.280  -0.925  -0.871  1.00 24.97 ? 145 PHE A CG  1 
ATOM   799  C CD1 . PHE A 1 97  ? -4.969  0.403   -1.156  1.00 23.73 ? 145 PHE A CD1 1 
ATOM   800  C CD2 . PHE A 1 97  ? -5.260  -1.348  0.456   1.00 24.26 ? 145 PHE A CD2 1 
ATOM   801  C CE1 . PHE A 1 97  ? -4.644  1.298   -0.133  1.00 23.56 ? 145 PHE A CE1 1 
ATOM   802  C CE2 . PHE A 1 97  ? -4.937  -0.464  1.489   1.00 22.32 ? 145 PHE A CE2 1 
ATOM   803  C CZ  . PHE A 1 97  ? -4.629  0.861   1.198   1.00 23.21 ? 145 PHE A CZ  1 
ATOM   804  N N   . LYS A 1 98  ? -8.441  -0.764  -2.966  1.00 23.98 ? 146 LYS A N   1 
ATOM   805  C CA  . LYS A 1 98  ? -9.420  0.315   -3.014  1.00 24.50 ? 146 LYS A CA  1 
ATOM   806  C C   . LYS A 1 98  ? -10.774 -0.166  -2.500  1.00 24.74 ? 146 LYS A C   1 
ATOM   807  O O   . LYS A 1 98  ? -11.456 0.549   -1.767  1.00 23.83 ? 146 LYS A O   1 
ATOM   808  C CB  . LYS A 1 98  ? -9.565  0.847   -4.439  1.00 26.85 ? 146 LYS A CB  1 
ATOM   809  C CG  . LYS A 1 98  ? -8.334  1.567   -4.963  1.00 27.29 ? 146 LYS A CG  1 
ATOM   810  C CD  . LYS A 1 98  ? -8.596  2.096   -6.366  1.00 30.54 ? 146 LYS A CD  1 
ATOM   811  C CE  . LYS A 1 98  ? -7.411  2.876   -6.896  1.00 31.85 ? 146 LYS A CE  1 
ATOM   812  N NZ  . LYS A 1 98  ? -7.735  3.475   -8.220  1.00 35.00 ? 146 LYS A NZ  1 
ATOM   813  N N   . ASP A 1 99  ? -11.163 -1.380  -2.880  1.00 23.98 ? 147 ASP A N   1 
ATOM   814  C CA  . ASP A 1 99  ? -12.437 -1.928  -2.438  1.00 24.78 ? 147 ASP A CA  1 
ATOM   815  C C   . ASP A 1 99  ? -12.437 -2.019  -0.907  1.00 24.12 ? 147 ASP A C   1 
ATOM   816  O O   . ASP A 1 99  ? -13.426 -1.686  -0.255  1.00 25.33 ? 147 ASP A O   1 
ATOM   817  C CB  . ASP A 1 99  ? -12.666 -3.311  -3.063  1.00 25.85 ? 147 ASP A CB  1 
ATOM   818  C CG  . ASP A 1 99  ? -13.998 -3.924  -2.659  1.00 28.04 ? 147 ASP A CG  1 
ATOM   819  O OD1 . ASP A 1 99  ? -14.006 -4.792  -1.756  1.00 29.43 ? 147 ASP A OD1 1 
ATOM   820  O OD2 . ASP A 1 99  ? -15.037 -3.537  -3.234  1.00 26.48 ? 147 ASP A OD2 1 
ATOM   821  N N   . HIS A 1 100 ? -11.320 -2.453  -0.341  1.00 24.67 ? 148 HIS A N   1 
ATOM   822  C CA  . HIS A 1 100 ? -11.207 -2.562  1.106   1.00 25.73 ? 148 HIS A CA  1 
ATOM   823  C C   . HIS A 1 100 ? -11.307 -1.182  1.764   1.00 25.70 ? 148 HIS A C   1 
ATOM   824  O O   . HIS A 1 100 ? -12.037 -0.996  2.746   1.00 24.03 ? 148 HIS A O   1 
ATOM   825  C CB  . HIS A 1 100 ? -9.886  -3.221  1.480   1.00 26.86 ? 148 HIS A CB  1 
ATOM   826  C CG  . HIS A 1 100 ? -9.748  -3.485  2.942   1.00 29.62 ? 148 HIS A CG  1 
ATOM   827  N ND1 . HIS A 1 100 ? -8.840  -2.812  3.738   1.00 32.05 ? 148 HIS A ND1 1 
ATOM   828  C CD2 . HIS A 1 100 ? -10.412 -4.328  3.763   1.00 30.25 ? 148 HIS A CD2 1 
ATOM   829  C CE1 . HIS A 1 100 ? -8.955  -3.237  4.983   1.00 31.48 ? 148 HIS A CE1 1 
ATOM   830  N NE2 . HIS A 1 100 ? -9.903  -4.156  5.024   1.00 32.42 ? 148 HIS A NE2 1 
ATOM   831  N N   . MET A 1 101 ? -10.572 -0.213  1.225   1.00 23.74 ? 149 MET A N   1 
ATOM   832  C CA  . MET A 1 101 ? -10.603 1.143   1.767   1.00 23.58 ? 149 MET A CA  1 
ATOM   833  C C   . MET A 1 101 ? -12.018 1.696   1.718   1.00 23.54 ? 149 MET A C   1 
ATOM   834  O O   . MET A 1 101 ? -12.473 2.338   2.662   1.00 21.66 ? 149 MET A O   1 
ATOM   835  C CB  . MET A 1 101 ? -9.653  2.055   0.983   1.00 23.97 ? 149 MET A CB  1 
ATOM   836  C CG  . MET A 1 101 ? -8.177  1.716   1.192   1.00 24.01 ? 149 MET A CG  1 
ATOM   837  S SD  . MET A 1 101 ? -7.631  2.093   2.887   1.00 25.40 ? 149 MET A SD  1 
ATOM   838  C CE  . MET A 1 101 ? -7.802  0.510   3.684   1.00 24.99 ? 149 MET A CE  1 
ATOM   839  N N   . GLN A 1 102 ? -12.725 1.431   0.624   1.00 23.81 ? 150 GLN A N   1 
ATOM   840  C CA  . GLN A 1 102 ? -14.094 1.911   0.498   1.00 26.21 ? 150 GLN A CA  1 
ATOM   841  C C   . GLN A 1 102 ? -14.928 1.334   1.653   1.00 27.18 ? 150 GLN A C   1 
ATOM   842  O O   . GLN A 1 102 ? -15.710 2.044   2.292   1.00 28.03 ? 150 GLN A O   1 
ATOM   843  C CB  . GLN A 1 102 ? -14.671 1.494   -0.859  1.00 25.65 ? 150 GLN A CB  1 
ATOM   844  C CG  . GLN A 1 102 ? -16.135 1.824   -1.063  1.00 28.91 ? 150 GLN A CG  1 
ATOM   845  C CD  . GLN A 1 102 ? -16.618 1.397   -2.434  1.00 27.52 ? 150 GLN A CD  1 
ATOM   846  O OE1 . GLN A 1 102 ? -16.590 2.176   -3.389  1.00 30.05 ? 150 GLN A OE1 1 
ATOM   847  N NE2 . GLN A 1 102 ? -17.040 0.145   -2.544  1.00 28.63 ? 150 GLN A NE2 1 
ATOM   848  N N   . LYS A 1 103 ? -14.739 0.049   1.926   1.00 28.41 ? 151 LYS A N   1 
ATOM   849  C CA  . LYS A 1 103 ? -15.462 -0.620  3.003   1.00 29.79 ? 151 LYS A CA  1 
ATOM   850  C C   . LYS A 1 103 ? -15.040 -0.120  4.388   1.00 29.57 ? 151 LYS A C   1 
ATOM   851  O O   . LYS A 1 103 ? -15.824 -0.170  5.335   1.00 30.94 ? 151 LYS A O   1 
ATOM   852  C CB  . LYS A 1 103 ? -15.256 -2.132  2.904   1.00 31.23 ? 151 LYS A CB  1 
ATOM   853  C CG  . LYS A 1 103 ? -16.032 -2.772  1.753   1.00 35.39 ? 151 LYS A CG  1 
ATOM   854  C CD  . LYS A 1 103 ? -15.820 -4.278  1.704   1.00 36.39 ? 151 LYS A CD  1 
ATOM   855  C CE  . LYS A 1 103 ? -16.851 -4.957  0.805   1.00 38.21 ? 151 LYS A CE  1 
ATOM   856  N NZ  . LYS A 1 103 ? -16.879 -4.402  -0.580  1.00 38.95 ? 151 LYS A NZ  1 
ATOM   857  N N   . GLN A 1 104 ? -13.802 0.362   4.496   1.00 28.11 ? 152 GLN A N   1 
ATOM   858  C CA  . GLN A 1 104 ? -13.272 0.889   5.755   1.00 28.31 ? 152 GLN A CA  1 
ATOM   859  C C   . GLN A 1 104 ? -13.601 2.370   5.898   1.00 29.36 ? 152 GLN A C   1 
ATOM   860  O O   . GLN A 1 104 ? -13.149 3.044   6.837   1.00 28.61 ? 152 GLN A O   1 
ATOM   861  C CB  . GLN A 1 104 ? -11.753 0.706   5.810   1.00 29.94 ? 152 GLN A CB  1 
ATOM   862  C CG  . GLN A 1 104 ? -11.296 -0.727  5.968   1.00 31.27 ? 152 GLN A CG  1 
ATOM   863  C CD  . GLN A 1 104 ? -11.599 -1.281  7.351   1.00 34.67 ? 152 GLN A CD  1 
ATOM   864  O OE1 . GLN A 1 104 ? -12.418 -2.188  7.507   1.00 35.41 ? 152 GLN A OE1 1 
ATOM   865  N NE2 . GLN A 1 104 ? -10.933 -0.733  8.366   1.00 35.12 ? 152 GLN A NE2 1 
ATOM   866  N N   . ASN A 1 105 ? -14.385 2.876   4.957   1.00 29.28 ? 153 ASN A N   1 
ATOM   867  C CA  . ASN A 1 105 ? -14.784 4.271   4.965   1.00 30.60 ? 153 ASN A CA  1 
ATOM   868  C C   . ASN A 1 105 ? -13.578 5.219   4.887   1.00 29.80 ? 153 ASN A C   1 
ATOM   869  O O   . ASN A 1 105 ? -13.516 6.227   5.592   1.00 28.35 ? 153 ASN A O   1 
ATOM   870  C CB  . ASN A 1 105 ? -15.630 4.564   6.212   1.00 34.61 ? 153 ASN A CB  1 
ATOM   871  C CG  . ASN A 1 105 ? -16.202 5.964   6.215   1.00 37.39 ? 153 ASN A CG  1 
ATOM   872  O OD1 . ASN A 1 105 ? -16.621 6.481   5.178   1.00 38.98 ? 153 ASN A OD1 1 
ATOM   873  N ND2 . ASN A 1 105 ? -16.240 6.584   7.389   1.00 41.67 ? 153 ASN A ND2 1 
ATOM   874  N N   . ILE A 1 106 ? -12.617 4.868   4.033   1.00 27.17 ? 154 ILE A N   1 
ATOM   875  C CA  . ILE A 1 106 ? -11.440 5.701   3.805   1.00 26.01 ? 154 ILE A CA  1 
ATOM   876  C C   . ILE A 1 106 ? -11.756 6.468   2.522   1.00 25.66 ? 154 ILE A C   1 
ATOM   877  O O   . ILE A 1 106 ? -12.118 5.874   1.513   1.00 25.18 ? 154 ILE A O   1 
ATOM   878  C CB  . ILE A 1 106 ? -10.168 4.851   3.612   1.00 24.73 ? 154 ILE A CB  1 
ATOM   879  C CG1 . ILE A 1 106 ? -9.779  4.200   4.937   1.00 24.55 ? 154 ILE A CG1 1 
ATOM   880  C CG2 . ILE A 1 106 ? -9.026  5.724   3.080   1.00 22.48 ? 154 ILE A CG2 1 
ATOM   881  C CD1 . ILE A 1 106 ? -9.496  5.200   6.065   1.00 24.25 ? 154 ILE A CD1 1 
ATOM   882  N N   . GLU A 1 107 ? -11.614 7.788   2.572   1.00 26.33 ? 155 GLU A N   1 
ATOM   883  C CA  . GLU A 1 107 ? -11.941 8.652   1.437   1.00 28.60 ? 155 GLU A CA  1 
ATOM   884  C C   . GLU A 1 107 ? -10.783 8.965   0.480   1.00 27.87 ? 155 GLU A C   1 
ATOM   885  O O   . GLU A 1 107 ? -10.996 9.193   -0.711  1.00 28.64 ? 155 GLU A O   1 
ATOM   886  C CB  . GLU A 1 107 ? -12.521 9.956   1.990   1.00 30.30 ? 155 GLU A CB  1 
ATOM   887  C CG  . GLU A 1 107 ? -13.240 10.824  1.005   1.00 35.14 ? 155 GLU A CG  1 
ATOM   888  C CD  . GLU A 1 107 ? -13.825 12.060  1.671   1.00 36.71 ? 155 GLU A CD  1 
ATOM   889  O OE1 . GLU A 1 107 ? -14.687 12.713  1.054   1.00 39.09 ? 155 GLU A OE1 1 
ATOM   890  O OE2 . GLU A 1 107 ? -13.419 12.380  2.811   1.00 37.15 ? 155 GLU A OE2 1 
ATOM   891  N N   . TYR A 1 108 ? -9.561  8.992   1.001   1.00 28.08 ? 156 TYR A N   1 
ATOM   892  C CA  . TYR A 1 108 ? -8.390  9.287   0.174   1.00 27.65 ? 156 TYR A CA  1 
ATOM   893  C C   . TYR A 1 108 ? -7.183  8.436   0.517   1.00 26.46 ? 156 TYR A C   1 
ATOM   894  O O   . TYR A 1 108 ? -6.993  8.035   1.664   1.00 24.80 ? 156 TYR A O   1 
ATOM   895  C CB  . TYR A 1 108 ? -7.951  10.754  0.322   1.00 27.80 ? 156 TYR A CB  1 
ATOM   896  C CG  . TYR A 1 108 ? -8.911  11.797  -0.202  1.00 30.62 ? 156 TYR A CG  1 
ATOM   897  C CD1 . TYR A 1 108 ? -9.874  12.366  0.625   1.00 31.01 ? 156 TYR A CD1 1 
ATOM   898  C CD2 . TYR A 1 108 ? -8.838  12.234  -1.526  1.00 31.21 ? 156 TYR A CD2 1 
ATOM   899  C CE1 . TYR A 1 108 ? -10.748 13.351  0.147   1.00 32.79 ? 156 TYR A CE1 1 
ATOM   900  C CE2 . TYR A 1 108 ? -9.703  13.214  -2.012  1.00 32.74 ? 156 TYR A CE2 1 
ATOM   901  C CZ  . TYR A 1 108 ? -10.655 13.768  -1.169  1.00 33.70 ? 156 TYR A CZ  1 
ATOM   902  O OH  . TYR A 1 108 ? -11.518 14.733  -1.648  1.00 35.33 ? 156 TYR A OH  1 
ATOM   903  N N   . LEU A 1 109 ? -6.363  8.182   -0.497  1.00 26.19 ? 157 LEU A N   1 
ATOM   904  C CA  . LEU A 1 109 ? -5.120  7.440   -0.335  1.00 25.21 ? 157 LEU A CA  1 
ATOM   905  C C   . LEU A 1 109 ? -4.037  8.438   -0.711  1.00 25.33 ? 157 LEU A C   1 
ATOM   906  O O   . LEU A 1 109 ? -4.216  9.229   -1.638  1.00 24.82 ? 157 LEU A O   1 
ATOM   907  C CB  . LEU A 1 109 ? -5.036  6.257   -1.299  1.00 26.24 ? 157 LEU A CB  1 
ATOM   908  C CG  . LEU A 1 109 ? -6.140  5.200   -1.254  1.00 26.18 ? 157 LEU A CG  1 
ATOM   909  C CD1 . LEU A 1 109 ? -5.867  4.155   -2.327  1.00 26.00 ? 157 LEU A CD1 1 
ATOM   910  C CD2 . LEU A 1 109 ? -6.176  4.555   0.126   1.00 27.63 ? 157 LEU A CD2 1 
ATOM   911  N N   . LEU A 1 110 ? -2.927  8.412   0.017   1.00 25.57 ? 158 LEU A N   1 
ATOM   912  C CA  . LEU A 1 110 ? -1.804  9.290   -0.265  1.00 26.49 ? 158 LEU A CA  1 
ATOM   913  C C   . LEU A 1 110 ? -0.555  8.425   -0.266  1.00 26.38 ? 158 LEU A C   1 
ATOM   914  O O   . LEU A 1 110 ? -0.450  7.483   0.512   1.00 24.51 ? 158 LEU A O   1 
ATOM   915  C CB  . LEU A 1 110 ? -1.657  10.380  0.804   1.00 28.23 ? 158 LEU A CB  1 
ATOM   916  C CG  . LEU A 1 110 ? -2.673  11.527  0.869   1.00 29.93 ? 158 LEU A CG  1 
ATOM   917  C CD1 . LEU A 1 110 ? -2.302  12.444  2.029   1.00 33.22 ? 158 LEU A CD1 1 
ATOM   918  C CD2 . LEU A 1 110 ? -2.670  12.310  -0.431  1.00 32.07 ? 158 LEU A CD2 1 
ATOM   919  N N   . THR A 1 111 ? 0.387   8.737   -1.146  1.00 25.40 ? 159 THR A N   1 
ATOM   920  C CA  . THR A 1 111 ? 1.617   7.964   -1.205  1.00 26.10 ? 159 THR A CA  1 
ATOM   921  C C   . THR A 1 111 ? 2.735   8.788   -1.832  1.00 27.48 ? 159 THR A C   1 
ATOM   922  O O   . THR A 1 111 ? 2.475   9.620   -2.699  1.00 27.86 ? 159 THR A O   1 
ATOM   923  C CB  . THR A 1 111 ? 1.420   6.677   -2.042  1.00 24.69 ? 159 THR A CB  1 
ATOM   924  O OG1 . THR A 1 111 ? 2.530   5.797   -1.838  1.00 25.74 ? 159 THR A OG1 1 
ATOM   925  C CG2 . THR A 1 111 ? 1.329   7.012   -3.535  1.00 26.13 ? 159 THR A CG2 1 
ATOM   926  N N   . TYR A 1 112 ? 3.967   8.580   -1.368  1.00 28.37 ? 160 TYR A N   1 
ATOM   927  C CA  . TYR A 1 112 ? 5.132   9.252   -1.948  1.00 31.39 ? 160 TYR A CA  1 
ATOM   928  C C   . TYR A 1 112 ? 5.701   8.240   -2.946  1.00 33.02 ? 160 TYR A C   1 
ATOM   929  O O   . TYR A 1 112 ? 6.145   7.157   -2.559  1.00 32.61 ? 160 TYR A O   1 
ATOM   930  C CB  . TYR A 1 112 ? 6.180   9.580   -0.880  1.00 29.85 ? 160 TYR A CB  1 
ATOM   931  C CG  . TYR A 1 112 ? 5.868   10.832  -0.101  1.00 31.09 ? 160 TYR A CG  1 
ATOM   932  C CD1 . TYR A 1 112 ? 5.122   10.783  1.077   1.00 31.10 ? 160 TYR A CD1 1 
ATOM   933  C CD2 . TYR A 1 112 ? 6.279   12.075  -0.573  1.00 30.45 ? 160 TYR A CD2 1 
ATOM   934  C CE1 . TYR A 1 112 ? 4.797   11.958  1.768   1.00 31.20 ? 160 TYR A CE1 1 
ATOM   935  C CE2 . TYR A 1 112 ? 5.959   13.249  0.103   1.00 30.55 ? 160 TYR A CE2 1 
ATOM   936  C CZ  . TYR A 1 112 ? 5.217   13.185  1.268   1.00 31.20 ? 160 TYR A CZ  1 
ATOM   937  O OH  . TYR A 1 112 ? 4.899   14.347  1.928   1.00 30.92 ? 160 TYR A OH  1 
ATOM   938  N N   . ALA A 1 113 ? 5.679   8.576   -4.231  1.00 35.59 ? 161 ALA A N   1 
ATOM   939  C CA  . ALA A 1 113 ? 6.159   7.635   -5.243  1.00 39.27 ? 161 ALA A CA  1 
ATOM   940  C C   . ALA A 1 113 ? 7.530   7.977   -5.798  1.00 41.81 ? 161 ALA A C   1 
ATOM   941  O O   . ALA A 1 113 ? 7.911   9.151   -5.835  1.00 39.50 ? 161 ALA A O   1 
ATOM   942  C CB  . ALA A 1 113 ? 5.159   7.549   -6.390  1.00 39.42 ? 161 ALA A CB  1 
ATOM   943  N N   . ASP A 1 114 ? 8.265   6.945   -6.216  1.00 46.37 ? 162 ASP A N   1 
ATOM   944  C CA  . ASP A 1 114 ? 9.590   7.140   -6.807  1.00 50.17 ? 162 ASP A CA  1 
ATOM   945  C C   . ASP A 1 114 ? 9.372   7.447   -8.291  1.00 50.92 ? 162 ASP A C   1 
ATOM   946  O O   . ASP A 1 114 ? 8.495   6.847   -8.917  1.00 51.91 ? 162 ASP A O   1 
ATOM   947  C CB  . ASP A 1 114 ? 10.475  5.890   -6.621  1.00 52.66 ? 162 ASP A CB  1 
ATOM   948  C CG  . ASP A 1 114 ? 9.979   4.677   -7.392  1.00 55.36 ? 162 ASP A CG  1 
ATOM   949  O OD1 . ASP A 1 114 ? 10.074  4.664   -8.639  1.00 56.56 ? 162 ASP A OD1 1 
ATOM   950  O OD2 . ASP A 1 114 ? 9.499   3.722   -6.749  1.00 57.76 ? 162 ASP A OD2 1 
ATOM   951  N N   . ASN A 1 115 ? 10.141  8.390   -8.829  1.00 51.93 ? 163 ASN A N   1 
ATOM   952  C CA  . ASN A 1 115 ? 10.019  8.800   -10.230 1.00 52.05 ? 163 ASN A CA  1 
ATOM   953  C C   . ASN A 1 115 ? 9.606   7.682   -11.166 1.00 50.75 ? 163 ASN A C   1 
ATOM   954  O O   . ASN A 1 115 ? 8.786   7.873   -12.058 1.00 50.38 ? 163 ASN A O   1 
ATOM   955  C CB  . ASN A 1 115 ? 11.327  9.415   -10.725 1.00 54.18 ? 163 ASN A CB  1 
ATOM   956  C CG  . ASN A 1 115 ? 11.634  10.733  -10.058 1.00 55.57 ? 163 ASN A CG  1 
ATOM   957  O OD1 . ASN A 1 115 ? 10.778  11.618  -9.974  1.00 56.61 ? 163 ASN A OD1 1 
ATOM   958  N ND2 . ASN A 1 115 ? 12.865  10.891  -9.578  1.00 57.30 ? 163 ASN A ND2 1 
ATOM   959  N N   . PHE A 1 116 ? 10.169  6.503   -10.940 1.00 50.57 ? 164 PHE A N   1 
ATOM   960  C CA  . PHE A 1 116 ? 9.887   5.346   -11.773 1.00 50.84 ? 164 PHE A CA  1 
ATOM   961  C C   . PHE A 1 116 ? 8.501   4.759   -11.494 1.00 49.44 ? 164 PHE A C   1 
ATOM   962  O O   . PHE A 1 116 ? 7.875   4.172   -12.378 1.00 49.65 ? 164 PHE A O   1 
ATOM   963  C CB  . PHE A 1 116 ? 10.972  4.299   -11.531 1.00 53.74 ? 164 PHE A CB  1 
ATOM   964  C CG  . PHE A 1 116 ? 11.140  3.328   -12.660 1.00 57.29 ? 164 PHE A CG  1 
ATOM   965  C CD1 . PHE A 1 116 ? 10.131  2.423   -12.966 1.00 58.30 ? 164 PHE A CD1 1 
ATOM   966  C CD2 . PHE A 1 116 ? 12.312  3.318   -13.418 1.00 58.77 ? 164 PHE A CD2 1 
ATOM   967  C CE1 . PHE A 1 116 ? 10.284  1.514   -14.014 1.00 59.56 ? 164 PHE A CE1 1 
ATOM   968  C CE2 . PHE A 1 116 ? 12.471  2.409   -14.467 1.00 59.42 ? 164 PHE A CE2 1 
ATOM   969  C CZ  . PHE A 1 116 ? 11.453  1.506   -14.763 1.00 59.69 ? 164 PHE A CZ  1 
ATOM   970  N N   . ALA A 1 117 ? 8.022   4.950   -10.269 1.00 47.20 ? 165 ALA A N   1 
ATOM   971  C CA  . ALA A 1 117 ? 6.724   4.436   -9.836  1.00 45.30 ? 165 ALA A CA  1 
ATOM   972  C C   . ALA A 1 117 ? 5.548   5.364   -10.153 1.00 43.68 ? 165 ALA A C   1 
ATOM   973  O O   . ALA A 1 117 ? 4.409   4.911   -10.257 1.00 42.70 ? 165 ALA A O   1 
ATOM   974  C CB  . ALA A 1 117 ? 6.767   4.161   -8.341  1.00 44.09 ? 165 ALA A CB  1 
ATOM   975  N N   . ILE A 1 118 ? 5.823   6.656   -10.302 1.00 43.14 ? 166 ILE A N   1 
ATOM   976  C CA  . ILE A 1 118 ? 4.776   7.632   -10.589 1.00 42.07 ? 166 ILE A CA  1 
ATOM   977  C C   . ILE A 1 118 ? 3.802   7.122   -11.651 1.00 40.91 ? 166 ILE A C   1 
ATOM   978  O O   . ILE A 1 118 ? 2.583   7.183   -11.469 1.00 41.14 ? 166 ILE A O   1 
ATOM   979  C CB  . ILE A 1 118 ? 5.382   8.972   -11.072 1.00 41.98 ? 166 ILE A CB  1 
ATOM   980  C CG1 . ILE A 1 118 ? 6.289   9.551   -9.988  1.00 42.32 ? 166 ILE A CG1 1 
ATOM   981  C CG2 . ILE A 1 118 ? 4.273   9.963   -11.409 1.00 41.42 ? 166 ILE A CG2 1 
ATOM   982  C CD1 . ILE A 1 118 ? 7.008   10.825  -10.393 1.00 41.26 ? 166 ILE A CD1 1 
ATOM   983  N N   . GLY A 1 119 ? 4.347   6.605   -12.748 1.00 39.08 ? 167 GLY A N   1 
ATOM   984  C CA  . GLY A 1 119 ? 3.516   6.109   -13.829 1.00 37.13 ? 167 GLY A CA  1 
ATOM   985  C C   . GLY A 1 119 ? 2.550   5.013   -13.431 1.00 35.74 ? 167 GLY A C   1 
ATOM   986  O O   . GLY A 1 119 ? 1.427   4.946   -13.947 1.00 35.47 ? 167 GLY A O   1 
ATOM   987  N N   . TYR A 1 120 ? 2.981   4.132   -12.533 1.00 34.21 ? 168 TYR A N   1 
ATOM   988  C CA  . TYR A 1 120 ? 2.108   3.055   -12.086 1.00 32.61 ? 168 TYR A CA  1 
ATOM   989  C C   . TYR A 1 120 ? 0.925   3.657   -11.336 1.00 30.57 ? 168 TYR A C   1 
ATOM   990  O O   . TYR A 1 120 ? -0.219  3.290   -11.580 1.00 30.96 ? 168 TYR A O   1 
ATOM   991  C CB  . TYR A 1 120 ? 2.859   2.082   -11.167 1.00 32.36 ? 168 TYR A CB  1 
ATOM   992  C CG  . TYR A 1 120 ? 1.940   1.169   -10.374 1.00 33.11 ? 168 TYR A CG  1 
ATOM   993  C CD1 . TYR A 1 120 ? 1.273   0.104   -10.984 1.00 32.15 ? 168 TYR A CD1 1 
ATOM   994  C CD2 . TYR A 1 120 ? 1.687   1.413   -9.023  1.00 33.28 ? 168 TYR A CD2 1 
ATOM   995  C CE1 . TYR A 1 120 ? 0.360   -0.691  -10.263 1.00 32.75 ? 168 TYR A CE1 1 
ATOM   996  C CE2 . TYR A 1 120 ? 0.785   0.632   -8.302  1.00 33.55 ? 168 TYR A CE2 1 
ATOM   997  C CZ  . TYR A 1 120 ? 0.125   -0.417  -8.923  1.00 33.94 ? 168 TYR A CZ  1 
ATOM   998  O OH  . TYR A 1 120 ? -0.786  -1.169  -8.203  1.00 34.54 ? 168 TYR A OH  1 
ATOM   999  N N   . PHE A 1 121 ? 1.200   4.587   -10.429 1.00 30.58 ? 169 PHE A N   1 
ATOM   1000 C CA  . PHE A 1 121 ? 0.130   5.214   -9.654  1.00 31.57 ? 169 PHE A CA  1 
ATOM   1001 C C   . PHE A 1 121 ? -0.837  6.044   -10.503 1.00 32.16 ? 169 PHE A C   1 
ATOM   1002 O O   . PHE A 1 121 ? -2.051  6.005   -10.281 1.00 29.33 ? 169 PHE A O   1 
ATOM   1003 C CB  . PHE A 1 121 ? 0.720   6.048   -8.509  1.00 31.06 ? 169 PHE A CB  1 
ATOM   1004 C CG  . PHE A 1 121 ? 1.249   5.207   -7.380  1.00 29.81 ? 169 PHE A CG  1 
ATOM   1005 C CD1 . PHE A 1 121 ? 2.616   5.019   -7.206  1.00 29.73 ? 169 PHE A CD1 1 
ATOM   1006 C CD2 . PHE A 1 121 ? 0.365   4.530   -6.539  1.00 31.14 ? 169 PHE A CD2 1 
ATOM   1007 C CE1 . PHE A 1 121 ? 3.102   4.161   -6.216  1.00 30.02 ? 169 PHE A CE1 1 
ATOM   1008 C CE2 . PHE A 1 121 ? 0.834   3.670   -5.548  1.00 30.62 ? 169 PHE A CE2 1 
ATOM   1009 C CZ  . PHE A 1 121 ? 2.210   3.484   -5.386  1.00 30.94 ? 169 PHE A CZ  1 
ATOM   1010 N N   . LYS A 1 122 ? -0.308  6.785   -11.479 1.00 32.31 ? 170 LYS A N   1 
ATOM   1011 C CA  . LYS A 1 122 ? -1.159  7.584   -12.363 1.00 33.98 ? 170 LYS A CA  1 
ATOM   1012 C C   . LYS A 1 122 ? -2.138  6.641   -13.051 1.00 33.88 ? 170 LYS A C   1 
ATOM   1013 O O   . LYS A 1 122 ? -3.307  6.967   -13.251 1.00 34.04 ? 170 LYS A O   1 
ATOM   1014 C CB  . LYS A 1 122 ? -0.313  8.300   -13.419 1.00 35.74 ? 170 LYS A CB  1 
ATOM   1015 C CG  . LYS A 1 122 ? 0.236   9.649   -12.984 1.00 39.00 ? 170 LYS A CG  1 
ATOM   1016 C CD  . LYS A 1 122 ? 1.264   10.157  -13.988 1.00 42.08 ? 170 LYS A CD  1 
ATOM   1017 C CE  . LYS A 1 122 ? 1.610   11.622  -13.763 1.00 44.50 ? 170 LYS A CE  1 
ATOM   1018 N NZ  . LYS A 1 122 ? 0.521   12.510  -14.260 1.00 47.19 ? 170 LYS A NZ  1 
ATOM   1019 N N   . LYS A 1 123 ? -1.641  5.461   -13.404 1.00 34.16 ? 171 LYS A N   1 
ATOM   1020 C CA  . LYS A 1 123 ? -2.439  4.430   -14.058 1.00 35.58 ? 171 LYS A CA  1 
ATOM   1021 C C   . LYS A 1 123 ? -3.581  3.981   -13.142 1.00 34.77 ? 171 LYS A C   1 
ATOM   1022 O O   . LYS A 1 123 ? -4.667  3.632   -13.613 1.00 33.62 ? 171 LYS A O   1 
ATOM   1023 C CB  . LYS A 1 123 ? -1.557  3.221   -14.374 1.00 38.80 ? 171 LYS A CB  1 
ATOM   1024 C CG  . LYS A 1 123 ? -1.873  2.533   -15.688 1.00 43.09 ? 171 LYS A CG  1 
ATOM   1025 C CD  . LYS A 1 123 ? -1.069  3.138   -16.831 1.00 47.35 ? 171 LYS A CD  1 
ATOM   1026 C CE  . LYS A 1 123 ? 0.432   2.940   -16.617 1.00 49.16 ? 171 LYS A CE  1 
ATOM   1027 N NZ  . LYS A 1 123 ? 1.255   3.494   -17.734 1.00 50.93 ? 171 LYS A NZ  1 
ATOM   1028 N N   . GLN A 1 124 ? -3.325  3.987   -11.833 1.00 33.16 ? 172 GLN A N   1 
ATOM   1029 C CA  . GLN A 1 124 ? -4.326  3.565   -10.861 1.00 31.32 ? 172 GLN A CA  1 
ATOM   1030 C C   . GLN A 1 124 ? -5.218  4.718   -10.390 1.00 31.83 ? 172 GLN A C   1 
ATOM   1031 O O   . GLN A 1 124 ? -5.938  4.589   -9.396  1.00 31.01 ? 172 GLN A O   1 
ATOM   1032 C CB  . GLN A 1 124 ? -3.650  2.911   -9.649  1.00 31.29 ? 172 GLN A CB  1 
ATOM   1033 C CG  . GLN A 1 124 ? -2.727  1.743   -9.981  1.00 29.73 ? 172 GLN A CG  1 
ATOM   1034 C CD  . GLN A 1 124 ? -3.345  0.745   -10.960 1.00 30.48 ? 172 GLN A CD  1 
ATOM   1035 O OE1 . GLN A 1 124 ? -4.453  0.253   -10.755 1.00 31.54 ? 172 GLN A OE1 1 
ATOM   1036 N NE2 . GLN A 1 124 ? -2.616  0.438   -12.022 1.00 29.58 ? 172 GLN A NE2 1 
ATOM   1037 N N   . GLY A 1 125 ? -5.157  5.848   -11.091 1.00 31.25 ? 173 GLY A N   1 
ATOM   1038 C CA  . GLY A 1 125 ? -5.996  6.976   -10.732 1.00 30.64 ? 173 GLY A CA  1 
ATOM   1039 C C   . GLY A 1 125 ? -5.441  7.989   -9.751  1.00 29.53 ? 173 GLY A C   1 
ATOM   1040 O O   . GLY A 1 125 ? -6.171  8.885   -9.322  1.00 31.15 ? 173 GLY A O   1 
ATOM   1041 N N   . PHE A 1 126 ? -4.172  7.854   -9.375  1.00 28.50 ? 174 PHE A N   1 
ATOM   1042 C CA  . PHE A 1 126 ? -3.566  8.808   -8.451  1.00 29.05 ? 174 PHE A CA  1 
ATOM   1043 C C   . PHE A 1 126 ? -3.146  10.040  -9.243  1.00 31.40 ? 174 PHE A C   1 
ATOM   1044 O O   . PHE A 1 126 ? -2.857  9.951   -10.436 1.00 30.45 ? 174 PHE A O   1 
ATOM   1045 C CB  . PHE A 1 126 ? -2.333  8.215   -7.775  1.00 27.73 ? 174 PHE A CB  1 
ATOM   1046 C CG  . PHE A 1 126 ? -2.644  7.197   -6.712  1.00 25.22 ? 174 PHE A CG  1 
ATOM   1047 C CD1 . PHE A 1 126 ? -3.265  5.995   -7.034  1.00 25.92 ? 174 PHE A CD1 1 
ATOM   1048 C CD2 . PHE A 1 126 ? -2.286  7.439   -5.386  1.00 24.64 ? 174 PHE A CD2 1 
ATOM   1049 C CE1 . PHE A 1 126 ? -3.530  5.031   -6.044  1.00 24.76 ? 174 PHE A CE1 1 
ATOM   1050 C CE2 . PHE A 1 126 ? -2.538  6.495   -4.393  1.00 23.66 ? 174 PHE A CE2 1 
ATOM   1051 C CZ  . PHE A 1 126 ? -3.162  5.287   -4.719  1.00 22.87 ? 174 PHE A CZ  1 
ATOM   1052 N N   . THR A 1 127 ? -3.102  11.184  -8.577  1.00 33.01 ? 175 THR A N   1 
ATOM   1053 C CA  . THR A 1 127 ? -2.715  12.419  -9.242  1.00 35.85 ? 175 THR A CA  1 
ATOM   1054 C C   . THR A 1 127 ? -1.757  13.264  -8.414  1.00 37.74 ? 175 THR A C   1 
ATOM   1055 O O   . THR A 1 127 ? -1.712  13.152  -7.186  1.00 36.92 ? 175 THR A O   1 
ATOM   1056 C CB  . THR A 1 127 ? -3.947  13.277  -9.561  1.00 35.41 ? 175 THR A CB  1 
ATOM   1057 O OG1 . THR A 1 127 ? -3.518  14.543  -10.073 1.00 39.17 ? 175 THR A OG1 1 
ATOM   1058 C CG2 . THR A 1 127 ? -4.778  13.497  -8.309  1.00 33.87 ? 175 THR A CG2 1 
ATOM   1059 N N   . LYS A 1 128 ? -1.000  14.119  -9.097  1.00 40.37 ? 176 LYS A N   1 
ATOM   1060 C CA  . LYS A 1 128 ? -0.056  15.001  -8.427  1.00 43.71 ? 176 LYS A CA  1 
ATOM   1061 C C   . LYS A 1 128 ? -0.790  16.210  -7.842  1.00 45.60 ? 176 LYS A C   1 
ATOM   1062 O O   . LYS A 1 128 ? -0.344  16.801  -6.858  1.00 45.46 ? 176 LYS A O   1 
ATOM   1063 C CB  . LYS A 1 128 ? 1.038   15.436  -9.408  1.00 45.77 ? 176 LYS A CB  1 
ATOM   1064 C CG  . LYS A 1 128 ? 1.796   14.253  -10.008 1.00 47.58 ? 176 LYS A CG  1 
ATOM   1065 C CD  . LYS A 1 128 ? 3.081   14.676  -10.711 1.00 49.59 ? 176 LYS A CD  1 
ATOM   1066 C CE  . LYS A 1 128 ? 2.811   15.596  -11.892 1.00 51.24 ? 176 LYS A CE  1 
ATOM   1067 N NZ  . LYS A 1 128 ? 4.085   16.124  -12.477 1.00 52.38 ? 176 LYS A NZ  1 
ATOM   1068 N N   . GLU A 1 129 ? -1.921  16.569  -8.443  1.00 48.14 ? 177 GLU A N   1 
ATOM   1069 C CA  . GLU A 1 129 ? -2.728  17.679  -7.946  1.00 51.10 ? 177 GLU A CA  1 
ATOM   1070 C C   . GLU A 1 129 ? -3.624  17.084  -6.860  1.00 52.08 ? 177 GLU A C   1 
ATOM   1071 O O   . GLU A 1 129 ? -4.143  15.983  -7.023  1.00 52.93 ? 177 GLU A O   1 
ATOM   1072 C CB  . GLU A 1 129 ? -3.595  18.275  -9.063  1.00 53.08 ? 177 GLU A CB  1 
ATOM   1073 C CG  . GLU A 1 129 ? -4.366  19.521  -8.629  1.00 56.65 ? 177 GLU A CG  1 
ATOM   1074 C CD  . GLU A 1 129 ? -5.396  19.988  -9.655  1.00 59.09 ? 177 GLU A CD  1 
ATOM   1075 O OE1 . GLU A 1 129 ? -5.012  20.270  -10.812 1.00 60.04 ? 177 GLU A OE1 1 
ATOM   1076 O OE2 . GLU A 1 129 ? -6.592  20.073  -9.295  1.00 59.93 ? 177 GLU A OE2 1 
ATOM   1077 N N   . HIS A 1 130 ? -3.810  17.801  -5.757  1.00 52.86 ? 178 HIS A N   1 
ATOM   1078 C CA  . HIS A 1 130 ? -4.627  17.287  -4.662  1.00 53.59 ? 178 HIS A CA  1 
ATOM   1079 C C   . HIS A 1 130 ? -5.989  17.942  -4.502  1.00 54.40 ? 178 HIS A C   1 
ATOM   1080 O O   . HIS A 1 130 ? -6.119  19.165  -4.556  1.00 54.60 ? 178 HIS A O   1 
ATOM   1081 C CB  . HIS A 1 130 ? -3.867  17.402  -3.338  1.00 53.16 ? 178 HIS A CB  1 
ATOM   1082 C CG  . HIS A 1 130 ? -2.562  16.666  -3.323  1.00 53.08 ? 178 HIS A CG  1 
ATOM   1083 N ND1 . HIS A 1 130 ? -1.736  16.642  -2.221  1.00 52.30 ? 178 HIS A ND1 1 
ATOM   1084 C CD2 . HIS A 1 130 ? -1.931  15.945  -4.282  1.00 52.80 ? 178 HIS A CD2 1 
ATOM   1085 C CE1 . HIS A 1 130 ? -0.653  15.942  -2.500  1.00 52.93 ? 178 HIS A CE1 1 
ATOM   1086 N NE2 . HIS A 1 130 ? -0.746  15.506  -3.746  1.00 52.37 ? 178 HIS A NE2 1 
ATOM   1087 N N   . ARG A 1 131 ? -7.002  17.107  -4.293  1.00 55.22 ? 179 ARG A N   1 
ATOM   1088 C CA  . ARG A 1 131 ? -8.368  17.568  -4.089  1.00 56.51 ? 179 ARG A CA  1 
ATOM   1089 C C   . ARG A 1 131 ? -8.536  17.749  -2.583  1.00 56.10 ? 179 ARG A C   1 
ATOM   1090 O O   . ARG A 1 131 ? -9.505  18.347  -2.111  1.00 56.47 ? 179 ARG A O   1 
ATOM   1091 C CB  . ARG A 1 131 ? -9.356  16.521  -4.606  1.00 57.97 ? 179 ARG A CB  1 
ATOM   1092 C CG  . ARG A 1 131 ? -10.820 16.910  -4.491  1.00 60.82 ? 179 ARG A CG  1 
ATOM   1093 C CD  . ARG A 1 131 ? -11.714 15.744  -4.886  1.00 62.67 ? 179 ARG A CD  1 
ATOM   1094 N NE  . ARG A 1 131 ? -11.425 15.276  -6.240  1.00 64.15 ? 179 ARG A NE  1 
ATOM   1095 C CZ  . ARG A 1 131 ? -11.949 14.178  -6.780  1.00 64.18 ? 179 ARG A CZ  1 
ATOM   1096 N NH1 . ARG A 1 131 ? -12.792 13.428  -6.079  1.00 64.39 ? 179 ARG A NH1 1 
ATOM   1097 N NH2 . ARG A 1 131 ? -11.635 13.832  -8.021  1.00 63.31 ? 179 ARG A NH2 1 
ATOM   1098 N N   . MET A 1 132 ? -7.574  17.218  -1.834  1.00 55.77 ? 180 MET A N   1 
ATOM   1099 C CA  . MET A 1 132 ? -7.573  17.308  -0.380  1.00 55.92 ? 180 MET A CA  1 
ATOM   1100 C C   . MET A 1 132 ? -6.589  18.405  0.045   1.00 56.20 ? 180 MET A C   1 
ATOM   1101 O O   . MET A 1 132 ? -5.425  18.403  -0.361  1.00 56.31 ? 180 MET A O   1 
ATOM   1102 C CB  . MET A 1 132 ? -7.170  15.953  0.222   1.00 54.97 ? 180 MET A CB  1 
ATOM   1103 C CG  . MET A 1 132 ? -7.082  15.900  1.740   1.00 54.67 ? 180 MET A CG  1 
ATOM   1104 S SD  . MET A 1 132 ? -6.864  14.204  2.352   1.00 52.63 ? 180 MET A SD  1 
ATOM   1105 C CE  . MET A 1 132 ? -5.248  13.832  1.703   1.00 53.10 ? 180 MET A CE  1 
ATOM   1106 N N   . PRO A 1 133 ? -7.057  19.366  0.859   1.00 56.37 ? 181 PRO A N   1 
ATOM   1107 C CA  . PRO A 1 133 ? -6.214  20.469  1.332   1.00 56.15 ? 181 PRO A CA  1 
ATOM   1108 C C   . PRO A 1 133 ? -5.053  20.017  2.218   1.00 56.36 ? 181 PRO A C   1 
ATOM   1109 O O   . PRO A 1 133 ? -5.204  19.136  3.061   1.00 55.99 ? 181 PRO A O   1 
ATOM   1110 C CB  . PRO A 1 133 ? -7.208  21.363  2.073   1.00 56.32 ? 181 PRO A CB  1 
ATOM   1111 C CG  . PRO A 1 133 ? -8.214  20.377  2.595   1.00 56.17 ? 181 PRO A CG  1 
ATOM   1112 C CD  . PRO A 1 133 ? -8.421  19.475  1.406   1.00 56.05 ? 181 PRO A CD  1 
ATOM   1113 N N   . GLN A 1 134 ? -3.894  20.634  2.011   1.00 56.97 ? 182 GLN A N   1 
ATOM   1114 C CA  . GLN A 1 134 ? -2.685  20.317  2.768   1.00 57.54 ? 182 GLN A CA  1 
ATOM   1115 C C   . GLN A 1 134 ? -2.934  20.271  4.274   1.00 56.88 ? 182 GLN A C   1 
ATOM   1116 O O   . GLN A 1 134 ? -2.498  19.348  4.959   1.00 56.58 ? 182 GLN A O   1 
ATOM   1117 C CB  . GLN A 1 134 ? -1.598  21.350  2.450   1.00 59.13 ? 182 GLN A CB  1 
ATOM   1118 C CG  . GLN A 1 134 ? -0.352  21.250  3.318   1.00 61.45 ? 182 GLN A CG  1 
ATOM   1119 C CD  . GLN A 1 134 ? 0.710   22.262  2.925   1.00 63.43 ? 182 GLN A CD  1 
ATOM   1120 O OE1 . GLN A 1 134 ? 0.434   23.459  2.811   1.00 64.36 ? 182 GLN A OE1 1 
ATOM   1121 N NE2 . GLN A 1 134 ? 1.933   21.785  2.718   1.00 64.18 ? 182 GLN A NE2 1 
ATOM   1122 N N   . GLU A 1 135 ? -3.641  21.275  4.775   1.00 56.44 ? 183 GLU A N   1 
ATOM   1123 C CA  . GLU A 1 135 ? -3.964  21.379  6.194   1.00 55.70 ? 183 GLU A CA  1 
ATOM   1124 C C   . GLU A 1 135 ? -4.592  20.102  6.759   1.00 53.94 ? 183 GLU A C   1 
ATOM   1125 O O   . GLU A 1 135 ? -4.431  19.794  7.941   1.00 53.34 ? 183 GLU A O   1 
ATOM   1126 C CB  . GLU A 1 135 ? -4.933  22.546  6.410   1.00 56.89 ? 183 GLU A CB  1 
ATOM   1127 C CG  . GLU A 1 135 ? -6.251  22.366  5.660   1.00 59.77 ? 183 GLU A CG  1 
ATOM   1128 C CD  . GLU A 1 135 ? -7.255  23.472  5.927   1.00 61.09 ? 183 GLU A CD  1 
ATOM   1129 O OE1 . GLU A 1 135 ? -6.940  24.651  5.648   1.00 62.06 ? 183 GLU A OE1 1 
ATOM   1130 O OE2 . GLU A 1 135 ? -8.361  23.155  6.414   1.00 61.79 ? 183 GLU A OE2 1 
ATOM   1131 N N   . LYS A 1 136 ? -5.301  19.362  5.911   1.00 52.20 ? 184 LYS A N   1 
ATOM   1132 C CA  . LYS A 1 136 ? -5.983  18.150  6.346   1.00 50.38 ? 184 LYS A CA  1 
ATOM   1133 C C   . LYS A 1 136 ? -5.085  16.995  6.784   1.00 48.52 ? 184 LYS A C   1 
ATOM   1134 O O   . LYS A 1 136 ? -5.348  16.362  7.806   1.00 47.80 ? 184 LYS A O   1 
ATOM   1135 C CB  . LYS A 1 136 ? -6.937  17.673  5.250   1.00 51.48 ? 184 LYS A CB  1 
ATOM   1136 C CG  . LYS A 1 136 ? -7.925  16.624  5.722   1.00 52.76 ? 184 LYS A CG  1 
ATOM   1137 C CD  . LYS A 1 136 ? -8.911  16.260  4.626   1.00 54.60 ? 184 LYS A CD  1 
ATOM   1138 C CE  . LYS A 1 136 ? -9.909  15.214  5.096   1.00 54.68 ? 184 LYS A CE  1 
ATOM   1139 N NZ  . LYS A 1 136 ? -10.901 14.903  4.030   1.00 54.52 ? 184 LYS A NZ  1 
ATOM   1140 N N   . TRP A 1 137 ? -4.033  16.709  6.022   1.00 46.74 ? 185 TRP A N   1 
ATOM   1141 C CA  . TRP A 1 137 ? -3.143  15.611  6.389   1.00 44.51 ? 185 TRP A CA  1 
ATOM   1142 C C   . TRP A 1 137 ? -1.902  16.071  7.137   1.00 44.93 ? 185 TRP A C   1 
ATOM   1143 O O   . TRP A 1 137 ? -1.216  15.263  7.761   1.00 44.30 ? 185 TRP A O   1 
ATOM   1144 C CB  . TRP A 1 137 ? -2.722  14.808  5.155   1.00 42.71 ? 185 TRP A CB  1 
ATOM   1145 C CG  . TRP A 1 137 ? -2.184  15.633  4.032   1.00 40.17 ? 185 TRP A CG  1 
ATOM   1146 C CD1 . TRP A 1 137 ? -2.883  16.131  2.972   1.00 40.26 ? 185 TRP A CD1 1 
ATOM   1147 C CD2 . TRP A 1 137 ? -0.830  16.060  3.860   1.00 40.17 ? 185 TRP A CD2 1 
ATOM   1148 N NE1 . TRP A 1 137 ? -2.048  16.842  2.143   1.00 40.48 ? 185 TRP A NE1 1 
ATOM   1149 C CE2 . TRP A 1 137 ? -0.783  16.818  2.662   1.00 40.13 ? 185 TRP A CE2 1 
ATOM   1150 C CE3 . TRP A 1 137 ? 0.350   15.881  4.593   1.00 39.75 ? 185 TRP A CE3 1 
ATOM   1151 C CZ2 . TRP A 1 137 ? 0.400   17.394  2.189   1.00 40.87 ? 185 TRP A CZ2 1 
ATOM   1152 C CZ3 . TRP A 1 137 ? 1.529   16.458  4.120   1.00 40.55 ? 185 TRP A CZ3 1 
ATOM   1153 C CH2 . TRP A 1 137 ? 1.541   17.206  2.928   1.00 40.71 ? 185 TRP A CH2 1 
ATOM   1154 N N   . LYS A 1 138 ? -1.609  17.366  7.072   1.00 45.88 ? 186 LYS A N   1 
ATOM   1155 C CA  . LYS A 1 138 ? -0.447  17.906  7.772   1.00 46.96 ? 186 LYS A CA  1 
ATOM   1156 C C   . LYS A 1 138 ? -0.560  17.559  9.257   1.00 46.80 ? 186 LYS A C   1 
ATOM   1157 O O   . LYS A 1 138 ? -1.585  17.824  9.890   1.00 47.55 ? 186 LYS A O   1 
ATOM   1158 C CB  . LYS A 1 138 ? -0.373  19.427  7.573   1.00 48.63 ? 186 LYS A CB  1 
ATOM   1159 C CG  . LYS A 1 138 ? 0.377   20.194  8.664   1.00 51.31 ? 186 LYS A CG  1 
ATOM   1160 C CD  . LYS A 1 138 ? 1.802   19.688  8.876   1.00 52.13 ? 186 LYS A CD  1 
ATOM   1161 C CE  . LYS A 1 138 ? 2.445   20.384  10.080  1.00 52.52 ? 186 LYS A CE  1 
ATOM   1162 N NZ  . LYS A 1 138 ? 3.807   19.869  10.398  1.00 51.23 ? 186 LYS A NZ  1 
ATOM   1163 N N   . GLY A 1 139 ? 0.486   16.942  9.799   1.00 45.91 ? 187 GLY A N   1 
ATOM   1164 C CA  . GLY A 1 139 ? 0.469   16.561  11.199  1.00 44.97 ? 187 GLY A CA  1 
ATOM   1165 C C   . GLY A 1 139 ? 0.249   15.067  11.362  1.00 44.75 ? 187 GLY A C   1 
ATOM   1166 O O   . GLY A 1 139 ? 0.504   14.505  12.430  1.00 45.45 ? 187 GLY A O   1 
ATOM   1167 N N   . TYR A 1 140 ? -0.236  14.424  10.303  1.00 42.77 ? 188 TYR A N   1 
ATOM   1168 C CA  . TYR A 1 140 ? -0.472  12.986  10.325  1.00 41.46 ? 188 TYR A CA  1 
ATOM   1169 C C   . TYR A 1 140 ? 0.498   12.318  9.365   1.00 40.52 ? 188 TYR A C   1 
ATOM   1170 O O   . TYR A 1 140 ? 1.195   11.369  9.727   1.00 39.79 ? 188 TYR A O   1 
ATOM   1171 C CB  . TYR A 1 140 ? -1.906  12.663  9.906   1.00 42.09 ? 188 TYR A CB  1 
ATOM   1172 C CG  . TYR A 1 140 ? -2.954  13.287  10.796  1.00 42.31 ? 188 TYR A CG  1 
ATOM   1173 C CD1 . TYR A 1 140 ? -3.486  14.543  10.507  1.00 42.20 ? 188 TYR A CD1 1 
ATOM   1174 C CD2 . TYR A 1 140 ? -3.405  12.629  11.937  1.00 42.83 ? 188 TYR A CD2 1 
ATOM   1175 C CE1 . TYR A 1 140 ? -4.446  15.127  11.332  1.00 43.32 ? 188 TYR A CE1 1 
ATOM   1176 C CE2 . TYR A 1 140 ? -4.365  13.204  12.770  1.00 43.43 ? 188 TYR A CE2 1 
ATOM   1177 C CZ  . TYR A 1 140 ? -4.880  14.453  12.462  1.00 43.44 ? 188 TYR A CZ  1 
ATOM   1178 O OH  . TYR A 1 140 ? -5.838  15.026  13.280  1.00 43.60 ? 188 TYR A OH  1 
ATOM   1179 N N   . ILE A 1 141 ? 0.534   12.826  8.136   1.00 38.98 ? 189 ILE A N   1 
ATOM   1180 C CA  . ILE A 1 141 ? 1.428   12.304  7.109   1.00 38.66 ? 189 ILE A CA  1 
ATOM   1181 C C   . ILE A 1 141 ? 2.607   13.269  6.948   1.00 38.88 ? 189 ILE A C   1 
ATOM   1182 O O   . ILE A 1 141 ? 2.407   14.477  6.812   1.00 35.99 ? 189 ILE A O   1 
ATOM   1183 C CB  . ILE A 1 141 ? 0.683   12.141  5.767   1.00 38.42 ? 189 ILE A CB  1 
ATOM   1184 C CG1 . ILE A 1 141 ? -0.305  10.973  5.879   1.00 38.90 ? 189 ILE A CG1 1 
ATOM   1185 C CG2 . ILE A 1 141 ? 1.681   11.916  4.641   1.00 38.76 ? 189 ILE A CG2 1 
ATOM   1186 C CD1 . ILE A 1 141 ? -1.112  10.699  4.634   1.00 38.86 ? 189 ILE A CD1 1 
ATOM   1187 N N   . LYS A 1 142 ? 3.829   12.732  6.966   1.00 39.06 ? 190 LYS A N   1 
ATOM   1188 C CA  . LYS A 1 142 ? 5.032   13.550  6.857   1.00 40.54 ? 190 LYS A CA  1 
ATOM   1189 C C   . LYS A 1 142 ? 5.102   14.327  5.545   1.00 40.37 ? 190 LYS A C   1 
ATOM   1190 O O   . LYS A 1 142 ? 4.758   13.818  4.471   1.00 37.55 ? 190 LYS A O   1 
ATOM   1191 C CB  . LYS A 1 142 ? 6.284   12.674  7.049   1.00 43.15 ? 190 LYS A CB  1 
ATOM   1192 C CG  . LYS A 1 142 ? 7.602   13.438  7.068   1.00 47.95 ? 190 LYS A CG  1 
ATOM   1193 C CD  . LYS A 1 142 ? 8.663   12.671  7.840   1.00 52.51 ? 190 LYS A CD  1 
ATOM   1194 C CE  . LYS A 1 142 ? 9.995   13.360  7.714   1.00 54.63 ? 190 LYS A CE  1 
ATOM   1195 N NZ  . LYS A 1 142 ? 11.028  12.316  7.454   1.00 57.31 ? 190 LYS A NZ  1 
ATOM   1196 N N   . ASP A 1 143 ? 5.524   15.586  5.657   1.00 40.40 ? 191 ASP A N   1 
ATOM   1197 C CA  . ASP A 1 143 ? 5.660   16.474  4.512   1.00 41.58 ? 191 ASP A CA  1 
ATOM   1198 C C   . ASP A 1 143 ? 7.120   16.539  4.046   1.00 41.45 ? 191 ASP A C   1 
ATOM   1199 O O   . ASP A 1 143 ? 7.930   17.266  4.631   1.00 41.09 ? 191 ASP A O   1 
ATOM   1200 C CB  . ASP A 1 143 ? 5.183   17.876  4.891   1.00 42.59 ? 191 ASP A CB  1 
ATOM   1201 C CG  . ASP A 1 143 ? 5.308   18.859  3.754   1.00 44.18 ? 191 ASP A CG  1 
ATOM   1202 O OD1 . ASP A 1 143 ? 5.115   20.067  3.995   1.00 45.08 ? 191 ASP A OD1 1 
ATOM   1203 O OD2 . ASP A 1 143 ? 5.596   18.428  2.614   1.00 46.10 ? 191 ASP A OD2 1 
ATOM   1204 N N   . TYR A 1 144 ? 7.444   15.771  3.002   1.00 41.45 ? 192 TYR A N   1 
ATOM   1205 C CA  . TYR A 1 144 ? 8.799   15.721  2.434   1.00 42.88 ? 192 TYR A CA  1 
ATOM   1206 C C   . TYR A 1 144 ? 8.931   16.653  1.238   1.00 45.97 ? 192 TYR A C   1 
ATOM   1207 O O   . TYR A 1 144 ? 8.139   16.590  0.296   1.00 46.03 ? 192 TYR A O   1 
ATOM   1208 C CB  . TYR A 1 144 ? 9.158   14.310  1.948   1.00 40.64 ? 192 TYR A CB  1 
ATOM   1209 C CG  . TYR A 1 144 ? 9.151   13.247  3.020   1.00 38.84 ? 192 TYR A CG  1 
ATOM   1210 C CD1 . TYR A 1 144 ? 8.041   12.416  3.211   1.00 37.63 ? 192 TYR A CD1 1 
ATOM   1211 C CD2 . TYR A 1 144 ? 10.238  13.084  3.861   1.00 37.20 ? 192 TYR A CD2 1 
ATOM   1212 C CE1 . TYR A 1 144 ? 8.022   11.441  4.229   1.00 35.76 ? 192 TYR A CE1 1 
ATOM   1213 C CE2 . TYR A 1 144 ? 10.234  12.113  4.861   1.00 36.34 ? 192 TYR A CE2 1 
ATOM   1214 C CZ  . TYR A 1 144 ? 9.127   11.295  5.047   1.00 36.43 ? 192 TYR A CZ  1 
ATOM   1215 O OH  . TYR A 1 144 ? 9.149   10.303  6.008   1.00 34.87 ? 192 TYR A OH  1 
ATOM   1216 N N   . ASP A 1 145 ? 9.942   17.515  1.261   1.00 48.88 ? 193 ASP A N   1 
ATOM   1217 C CA  . ASP A 1 145 ? 10.155  18.426  0.140   1.00 51.58 ? 193 ASP A CA  1 
ATOM   1218 C C   . ASP A 1 145 ? 10.842  17.733  -1.038  1.00 51.97 ? 193 ASP A C   1 
ATOM   1219 O O   . ASP A 1 145 ? 11.006  18.331  -2.103  1.00 52.77 ? 193 ASP A O   1 
ATOM   1220 C CB  . ASP A 1 145 ? 11.001  19.627  0.576   1.00 53.55 ? 193 ASP A CB  1 
ATOM   1221 C CG  . ASP A 1 145 ? 10.326  20.459  1.636   1.00 55.19 ? 193 ASP A CG  1 
ATOM   1222 O OD1 . ASP A 1 145 ? 10.188  19.979  2.783   1.00 57.73 ? 193 ASP A OD1 1 
ATOM   1223 O OD2 . ASP A 1 145 ? 9.922   21.594  1.323   1.00 56.96 ? 193 ASP A OD2 1 
ATOM   1224 N N   . GLY A 1 146 ? 11.233  16.469  -0.859  1.00 51.93 ? 194 GLY A N   1 
ATOM   1225 C CA  . GLY A 1 146 ? 11.932  15.771  -1.928  1.00 52.12 ? 194 GLY A CA  1 
ATOM   1226 C C   . GLY A 1 146 ? 11.327  14.485  -2.469  1.00 52.80 ? 194 GLY A C   1 
ATOM   1227 O O   . GLY A 1 146 ? 12.050  13.535  -2.784  1.00 54.42 ? 194 GLY A O   1 
ATOM   1228 N N   . GLY A 1 147 ? 10.006  14.444  -2.579  1.00 52.29 ? 195 GLY A N   1 
ATOM   1229 C CA  . GLY A 1 147 ? 9.336   13.267  -3.108  1.00 50.95 ? 195 GLY A CA  1 
ATOM   1230 C C   . GLY A 1 147 ? 8.078   13.769  -3.783  1.00 50.00 ? 195 GLY A C   1 
ATOM   1231 O O   . GLY A 1 147 ? 7.760   14.955  -3.666  1.00 50.55 ? 195 GLY A O   1 
ATOM   1232 N N   . THR A 1 148 ? 7.351   12.908  -4.489  1.00 47.78 ? 196 THR A N   1 
ATOM   1233 C CA  . THR A 1 148 ? 6.132   13.358  -5.144  1.00 44.73 ? 196 THR A CA  1 
ATOM   1234 C C   . THR A 1 148 ? 4.901   12.783  -4.457  1.00 41.98 ? 196 THR A C   1 
ATOM   1235 O O   . THR A 1 148 ? 4.582   11.608  -4.637  1.00 41.46 ? 196 THR A O   1 
ATOM   1236 C CB  . THR A 1 148 ? 6.114   12.960  -6.630  1.00 45.63 ? 196 THR A CB  1 
ATOM   1237 O OG1 . THR A 1 148 ? 7.238   13.554  -7.291  1.00 46.17 ? 196 THR A OG1 1 
ATOM   1238 C CG2 . THR A 1 148 ? 4.832   13.454  -7.303  1.00 44.60 ? 196 THR A CG2 1 
ATOM   1239 N N   . LEU A 1 149 ? 4.225   13.614  -3.669  1.00 39.99 ? 197 LEU A N   1 
ATOM   1240 C CA  . LEU A 1 149 ? 3.021   13.187  -2.953  1.00 38.19 ? 197 LEU A CA  1 
ATOM   1241 C C   . LEU A 1 149 ? 1.860   13.046  -3.935  1.00 36.91 ? 197 LEU A C   1 
ATOM   1242 O O   . LEU A 1 149 ? 1.449   14.021  -4.564  1.00 36.37 ? 197 LEU A O   1 
ATOM   1243 C CB  . LEU A 1 149 ? 2.656   14.193  -1.848  1.00 38.46 ? 197 LEU A CB  1 
ATOM   1244 C CG  . LEU A 1 149 ? 1.526   13.793  -0.891  1.00 37.97 ? 197 LEU A CG  1 
ATOM   1245 C CD1 . LEU A 1 149 ? 1.786   12.432  -0.280  1.00 36.71 ? 197 LEU A CD1 1 
ATOM   1246 C CD2 . LEU A 1 149 ? 1.426   14.823  0.204   1.00 40.12 ? 197 LEU A CD2 1 
ATOM   1247 N N   . MET A 1 150 ? 1.355   11.825  -4.080  1.00 34.73 ? 198 MET A N   1 
ATOM   1248 C CA  . MET A 1 150 ? 0.243   11.559  -4.989  1.00 33.35 ? 198 MET A CA  1 
ATOM   1249 C C   . MET A 1 150 ? -1.024  11.205  -4.204  1.00 32.74 ? 198 MET A C   1 
ATOM   1250 O O   . MET A 1 150 ? -0.960  10.613  -3.128  1.00 32.24 ? 198 MET A O   1 
ATOM   1251 C CB  . MET A 1 150 ? 0.618   10.441  -5.967  1.00 32.78 ? 198 MET A CB  1 
ATOM   1252 C CG  . MET A 1 150 ? 1.769   10.831  -6.896  1.00 33.84 ? 198 MET A CG  1 
ATOM   1253 S SD  . MET A 1 150 ? 2.147   9.606   -8.149  1.00 37.19 ? 198 MET A SD  1 
ATOM   1254 C CE  . MET A 1 150 ? 0.868   9.958   -9.385  1.00 32.60 ? 198 MET A CE  1 
ATOM   1255 N N   . GLU A 1 151 ? -2.175  11.565  -4.761  1.00 32.11 ? 199 GLU A N   1 
ATOM   1256 C CA  . GLU A 1 151 ? -3.450  11.339  -4.098  1.00 30.93 ? 199 GLU A CA  1 
ATOM   1257 C C   . GLU A 1 151 ? -4.460  10.621  -4.978  1.00 29.92 ? 199 GLU A C   1 
ATOM   1258 O O   . GLU A 1 151 ? -4.485  10.812  -6.190  1.00 29.52 ? 199 GLU A O   1 
ATOM   1259 C CB  . GLU A 1 151 ? -4.022  12.693  -3.668  1.00 32.06 ? 199 GLU A CB  1 
ATOM   1260 C CG  . GLU A 1 151 ? -5.413  12.659  -3.070  1.00 34.23 ? 199 GLU A CG  1 
ATOM   1261 C CD  . GLU A 1 151 ? -6.083  14.026  -3.107  1.00 35.76 ? 199 GLU A CD  1 
ATOM   1262 O OE1 . GLU A 1 151 ? -6.483  14.459  -4.204  1.00 37.70 ? 199 GLU A OE1 1 
ATOM   1263 O OE2 . GLU A 1 151 ? -6.206  14.672  -2.047  1.00 36.84 ? 199 GLU A OE2 1 
ATOM   1264 N N   . CYS A 1 152 ? -5.291  9.792   -4.352  1.00 28.81 ? 200 CYS A N   1 
ATOM   1265 C CA  . CYS A 1 152 ? -6.349  9.079   -5.056  1.00 28.15 ? 200 CYS A CA  1 
ATOM   1266 C C   . CYS A 1 152 ? -7.628  9.108   -4.229  1.00 27.67 ? 200 CYS A C   1 
ATOM   1267 O O   . CYS A 1 152 ? -7.643  8.686   -3.078  1.00 27.24 ? 200 CYS A O   1 
ATOM   1268 C CB  . CYS A 1 152 ? -5.958  7.628   -5.328  1.00 27.98 ? 200 CYS A CB  1 
ATOM   1269 S SG  . CYS A 1 152 ? -7.196  6.742   -6.316  1.00 30.57 ? 200 CYS A SG  1 
ATOM   1270 N N   . TYR A 1 153 ? -8.697  9.626   -4.819  1.00 27.17 ? 201 TYR A N   1 
ATOM   1271 C CA  . TYR A 1 153 ? -9.984  9.697   -4.144  1.00 26.82 ? 201 TYR A CA  1 
ATOM   1272 C C   . TYR A 1 153 ? -10.671 8.336   -4.252  1.00 26.75 ? 201 TYR A C   1 
ATOM   1273 O O   . TYR A 1 153 ? -10.654 7.713   -5.311  1.00 26.96 ? 201 TYR A O   1 
ATOM   1274 C CB  . TYR A 1 153 ? -10.850 10.780  -4.804  1.00 28.55 ? 201 TYR A CB  1 
ATOM   1275 C CG  . TYR A 1 153 ? -12.262 10.869  -4.268  1.00 29.05 ? 201 TYR A CG  1 
ATOM   1276 C CD1 . TYR A 1 153 ? -12.509 11.240  -2.947  1.00 29.89 ? 201 TYR A CD1 1 
ATOM   1277 C CD2 . TYR A 1 153 ? -13.354 10.579  -5.085  1.00 29.75 ? 201 TYR A CD2 1 
ATOM   1278 C CE1 . TYR A 1 153 ? -13.813 11.319  -2.452  1.00 30.42 ? 201 TYR A CE1 1 
ATOM   1279 C CE2 . TYR A 1 153 ? -14.660 10.655  -4.602  1.00 30.38 ? 201 TYR A CE2 1 
ATOM   1280 C CZ  . TYR A 1 153 ? -14.882 11.025  -3.287  1.00 30.37 ? 201 TYR A CZ  1 
ATOM   1281 O OH  . TYR A 1 153 ? -16.169 11.097  -2.805  1.00 31.75 ? 201 TYR A OH  1 
ATOM   1282 N N   . ILE A 1 154 ? -11.254 7.862   -3.155  1.00 25.21 ? 202 ILE A N   1 
ATOM   1283 C CA  . ILE A 1 154 ? -11.955 6.586   -3.172  1.00 25.12 ? 202 ILE A CA  1 
ATOM   1284 C C   . ILE A 1 154 ? -13.435 6.941   -3.088  1.00 26.66 ? 202 ILE A C   1 
ATOM   1285 O O   . ILE A 1 154 ? -13.924 7.372   -2.042  1.00 25.93 ? 202 ILE A O   1 
ATOM   1286 C CB  . ILE A 1 154 ? -11.544 5.686   -1.972  1.00 26.79 ? 202 ILE A CB  1 
ATOM   1287 C CG1 . ILE A 1 154 ? -10.035 5.419   -2.004  1.00 24.79 ? 202 ILE A CG1 1 
ATOM   1288 C CG2 . ILE A 1 154 ? -12.313 4.372   -2.020  1.00 28.47 ? 202 ILE A CG2 1 
ATOM   1289 C CD1 . ILE A 1 154 ? -9.534  4.737   -3.272  1.00 28.44 ? 202 ILE A CD1 1 
ATOM   1290 N N   . HIS A 1 155 ? -14.138 6.796   -4.207  1.00 26.81 ? 203 HIS A N   1 
ATOM   1291 C CA  . HIS A 1 155 ? -15.552 7.130   -4.269  1.00 27.62 ? 203 HIS A CA  1 
ATOM   1292 C C   . HIS A 1 155 ? -16.389 6.111   -3.482  1.00 28.64 ? 203 HIS A C   1 
ATOM   1293 O O   . HIS A 1 155 ? -16.220 4.896   -3.636  1.00 27.12 ? 203 HIS A O   1 
ATOM   1294 C CB  . HIS A 1 155 ? -15.998 7.181   -5.732  1.00 27.51 ? 203 HIS A CB  1 
ATOM   1295 C CG  . HIS A 1 155 ? -17.361 7.762   -5.931  1.00 28.26 ? 203 HIS A CG  1 
ATOM   1296 N ND1 . HIS A 1 155 ? -17.567 9.013   -6.466  1.00 29.56 ? 203 HIS A ND1 1 
ATOM   1297 C CD2 . HIS A 1 155 ? -18.589 7.260   -5.659  1.00 28.51 ? 203 HIS A CD2 1 
ATOM   1298 C CE1 . HIS A 1 155 ? -18.863 9.260   -6.521  1.00 29.04 ? 203 HIS A CE1 1 
ATOM   1299 N NE2 . HIS A 1 155 ? -19.507 8.212   -6.037  1.00 31.09 ? 203 HIS A NE2 1 
ATOM   1300 N N   . PRO A 1 156 ? -17.311 6.597   -2.632  1.00 29.16 ? 204 PRO A N   1 
ATOM   1301 C CA  . PRO A 1 156 ? -18.171 5.736   -1.814  1.00 30.88 ? 204 PRO A CA  1 
ATOM   1302 C C   . PRO A 1 156 ? -19.047 4.727   -2.553  1.00 31.62 ? 204 PRO A C   1 
ATOM   1303 O O   . PRO A 1 156 ? -19.424 3.705   -1.975  1.00 32.45 ? 204 PRO A O   1 
ATOM   1304 C CB  . PRO A 1 156 ? -18.985 6.738   -0.990  1.00 31.59 ? 204 PRO A CB  1 
ATOM   1305 C CG  . PRO A 1 156 ? -19.063 7.920   -1.884  1.00 31.47 ? 204 PRO A CG  1 
ATOM   1306 C CD  . PRO A 1 156 ? -17.656 8.016   -2.430  1.00 29.07 ? 204 PRO A CD  1 
ATOM   1307 N N   . TYR A 1 157 ? -19.389 4.988   -3.810  1.00 31.81 ? 205 TYR A N   1 
ATOM   1308 C CA  . TYR A 1 157 ? -20.193 4.007   -4.529  1.00 32.38 ? 205 TYR A CA  1 
ATOM   1309 C C   . TYR A 1 157 ? -19.778 3.696   -5.964  1.00 32.14 ? 205 TYR A C   1 
ATOM   1310 O O   . TYR A 1 157 ? -20.609 3.587   -6.873  1.00 31.33 ? 205 TYR A O   1 
ATOM   1311 C CB  . TYR A 1 157 ? -21.695 4.332   -4.434  1.00 34.10 ? 205 TYR A CB  1 
ATOM   1312 C CG  . TYR A 1 157 ? -22.091 5.748   -4.741  1.00 37.05 ? 205 TYR A CG  1 
ATOM   1313 C CD1 . TYR A 1 157 ? -22.234 6.183   -6.058  1.00 38.19 ? 205 TYR A CD1 1 
ATOM   1314 C CD2 . TYR A 1 157 ? -22.352 6.652   -3.715  1.00 37.34 ? 205 TYR A CD2 1 
ATOM   1315 C CE1 . TYR A 1 157 ? -22.629 7.492   -6.347  1.00 39.91 ? 205 TYR A CE1 1 
ATOM   1316 C CE2 . TYR A 1 157 ? -22.746 7.960   -3.991  1.00 40.03 ? 205 TYR A CE2 1 
ATOM   1317 C CZ  . TYR A 1 157 ? -22.883 8.373   -5.310  1.00 40.65 ? 205 TYR A CZ  1 
ATOM   1318 O OH  . TYR A 1 157 ? -23.261 9.670   -5.590  1.00 42.62 ? 205 TYR A OH  1 
ATOM   1319 N N   . VAL A 1 158 ? -18.467 3.556   -6.138  1.00 29.72 ? 206 VAL A N   1 
ATOM   1320 C CA  . VAL A 1 158 ? -17.863 3.172   -7.408  1.00 30.15 ? 206 VAL A CA  1 
ATOM   1321 C C   . VAL A 1 158 ? -17.472 1.719   -7.152  1.00 29.63 ? 206 VAL A C   1 
ATOM   1322 O O   . VAL A 1 158 ? -17.013 1.392   -6.062  1.00 28.35 ? 206 VAL A O   1 
ATOM   1323 C CB  . VAL A 1 158 ? -16.592 3.991   -7.719  1.00 29.51 ? 206 VAL A CB  1 
ATOM   1324 C CG1 . VAL A 1 158 ? -15.703 3.223   -8.691  1.00 28.47 ? 206 VAL A CG1 1 
ATOM   1325 C CG2 . VAL A 1 158 ? -16.978 5.340   -8.315  1.00 28.91 ? 206 VAL A CG2 1 
ATOM   1326 N N   . ASP A 1 159 ? -17.663 0.852   -8.142  1.00 29.95 ? 207 ASP A N   1 
ATOM   1327 C CA  . ASP A 1 159 ? -17.341 -0.563  -7.982  1.00 31.60 ? 207 ASP A CA  1 
ATOM   1328 C C   . ASP A 1 159 ? -15.870 -0.825  -8.291  1.00 32.83 ? 207 ASP A C   1 
ATOM   1329 O O   . ASP A 1 159 ? -15.455 -0.783  -9.449  1.00 31.40 ? 207 ASP A O   1 
ATOM   1330 C CB  . ASP A 1 159 ? -18.238 -1.403  -8.903  1.00 32.65 ? 207 ASP A CB  1 
ATOM   1331 C CG  . ASP A 1 159 ? -18.021 -2.902  -8.734  1.00 34.71 ? 207 ASP A CG  1 
ATOM   1332 O OD1 . ASP A 1 159 ? -18.726 -3.674  -9.417  1.00 36.53 ? 207 ASP A OD1 1 
ATOM   1333 O OD2 . ASP A 1 159 ? -17.153 -3.306  -7.933  1.00 33.95 ? 207 ASP A OD2 1 
ATOM   1334 N N   . TYR A 1 160 ? -15.084 -1.071  -7.245  1.00 34.96 ? 208 TYR A N   1 
ATOM   1335 C CA  . TYR A 1 160 ? -13.660 -1.341  -7.401  1.00 37.47 ? 208 TYR A CA  1 
ATOM   1336 C C   . TYR A 1 160 ? -13.407 -2.840  -7.485  1.00 40.96 ? 208 TYR A C   1 
ATOM   1337 O O   . TYR A 1 160 ? -14.286 -3.644  -7.185  1.00 41.90 ? 208 TYR A O   1 
ATOM   1338 C CB  . TYR A 1 160 ? -12.865 -0.737  -6.233  1.00 36.05 ? 208 TYR A CB  1 
ATOM   1339 C CG  . TYR A 1 160 ? -12.876 0.775   -6.213  1.00 33.19 ? 208 TYR A CG  1 
ATOM   1340 C CD1 . TYR A 1 160 ? -13.643 1.479   -5.283  1.00 32.33 ? 208 TYR A CD1 1 
ATOM   1341 C CD2 . TYR A 1 160 ? -12.160 1.502   -7.160  1.00 32.73 ? 208 TYR A CD2 1 
ATOM   1342 C CE1 . TYR A 1 160 ? -13.694 2.870   -5.303  1.00 30.45 ? 208 TYR A CE1 1 
ATOM   1343 C CE2 . TYR A 1 160 ? -12.205 2.888   -7.190  1.00 31.26 ? 208 TYR A CE2 1 
ATOM   1344 C CZ  . TYR A 1 160 ? -12.975 3.567   -6.263  1.00 29.94 ? 208 TYR A CZ  1 
ATOM   1345 O OH  . TYR A 1 160 ? -13.039 4.943   -6.322  1.00 28.77 ? 208 TYR A OH  1 
ATOM   1346 N N   . GLY A 1 161 ? -12.204 -3.211  -7.905  1.00 44.79 ? 209 GLY A N   1 
ATOM   1347 C CA  . GLY A 1 161 ? -11.863 -4.618  -8.024  1.00 51.32 ? 209 GLY A CA  1 
ATOM   1348 C C   . GLY A 1 161 ? -12.968 -5.458  -8.641  1.00 54.90 ? 209 GLY A C   1 
ATOM   1349 O O   . GLY A 1 161 ? -13.141 -6.625  -8.280  1.00 56.17 ? 209 GLY A O   1 
ATOM   1350 N N   . ARG A 1 162 ? -13.715 -4.868  -9.571  1.00 58.01 ? 210 ARG A N   1 
ATOM   1351 C CA  . ARG A 1 162 ? -14.816 -5.567  -10.232 1.00 60.81 ? 210 ARG A CA  1 
ATOM   1352 C C   . ARG A 1 162 ? -14.314 -6.640  -11.199 1.00 61.53 ? 210 ARG A C   1 
ATOM   1353 O O   . ARG A 1 162 ? -13.079 -6.779  -11.353 1.00 61.57 ? 210 ARG A O   1 
ATOM   1354 C CB  . ARG A 1 162 ? -15.696 -4.559  -10.986 1.00 62.92 ? 210 ARG A CB  1 
ATOM   1355 C CG  . ARG A 1 162 ? -15.027 -3.910  -12.197 1.00 65.35 ? 210 ARG A CG  1 
ATOM   1356 C CD  . ARG A 1 162 ? -15.230 -4.745  -13.461 1.00 67.27 ? 210 ARG A CD  1 
ATOM   1357 N NE  . ARG A 1 162 ? -14.372 -4.307  -14.561 1.00 69.12 ? 210 ARG A NE  1 
ATOM   1358 C CZ  . ARG A 1 162 ? -13.065 -4.546  -14.632 1.00 70.02 ? 210 ARG A CZ  1 
ATOM   1359 N NH1 . ARG A 1 162 ? -12.455 -5.222  -13.665 1.00 70.37 ? 210 ARG A NH1 1 
ATOM   1360 N NH2 . ARG A 1 162 ? -12.364 -4.109  -15.671 1.00 70.38 ? 210 ARG A NH2 1 
HETATM 1361 N N1A . ACO B 2 .   ? 6.263   2.196   -14.737 1.00 66.05 ? 401 ACO A N1A 1 
HETATM 1362 C C2A . ACO B 2 .   ? 5.165   2.500   -15.549 1.00 65.25 ? 401 ACO A C2A 1 
HETATM 1363 N N3A . ACO B 2 .   ? 4.049   1.756   -15.696 1.00 64.48 ? 401 ACO A N3A 1 
HETATM 1364 C C4A . ACO B 2 .   ? 4.065   0.624   -14.960 1.00 63.71 ? 401 ACO A C4A 1 
HETATM 1365 C C5A . ACO B 2 .   ? 5.095   0.156   -14.078 1.00 64.19 ? 401 ACO A C5A 1 
HETATM 1366 C C6A . ACO B 2 .   ? 6.297   1.036   -13.972 1.00 65.43 ? 401 ACO A C6A 1 
HETATM 1367 N N6A . ACO B 2 .   ? 7.311   0.749   -13.225 1.00 65.81 ? 401 ACO A N6A 1 
HETATM 1368 N N7A . ACO B 2 .   ? 4.771   -1.027  -13.500 1.00 63.53 ? 401 ACO A N7A 1 
HETATM 1369 C C8A . ACO B 2 .   ? 3.541   -1.323  -13.999 1.00 63.18 ? 401 ACO A C8A 1 
HETATM 1370 N N9A . ACO B 2 .   ? 3.067   -0.360  -14.892 1.00 62.36 ? 401 ACO A N9A 1 
HETATM 1371 C C1B . ACO B 2 .   ? 1.793   -0.392  -15.689 1.00 60.94 ? 401 ACO A C1B 1 
HETATM 1372 C C2B . ACO B 2 .   ? 1.914   -1.330  -16.887 1.00 60.56 ? 401 ACO A C2B 1 
HETATM 1373 O O2B . ACO B 2 .   ? 2.636   -0.636  -17.886 1.00 60.35 ? 401 ACO A O2B 1 
HETATM 1374 C C3B . ACO B 2 .   ? 0.460   -1.602  -17.263 1.00 60.09 ? 401 ACO A C3B 1 
HETATM 1375 O O3B . ACO B 2 .   ? -0.085  -0.646  -18.106 1.00 62.55 ? 401 ACO A O3B 1 
HETATM 1376 P P3B . ACO B 2 .   ? -1.283  -1.294  -19.074 1.00 63.70 ? 401 ACO A P3B 1 
HETATM 1377 O O7A . ACO B 2 .   ? -0.536  -2.373  -19.972 1.00 64.27 ? 401 ACO A O7A 1 
HETATM 1378 O O8A . ACO B 2 .   ? -1.846  -0.186  -20.061 1.00 64.18 ? 401 ACO A O8A 1 
HETATM 1379 O O9A . ACO B 2 .   ? -2.396  -1.993  -18.159 1.00 63.74 ? 401 ACO A O9A 1 
HETATM 1380 C C4B . ACO B 2 .   ? -0.183  -1.764  -15.868 1.00 58.11 ? 401 ACO A C4B 1 
HETATM 1381 O O4B . ACO B 2 .   ? 0.712   -0.999  -14.914 1.00 60.08 ? 401 ACO A O4B 1 
HETATM 1382 C C5B . ACO B 2 .   ? -0.308  -3.218  -15.405 1.00 53.57 ? 401 ACO A C5B 1 
HETATM 1383 O O5B . ACO B 2 .   ? 0.550   -3.415  -14.240 1.00 47.50 ? 401 ACO A O5B 1 
HETATM 1384 P P1A . ACO B 2 .   ? 0.556   -4.891  -13.563 1.00 40.64 ? 401 ACO A P1A 1 
HETATM 1385 O O1A . ACO B 2 .   ? 1.202   -5.834  -14.533 1.00 43.06 ? 401 ACO A O1A 1 
HETATM 1386 O O2A . ACO B 2 .   ? -0.823  -5.246  -13.062 1.00 42.21 ? 401 ACO A O2A 1 
HETATM 1387 O O3A . ACO B 2 .   ? 1.521   -4.707  -12.394 1.00 41.63 ? 401 ACO A O3A 1 
HETATM 1388 P P2A . ACO B 2 .   ? 2.822   -5.507  -11.797 1.00 37.11 ? 401 ACO A P2A 1 
HETATM 1389 O O4A . ACO B 2 .   ? 3.989   -5.567  -12.744 1.00 37.34 ? 401 ACO A O4A 1 
HETATM 1390 O O5A . ACO B 2 .   ? 2.524   -6.897  -11.273 1.00 37.99 ? 401 ACO A O5A 1 
HETATM 1391 O O6A . ACO B 2 .   ? 3.103   -4.520  -10.515 1.00 36.53 ? 401 ACO A O6A 1 
HETATM 1392 C CBP . ACO B 2 .   ? 4.484   -2.751  -9.591  1.00 31.07 ? 401 ACO A CBP 1 
HETATM 1393 C CCP . ACO B 2 .   ? 3.406   -3.137  -10.653 1.00 32.35 ? 401 ACO A CCP 1 
HETATM 1394 C CDP . ACO B 2 .   ? 4.903   -1.244  -9.690  1.00 30.16 ? 401 ACO A CDP 1 
HETATM 1395 C CEP . ACO B 2 .   ? 3.752   -3.018  -8.250  1.00 30.31 ? 401 ACO A CEP 1 
HETATM 1396 C CAP . ACO B 2 .   ? 5.765   -3.672  -9.851  1.00 29.88 ? 401 ACO A CAP 1 
HETATM 1397 O OAP . ACO B 2 .   ? 6.372   -3.351  -11.133 1.00 33.27 ? 401 ACO A OAP 1 
HETATM 1398 C C9P . ACO B 2 .   ? 6.854   -3.518  -8.790  1.00 30.42 ? 401 ACO A C9P 1 
HETATM 1399 O O9P . ACO B 2 .   ? 6.853   -4.280  -7.665  1.00 30.12 ? 401 ACO A O9P 1 
HETATM 1400 N N8P . ACO B 2 .   ? 7.758   -2.600  -9.065  1.00 31.87 ? 401 ACO A N8P 1 
HETATM 1401 C C7P . ACO B 2 .   ? 8.911   -2.261  -8.229  1.00 30.89 ? 401 ACO A C7P 1 
HETATM 1402 C C6P . ACO B 2 .   ? 8.422   -1.715  -6.891  1.00 30.82 ? 401 ACO A C6P 1 
HETATM 1403 C C5P . ACO B 2 .   ? 7.830   -0.335  -7.045  1.00 33.12 ? 401 ACO A C5P 1 
HETATM 1404 O O5P . ACO B 2 .   ? 8.198   0.499   -7.962  1.00 31.77 ? 401 ACO A O5P 1 
HETATM 1405 N N4P . ACO B 2 .   ? 6.908   -0.071  -6.138  1.00 30.39 ? 401 ACO A N4P 1 
HETATM 1406 C C3P . ACO B 2 .   ? 6.129   1.231   -6.007  1.00 31.52 ? 401 ACO A C3P 1 
HETATM 1407 C C2P . ACO B 2 .   ? 7.087   2.222   -5.347  1.00 32.05 ? 401 ACO A C2P 1 
HETATM 1408 S S1P . ACO B 2 .   ? 6.250   3.624   -4.492  1.00 34.46 ? 401 ACO A S1P 1 
HETATM 1409 C C   . ACO B 2 .   ? 5.409   2.934   -3.046  1.00 32.90 ? 401 ACO A C   1 
HETATM 1410 O O   . ACO B 2 .   ? 6.037   1.965   -2.693  1.00 30.73 ? 401 ACO A O   1 
HETATM 1411 C CH3 . ACO B 2 .   ? 4.999   3.798   -2.194  1.00 31.45 ? 401 ACO A CH3 1 
HETATM 1412 O O   . HOH C 3 .   ? 1.905   -4.418  8.164   1.00 23.39 ? 501 HOH A O   1 
HETATM 1413 O O   . HOH C 3 .   ? 15.547  -12.978 6.615   1.00 33.69 ? 502 HOH A O   1 
HETATM 1414 O O   . HOH C 3 .   ? 6.254   17.172  9.009   1.00 41.40 ? 503 HOH A O   1 
HETATM 1415 O O   . HOH C 3 .   ? 4.203   6.865   1.158   1.00 25.56 ? 504 HOH A O   1 
HETATM 1416 O O   . HOH C 3 .   ? 5.770   6.080   4.905   1.00 38.24 ? 505 HOH A O   1 
HETATM 1417 O O   . HOH C 3 .   ? 1.812   -9.189  -12.264 1.00 24.10 ? 506 HOH A O   1 
HETATM 1418 O O   . HOH C 3 .   ? -9.125  -10.677 -8.760  1.00 40.33 ? 507 HOH A O   1 
HETATM 1419 O O   . HOH C 3 .   ? -12.417 5.699   8.405   1.00 30.67 ? 508 HOH A O   1 
HETATM 1420 O O   . HOH C 3 .   ? -1.997  -6.488  11.932  1.00 41.22 ? 509 HOH A O   1 
HETATM 1421 O O   . HOH C 3 .   ? -19.355 3.131   0.591   1.00 32.47 ? 510 HOH A O   1 
HETATM 1422 O O   . HOH C 3 .   ? -21.971 -0.429  -8.781  1.00 34.18 ? 511 HOH A O   1 
HETATM 1423 O O   . HOH C 3 .   ? 8.489   -17.972 12.661  1.00 46.58 ? 512 HOH A O   1 
HETATM 1424 O O   . HOH C 3 .   ? -2.061  14.888  -12.189 1.00 42.63 ? 513 HOH A O   1 
HETATM 1425 O O   . HOH C 3 .   ? 6.419   7.926   9.100   1.00 45.40 ? 514 HOH A O   1 
HETATM 1426 O O   . HOH C 3 .   ? 1.191   -19.971 13.380  1.00 34.41 ? 515 HOH A O   1 
HETATM 1427 O O   . HOH C 3 .   ? 7.051   5.830   0.315   1.00 47.91 ? 516 HOH A O   1 
HETATM 1428 O O   . HOH C 3 .   ? 10.042  -17.787 3.572   1.00 35.08 ? 517 HOH A O   1 
HETATM 1429 O O   . HOH C 3 .   ? 1.465   -16.339 -11.514 1.00 32.31 ? 519 HOH A O   1 
HETATM 1430 O O   . HOH C 3 .   ? 9.753   -13.097 -0.188  1.00 34.99 ? 520 HOH A O   1 
HETATM 1431 O O   . HOH C 3 .   ? 15.260  -7.773  8.227   1.00 33.28 ? 521 HOH A O   1 
HETATM 1432 O O   . HOH C 3 .   ? 2.206   -4.936  11.782  1.00 30.60 ? 522 HOH A O   1 
HETATM 1433 O O   . HOH C 3 .   ? -6.685  0.309   -9.300  1.00 31.26 ? 523 HOH A O   1 
HETATM 1434 O O   . HOH C 3 .   ? 3.924   6.645   9.829   1.00 39.08 ? 524 HOH A O   1 
HETATM 1435 O O   . HOH C 3 .   ? -16.426 13.134  7.522   1.00 48.79 ? 525 HOH A O   1 
HETATM 1436 O O   . HOH C 3 .   ? 12.375  -2.205  -8.539  1.00 42.67 ? 526 HOH A O   1 
HETATM 1437 O O   . HOH C 3 .   ? -10.892 -6.131  -1.179  1.00 31.77 ? 527 HOH A O   1 
HETATM 1438 O O   . HOH C 3 .   ? 3.776   5.421   7.378   1.00 38.07 ? 528 HOH A O   1 
HETATM 1439 O O   . HOH C 3 .   ? 7.813   -14.887 -0.824  1.00 42.27 ? 529 HOH A O   1 
HETATM 1440 O O   . HOH C 3 .   ? 5.960   -16.711 0.826   1.00 37.67 ? 530 HOH A O   1 
HETATM 1441 O O   . HOH C 3 .   ? 15.890  -2.321  0.661   1.00 35.97 ? 531 HOH A O   1 
HETATM 1442 O O   . HOH C 3 .   ? -3.818  1.100   9.583   1.00 33.53 ? 532 HOH A O   1 
HETATM 1443 O O   . HOH C 3 .   ? -5.962  0.650   -13.266 1.00 39.37 ? 533 HOH A O   1 
HETATM 1444 O O   . HOH C 3 .   ? -8.244  -3.205  7.707   1.00 33.35 ? 534 HOH A O   1 
HETATM 1445 O O   . HOH C 3 .   ? -13.783 15.021  3.206   1.00 55.90 ? 535 HOH A O   1 
HETATM 1446 O O   . HOH C 3 .   ? -2.023  -5.143  -17.410 1.00 57.36 ? 536 HOH A O   1 
HETATM 1447 O O   . HOH C 3 .   ? -9.666  2.164   -9.838  1.00 47.60 ? 537 HOH A O   1 
HETATM 1448 O O   . HOH C 3 .   ? -8.105  -9.606  13.178  1.00 61.02 ? 538 HOH A O   1 
HETATM 1449 O O   . HOH C 3 .   ? 0.558   -9.050  -19.432 1.00 36.04 ? 539 HOH A O   1 
HETATM 1450 O O   . HOH C 3 .   ? 12.773  3.847   -2.729  1.00 36.06 ? 540 HOH A O   1 
HETATM 1451 O O   . HOH C 3 .   ? -9.567  11.505  16.934  1.00 41.27 ? 541 HOH A O   1 
HETATM 1452 O O   . HOH C 3 .   ? 15.206  -12.405 0.181   1.00 49.65 ? 542 HOH A O   1 
HETATM 1453 O O   . HOH C 3 .   ? 11.801  -9.459  -6.238  1.00 41.08 ? 543 HOH A O   1 
HETATM 1454 O O   . HOH C 3 .   ? -5.623  9.229   13.354  1.00 39.48 ? 544 HOH A O   1 
HETATM 1455 O O   . HOH C 3 .   ? -26.139 10.331  -0.277  1.00 40.95 ? 545 HOH A O   1 
HETATM 1456 O O   . HOH C 3 .   ? -15.759 -1.526  -4.583  1.00 36.38 ? 546 HOH A O   1 
HETATM 1457 O O   . HOH C 3 .   ? -2.922  -7.237  15.548  1.00 48.93 ? 547 HOH A O   1 
HETATM 1458 O O   . HOH C 3 .   ? -6.235  15.320  -12.321 1.00 50.80 ? 548 HOH A O   1 
HETATM 1459 O O   . HOH C 3 .   ? -16.856 4.472   1.541   1.00 38.73 ? 549 HOH A O   1 
HETATM 1460 O O   . HOH C 3 .   ? 19.293  -1.845  3.402   1.00 44.16 ? 550 HOH A O   1 
HETATM 1461 O O   . HOH C 3 .   ? -4.984  -6.759  -13.949 1.00 35.46 ? 551 HOH A O   1 
HETATM 1462 O O   . HOH C 3 .   ? -2.714  5.781   12.223  1.00 32.93 ? 552 HOH A O   1 
HETATM 1463 O O   . HOH C 3 .   ? 14.266  2.037   -3.812  1.00 44.03 ? 553 HOH A O   1 
HETATM 1464 O O   . HOH C 3 .   ? 2.957   -18.695 6.870   1.00 36.16 ? 554 HOH A O   1 
HETATM 1465 O O   . HOH C 3 .   ? -4.039  9.691   -12.962 1.00 43.77 ? 555 HOH A O   1 
HETATM 1466 O O   . HOH C 3 .   ? -9.715  0.023   15.709  1.00 47.33 ? 556 HOH A O   1 
HETATM 1467 O O   . HOH C 3 .   ? -8.485  -10.508 4.720   1.00 44.83 ? 557 HOH A O   1 
HETATM 1468 O O   . HOH C 3 .   ? 1.515   6.992   7.444   1.00 33.71 ? 558 HOH A O   1 
HETATM 1469 O O   . HOH C 3 .   ? 11.667  -14.265 3.116   1.00 31.70 ? 559 HOH A O   1 
HETATM 1470 O O   . HOH C 3 .   ? -21.663 2.797   -9.224  1.00 38.09 ? 560 HOH A O   1 
HETATM 1471 O O   . HOH C 3 .   ? -3.816  -18.515 -2.659  1.00 45.31 ? 561 HOH A O   1 
HETATM 1472 O O   . HOH C 3 .   ? 5.392   -0.209  17.575  0.50 58.29 ? 562 HOH A O   1 
HETATM 1473 O O   . HOH C 3 .   ? 4.717   16.883  0.588   1.00 40.40 ? 563 HOH A O   1 
HETATM 1474 O O   . HOH C 3 .   ? -6.352  5.787   13.167  1.00 44.51 ? 564 HOH A O   1 
HETATM 1475 O O   . HOH C 3 .   ? 14.027  -2.045  12.133  1.00 35.38 ? 565 HOH A O   1 
HETATM 1476 O O   . HOH C 3 .   ? -24.471 -2.102  -8.613  1.00 37.59 ? 566 HOH A O   1 
HETATM 1477 O O   . HOH C 3 .   ? -8.162  10.573  -7.558  1.00 39.90 ? 567 HOH A O   1 
HETATM 1478 O O   . HOH C 3 .   ? -12.559 0.305   12.105  1.00 39.56 ? 568 HOH A O   1 
HETATM 1479 O O   . HOH C 3 .   ? -18.027 -1.758  -0.705  1.00 53.15 ? 569 HOH A O   1 
HETATM 1480 O O   . HOH C 3 .   ? -3.887  -10.824 -13.177 1.00 49.55 ? 570 HOH A O   1 
HETATM 1481 O O   . HOH C 3 .   ? 19.790  4.724   7.437   1.00 45.77 ? 571 HOH A O   1 
HETATM 1482 O O   . HOH C 3 .   ? 9.210   -19.292 1.007   1.00 56.09 ? 572 HOH A O   1 
HETATM 1483 O O   . HOH C 3 .   ? -10.854 12.338  4.117   1.00 44.59 ? 573 HOH A O   1 
# 
